data_7M8I
#
_entry.id   7M8I
#
_cell.length_a   140.579
_cell.length_b   208.700
_cell.length_c   124.919
_cell.angle_alpha   90.000
_cell.angle_beta   114.073
_cell.angle_gamma   90.000
#
_symmetry.space_group_name_H-M   'C 1 2 1'
#
loop_
_entity.id
_entity.type
_entity.pdbx_description
1 polymer 'Adrenodoxin, Cytochrome P450 11B2, mitochondrial fusion enzyme'
2 non-polymer 'FE2/S2 (INORGANIC) CLUSTER'
3 non-polymer 'PROTOPORPHYRIN IX CONTAINING FE'
4 non-polymer 4-[(5R)-5,6,7,8-tetrahydroimidazo[1,5-a]pyridin-5-yl]benzonitrile
5 water water
#
_entity_poly.entity_id   1
_entity_poly.type   'polypeptide(L)'
_entity_poly.pdbx_seq_one_letter_code
;MSSSEDKITVHFINRDGETLTTKGKVGDSLLDVVVENNLDIDGFGACEGTLACSTCHLIFEDHIYEKLDAITDEENDMLD
LAYGLTDRSRLGCQICLTKSMDNMTVRVPETVADARQSIDVGKTSAAKKTSSAPRTVLPFEAMPQHPGNRWLRLLQIWRE
QGYEHLHLEMHQTFQELGPIFRYNLGGPRMVCVMLPEDVEKLQQVDSLHPCRMILEPWVAYRQHRGHKCGVFLLNGPEWR
FNRLRLNPDVLSPKAVQRFLPMVDAVARDFSQALKKKVLQNARGSLTLDVQPSIFHYTIEASNLALFGERLGLVGHSPSS
ASLNFLHALEVMFKSTVQLMFMPRSLSRWISPKVWKEHFEAWDCIFQYGDNCIQKIYQELAFNRPQHYTGIVAELLLKAE
LSLEAIKANSMELTAGSVDTTAFPLLMTLFELARNPDVQQILRQESLAAAASISEHPQKATTELPLLRAALKETLRLYPV
GLFLERVVSSDLVLQNYHIPAGTLVQVFLYSLGRNAALFPRPERYNPQRWLDIRGSGRNFHHVPFGFGMRQCLGRRLAEA
EMLLLLHHVLKHFLVETLTQEDIKMVYSFILRPGTSPLLTFRAINHHHH
;
_entity_poly.pdbx_strand_id   A,B,C
#
loop_
_chem_comp.id
_chem_comp.type
_chem_comp.name
_chem_comp.formula
0T3 non-polymer 4-[(5R)-5,6,7,8-tetrahydroimidazo[1,5-a]pyridin-5-yl]benzonitrile 'C14 H13 N3'
FES non-polymer 'FE2/S2 (INORGANIC) CLUSTER' 'Fe2 S2'
HEM non-polymer 'PROTOPORPHYRIN IX CONTAINING FE' 'C34 H32 Fe N4 O4'
#
# COMPACT_ATOMS: atom_id res chain seq x y z
N LYS A 7 -7.02 -2.80 66.60
CA LYS A 7 -5.63 -2.99 66.19
C LYS A 7 -5.10 -4.36 66.62
N ILE A 8 -4.05 -4.80 65.96
CA ILE A 8 -3.49 -6.11 66.14
C ILE A 8 -2.01 -6.03 66.42
N THR A 9 -1.50 -6.87 67.29
CA THR A 9 -0.07 -6.92 67.60
C THR A 9 0.59 -8.01 66.77
N VAL A 10 1.74 -7.68 66.17
CA VAL A 10 2.46 -8.63 65.35
C VAL A 10 3.94 -8.54 65.71
N HIS A 11 4.56 -9.69 65.97
CA HIS A 11 5.96 -9.76 66.33
C HIS A 11 6.78 -10.15 65.11
N PHE A 12 7.85 -9.39 64.83
CA PHE A 12 8.73 -9.63 63.70
C PHE A 12 10.08 -10.07 64.22
N ILE A 13 10.53 -11.24 63.79
CA ILE A 13 11.88 -11.72 64.09
C ILE A 13 12.80 -11.23 62.99
N ASN A 14 13.76 -10.37 63.34
CA ASN A 14 14.69 -9.82 62.38
C ASN A 14 15.83 -10.78 62.06
N ARG A 15 16.66 -10.39 61.12
CA ARG A 15 17.81 -11.20 60.71
C ARG A 15 18.82 -11.35 61.83
N ASP A 16 18.96 -10.33 62.68
CA ASP A 16 19.89 -10.37 63.80
C ASP A 16 19.38 -11.23 64.94
N GLY A 17 18.12 -11.67 64.89
CA GLY A 17 17.56 -12.57 65.87
C GLY A 17 16.59 -11.94 66.84
N GLU A 18 16.42 -10.62 66.80
CA GLU A 18 15.66 -9.90 67.81
C GLU A 18 14.20 -9.80 67.41
N THR A 19 13.32 -9.94 68.41
CA THR A 19 11.88 -9.89 68.19
C THR A 19 11.40 -8.45 68.34
N LEU A 20 11.06 -7.82 67.23
CA LEU A 20 10.40 -6.53 67.25
C LEU A 20 8.89 -6.74 67.33
N THR A 21 8.24 -5.92 68.15
CA THR A 21 6.80 -5.95 68.30
C THR A 21 6.24 -4.59 67.92
N THR A 22 5.21 -4.58 67.07
CA THR A 22 4.45 -3.37 66.78
C THR A 22 3.01 -3.75 66.50
N LYS A 23 2.20 -2.75 66.16
CA LYS A 23 0.78 -2.97 65.90
C LYS A 23 0.37 -2.39 64.56
N GLY A 24 -0.63 -3.02 63.96
CA GLY A 24 -1.27 -2.50 62.77
C GLY A 24 -2.77 -2.68 62.86
N LYS A 25 -3.48 -2.01 61.95
CA LYS A 25 -4.93 -2.06 61.92
C LYS A 25 -5.38 -3.18 61.00
N VAL A 26 -6.54 -3.74 61.29
CA VAL A 26 -6.98 -4.87 60.47
C VAL A 26 -7.32 -4.39 59.08
N GLY A 27 -6.96 -5.20 58.09
CA GLY A 27 -7.05 -4.80 56.71
C GLY A 27 -5.81 -4.12 56.17
N ASP A 28 -4.74 -4.06 56.97
CA ASP A 28 -3.48 -3.47 56.57
C ASP A 28 -2.56 -4.55 56.03
N SER A 29 -1.78 -4.21 55.01
CA SER A 29 -0.73 -5.09 54.55
C SER A 29 0.44 -5.03 55.53
N LEU A 30 1.10 -6.17 55.75
CA LEU A 30 2.24 -6.12 56.65
C LEU A 30 3.40 -5.33 56.08
N LEU A 31 3.34 -4.95 54.80
CA LEU A 31 4.23 -3.91 54.30
C LEU A 31 3.86 -2.57 54.93
N ASP A 32 2.56 -2.28 55.03
CA ASP A 32 2.12 -1.08 55.73
C ASP A 32 2.60 -1.07 57.17
N VAL A 33 2.48 -2.22 57.85
CA VAL A 33 2.87 -2.31 59.25
C VAL A 33 4.36 -2.04 59.43
N VAL A 34 5.18 -2.38 58.42
CA VAL A 34 6.62 -2.23 58.58
C VAL A 34 7.07 -0.81 58.27
N VAL A 35 6.51 -0.19 57.23
CA VAL A 35 7.00 1.14 56.87
C VAL A 35 6.32 2.23 57.70
N GLU A 36 5.08 2.02 58.14
CA GLU A 36 4.41 3.00 58.97
C GLU A 36 4.90 2.99 60.42
N ASN A 37 5.81 2.08 60.79
CA ASN A 37 6.40 2.05 62.13
C ASN A 37 7.92 2.15 62.07
N ASN A 38 8.49 2.43 60.91
CA ASN A 38 9.94 2.58 60.71
C ASN A 38 10.72 1.49 61.42
N LEU A 39 10.29 0.24 61.25
CA LEU A 39 11.06 -0.83 61.87
C LEU A 39 12.37 -1.05 61.13
N ASP A 40 13.35 -1.57 61.86
CA ASP A 40 14.69 -1.71 61.32
C ASP A 40 14.88 -3.12 60.74
N ILE A 41 14.18 -3.32 59.62
CA ILE A 41 14.38 -4.44 58.72
C ILE A 41 14.97 -3.87 57.45
N ASP A 42 16.29 -3.88 57.32
CA ASP A 42 16.90 -3.17 56.21
C ASP A 42 16.35 -3.69 54.88
N GLY A 43 16.08 -2.77 53.97
CA GLY A 43 15.72 -3.11 52.61
C GLY A 43 14.32 -3.65 52.39
N PHE A 44 13.44 -3.51 53.38
CA PHE A 44 12.13 -4.16 53.34
C PHE A 44 11.13 -3.27 52.61
N GLY A 45 10.54 -3.80 51.54
CA GLY A 45 9.53 -3.07 50.80
C GLY A 45 10.05 -2.19 49.69
N ALA A 46 11.13 -2.61 49.02
CA ALA A 46 11.81 -1.75 48.06
C ALA A 46 10.84 -1.12 47.07
N CYS A 47 10.01 -1.93 46.44
CA CYS A 47 9.12 -1.38 45.40
C CYS A 47 7.75 -0.89 45.85
N GLU A 48 7.57 -0.65 47.17
CA GLU A 48 6.40 0.06 47.67
C GLU A 48 5.11 -0.62 47.25
N GLY A 49 5.11 -1.95 47.19
CA GLY A 49 3.89 -2.72 46.98
C GLY A 49 3.36 -2.73 45.56
N THR A 50 4.19 -3.15 44.61
CA THR A 50 3.76 -3.35 43.22
C THR A 50 4.27 -4.68 42.66
N LEU A 51 4.51 -5.64 43.54
CA LEU A 51 5.07 -6.96 43.18
C LEU A 51 6.17 -6.87 42.13
N ALA A 52 7.15 -6.00 42.39
CA ALA A 52 8.33 -5.85 41.53
C ALA A 52 9.62 -6.04 42.31
N CYS A 53 9.62 -6.77 43.39
CA CYS A 53 10.85 -7.11 44.18
C CYS A 53 10.52 -8.24 45.14
N SER A 54 11.43 -8.77 45.92
CA SER A 54 11.01 -9.82 46.85
C SER A 54 11.66 -9.56 48.12
N THR A 55 11.59 -8.31 48.54
CA THR A 55 12.23 -7.89 49.77
C THR A 55 11.25 -7.82 50.93
N CYS A 56 9.96 -8.01 50.68
CA CYS A 56 8.95 -8.16 51.72
C CYS A 56 8.73 -9.62 52.10
N HIS A 57 9.58 -10.52 51.61
CA HIS A 57 9.50 -11.93 51.96
C HIS A 57 9.50 -12.12 53.47
N LEU A 58 8.49 -12.87 53.96
CA LEU A 58 8.32 -13.15 55.37
C LEU A 58 7.86 -14.59 55.54
N ILE A 59 8.36 -15.25 56.59
CA ILE A 59 8.03 -16.64 56.88
C ILE A 59 7.02 -16.70 58.01
N PHE A 60 5.97 -17.49 57.83
CA PHE A 60 4.82 -17.50 58.71
C PHE A 60 4.74 -18.78 59.54
N GLU A 61 4.01 -18.68 60.65
CA GLU A 61 3.70 -19.86 61.45
C GLU A 61 2.76 -20.78 60.68
N ASP A 62 2.89 -22.08 60.94
CA ASP A 62 2.13 -23.08 60.19
C ASP A 62 0.62 -22.84 60.30
N HIS A 63 0.12 -22.51 61.49
CA HIS A 63 -1.32 -22.38 61.69
C HIS A 63 -1.89 -21.10 61.09
N ILE A 64 -1.07 -20.06 60.91
CA ILE A 64 -1.52 -18.85 60.24
C ILE A 64 -1.42 -18.99 58.73
N TYR A 65 -0.28 -19.50 58.25
CA TYR A 65 -0.06 -19.65 56.81
C TYR A 65 -1.13 -20.51 56.17
N GLU A 66 -1.58 -21.54 56.87
CA GLU A 66 -2.52 -22.49 56.29
C GLU A 66 -3.82 -21.83 55.89
N LYS A 67 -4.30 -20.88 56.69
CA LYS A 67 -5.60 -20.27 56.47
C LYS A 67 -5.51 -18.94 55.73
N LEU A 68 -4.37 -18.64 55.11
CA LEU A 68 -4.26 -17.46 54.28
C LEU A 68 -4.80 -17.74 52.87
N ASP A 69 -5.04 -16.66 52.13
CA ASP A 69 -5.55 -16.79 50.77
C ASP A 69 -4.60 -17.63 49.91
N ALA A 70 -5.16 -18.20 48.83
CA ALA A 70 -4.34 -18.96 47.90
C ALA A 70 -3.33 -18.05 47.21
N ILE A 71 -2.18 -18.62 46.87
CA ILE A 71 -1.10 -17.84 46.26
C ILE A 71 -1.40 -17.63 44.78
N THR A 72 -1.31 -16.39 44.33
CA THR A 72 -1.49 -16.08 42.92
C THR A 72 -0.22 -16.45 42.14
N ASP A 73 -0.36 -16.60 40.82
CA ASP A 73 0.81 -16.81 40.00
C ASP A 73 1.74 -15.60 40.05
N GLU A 74 1.16 -14.40 40.13
CA GLU A 74 1.98 -13.19 40.18
C GLU A 74 2.87 -13.17 41.42
N GLU A 75 2.33 -13.63 42.56
CA GLU A 75 3.11 -13.70 43.79
C GLU A 75 4.09 -14.88 43.76
N ASN A 76 3.65 -16.03 43.25
CA ASN A 76 4.52 -17.20 43.21
C ASN A 76 5.72 -16.97 42.31
N ASP A 77 5.56 -16.22 41.22
CA ASP A 77 6.70 -15.94 40.34
C ASP A 77 7.70 -15.02 41.01
N MET A 78 7.19 -14.18 41.91
CA MET A 78 8.00 -13.23 42.68
C MET A 78 8.73 -13.99 43.78
N LEU A 79 8.03 -14.87 44.48
CA LEU A 79 8.59 -15.72 45.52
C LEU A 79 9.70 -16.61 44.96
N ASP A 80 9.60 -16.98 43.68
CA ASP A 80 10.63 -17.79 43.03
C ASP A 80 11.96 -17.05 42.92
N LEU A 81 11.95 -15.72 43.06
CA LEU A 81 13.16 -14.92 43.01
C LEU A 81 13.49 -14.35 44.39
N ALA A 82 13.08 -15.05 45.46
CA ALA A 82 13.27 -14.61 46.83
C ALA A 82 14.26 -15.54 47.53
N TYR A 83 15.38 -14.98 48.00
CA TYR A 83 16.39 -15.79 48.64
C TYR A 83 15.90 -16.32 49.98
N GLY A 84 16.29 -17.55 50.29
CA GLY A 84 15.87 -18.17 51.53
C GLY A 84 14.43 -18.62 51.54
N LEU A 85 13.90 -19.03 50.39
CA LEU A 85 12.49 -19.39 50.31
C LEU A 85 12.19 -20.60 51.18
N THR A 86 10.98 -20.62 51.74
CA THR A 86 10.56 -21.65 52.66
C THR A 86 9.21 -22.19 52.24
N ASP A 87 8.82 -23.33 52.82
CA ASP A 87 7.50 -23.88 52.52
C ASP A 87 6.38 -23.09 53.19
N ARG A 88 6.73 -22.11 54.03
CA ARG A 88 5.75 -21.29 54.73
C ARG A 88 5.95 -19.80 54.48
N SER A 89 6.55 -19.43 53.35
CA SER A 89 6.87 -18.03 53.10
C SER A 89 5.86 -17.40 52.16
N ARG A 90 5.54 -16.13 52.43
CA ARG A 90 4.67 -15.32 51.60
C ARG A 90 5.31 -13.95 51.44
N LEU A 91 4.69 -13.11 50.63
CA LEU A 91 5.17 -11.76 50.39
C LEU A 91 4.31 -10.77 51.16
N GLY A 92 4.94 -9.98 52.03
CA GLY A 92 4.21 -9.10 52.91
C GLY A 92 3.29 -8.13 52.19
N CYS A 93 3.65 -7.71 50.98
CA CYS A 93 2.80 -6.75 50.29
C CYS A 93 1.44 -7.33 49.97
N GLN A 94 1.33 -8.65 49.82
CA GLN A 94 0.08 -9.29 49.44
C GLN A 94 -0.71 -9.85 50.61
N ILE A 95 -0.33 -9.52 51.85
CA ILE A 95 -0.93 -10.14 53.03
C ILE A 95 -1.51 -9.04 53.91
N CYS A 96 -2.84 -8.92 53.90
CA CYS A 96 -3.54 -7.96 54.75
C CYS A 96 -3.88 -8.64 56.07
N LEU A 97 -3.63 -7.94 57.19
CA LEU A 97 -3.84 -8.40 58.52
C LEU A 97 -5.24 -8.70 58.80
N THR A 98 -5.49 -9.73 59.59
CA THR A 98 -6.79 -10.17 59.84
C THR A 98 -6.97 -10.40 61.31
N LYS A 99 -8.19 -10.51 61.75
CA LYS A 99 -8.51 -10.75 63.13
C LYS A 99 -7.74 -11.85 63.85
N SER A 100 -7.46 -12.97 63.21
CA SER A 100 -6.75 -14.06 63.81
C SER A 100 -5.27 -13.96 63.88
N MET A 101 -4.68 -12.86 63.45
CA MET A 101 -3.28 -12.71 63.52
C MET A 101 -2.81 -11.92 64.73
N ASP A 102 -3.64 -11.69 65.70
CA ASP A 102 -3.20 -11.03 66.93
C ASP A 102 -2.07 -11.83 67.56
N ASN A 103 -0.93 -11.16 67.79
CA ASN A 103 0.24 -11.77 68.41
C ASN A 103 0.78 -12.91 67.54
N MET A 104 0.59 -12.77 66.24
CA MET A 104 1.27 -13.55 65.23
C MET A 104 2.77 -13.31 65.31
N THR A 105 3.54 -14.32 64.93
CA THR A 105 4.99 -14.18 64.83
C THR A 105 5.40 -14.53 63.40
N VAL A 106 5.76 -13.51 62.63
CA VAL A 106 6.39 -13.70 61.35
C VAL A 106 7.89 -13.59 61.54
N ARG A 107 8.64 -13.88 60.48
CA ARG A 107 10.08 -14.01 60.60
C ARG A 107 10.67 -13.81 59.22
N VAL A 108 11.78 -13.09 59.15
CA VAL A 108 12.36 -12.72 57.87
C VAL A 108 13.63 -13.51 57.66
N PRO A 109 13.91 -13.95 56.44
CA PRO A 109 15.08 -14.79 56.29
C PRO A 109 16.43 -14.18 56.40
N GLU A 110 17.45 -15.03 56.59
CA GLU A 110 18.83 -14.64 56.70
C GLU A 110 19.64 -14.92 55.44
N THR A 111 19.74 -16.17 54.99
CA THR A 111 20.46 -16.45 53.73
C THR A 111 19.83 -17.55 52.88
N VAL A 137 37.34 -21.32 51.06
CA VAL A 137 37.17 -20.25 50.08
C VAL A 137 38.48 -19.83 49.45
N LEU A 138 38.58 -20.03 48.15
CA LEU A 138 39.79 -19.72 47.40
C LEU A 138 39.75 -18.28 46.90
N PRO A 139 40.91 -17.68 46.65
CA PRO A 139 40.93 -16.29 46.18
C PRO A 139 40.32 -16.17 44.79
N PHE A 140 40.16 -14.92 44.37
CA PHE A 140 39.52 -14.67 43.09
C PHE A 140 40.33 -15.22 41.92
N GLU A 141 41.64 -15.15 42.00
CA GLU A 141 42.51 -15.50 40.89
C GLU A 141 42.71 -16.96 40.65
N ALA A 142 42.30 -17.76 41.58
CA ALA A 142 42.38 -19.21 41.43
C ALA A 142 41.18 -19.81 40.71
N MET A 143 40.40 -19.00 40.03
CA MET A 143 39.21 -19.42 39.30
C MET A 143 39.59 -19.75 37.86
N PRO A 144 38.93 -20.72 37.24
CA PRO A 144 39.24 -21.04 35.84
C PRO A 144 39.19 -19.82 34.94
N GLN A 145 40.09 -19.78 33.96
CA GLN A 145 40.19 -18.65 33.09
C GLN A 145 39.76 -19.01 31.67
N HIS A 146 39.20 -18.03 30.97
CA HIS A 146 38.81 -18.18 29.58
C HIS A 146 40.07 -18.12 28.71
N PRO A 147 40.45 -19.22 28.03
CA PRO A 147 41.62 -19.16 27.16
C PRO A 147 41.70 -17.94 26.26
N GLY A 148 40.55 -17.46 25.79
CA GLY A 148 40.54 -16.48 24.73
C GLY A 148 41.14 -15.15 25.12
N ASN A 149 41.46 -14.36 24.10
CA ASN A 149 42.12 -13.08 24.25
C ASN A 149 41.21 -11.95 23.81
N ARG A 150 41.12 -10.91 24.65
CA ARG A 150 40.22 -9.78 24.41
C ARG A 150 40.39 -9.20 23.01
N TRP A 151 41.64 -9.09 22.55
CA TRP A 151 41.91 -8.36 21.31
C TRP A 151 41.67 -9.22 20.08
N LEU A 152 42.04 -10.51 20.15
CA LEU A 152 41.75 -11.41 19.05
C LEU A 152 40.26 -11.45 18.76
N ARG A 153 39.46 -11.46 19.81
CA ARG A 153 38.06 -11.49 19.63
C ARG A 153 37.59 -10.16 19.13
N LEU A 154 38.08 -9.09 19.69
CA LEU A 154 37.76 -7.72 19.26
C LEU A 154 37.96 -7.59 17.76
N LEU A 155 39.05 -8.15 17.21
CA LEU A 155 39.32 -8.00 15.78
C LEU A 155 38.52 -8.95 14.92
N GLN A 156 38.21 -10.14 15.46
CA GLN A 156 37.23 -11.01 14.82
C GLN A 156 35.96 -10.23 14.48
N ILE A 157 35.43 -9.53 15.48
CA ILE A 157 34.22 -8.74 15.27
C ILE A 157 34.47 -7.64 14.27
N TRP A 158 35.70 -7.09 14.24
CA TRP A 158 36.00 -6.03 13.29
C TRP A 158 35.68 -6.44 11.86
N ARG A 159 35.86 -7.72 11.52
CA ARG A 159 35.64 -8.14 10.14
C ARG A 159 34.34 -8.90 9.94
N GLU A 160 34.02 -9.86 10.81
CA GLU A 160 32.76 -10.58 10.66
C GLU A 160 31.55 -9.70 10.96
N GLN A 161 31.78 -8.45 11.34
CA GLN A 161 30.72 -7.48 11.60
C GLN A 161 29.73 -7.97 12.63
N GLY A 162 30.10 -8.98 13.40
CA GLY A 162 29.21 -9.54 14.40
C GLY A 162 29.87 -10.76 15.00
N TYR A 163 29.21 -11.34 15.99
CA TYR A 163 29.73 -12.58 16.57
C TYR A 163 28.54 -13.51 16.86
N GLU A 164 27.80 -13.83 15.79
CA GLU A 164 26.56 -14.58 15.85
C GLU A 164 26.65 -15.88 16.64
N HIS A 165 27.86 -16.38 16.89
CA HIS A 165 28.04 -17.70 17.45
C HIS A 165 28.39 -17.67 18.93
N LEU A 166 28.41 -16.49 19.56
CA LEU A 166 29.02 -16.36 20.87
C LEU A 166 28.35 -17.29 21.89
N HIS A 167 27.02 -17.41 21.82
CA HIS A 167 26.33 -18.25 22.81
C HIS A 167 26.82 -19.68 22.75
N LEU A 168 27.23 -20.17 21.56
CA LEU A 168 27.77 -21.52 21.48
C LEU A 168 29.17 -21.59 22.05
N GLU A 169 29.96 -20.52 21.93
CA GLU A 169 31.28 -20.49 22.55
C GLU A 169 31.17 -20.65 24.06
N MET A 170 30.27 -19.87 24.67
CA MET A 170 30.18 -19.85 26.13
C MET A 170 29.62 -21.16 26.67
N HIS A 171 28.71 -21.80 25.94
CA HIS A 171 28.25 -23.12 26.36
C HIS A 171 29.41 -24.10 26.38
N GLN A 172 30.24 -24.10 25.34
CA GLN A 172 31.42 -24.96 25.33
C GLN A 172 32.34 -24.65 26.50
N THR A 173 32.47 -23.37 26.85
CA THR A 173 33.35 -22.98 27.95
C THR A 173 32.87 -23.60 29.26
N PHE A 174 31.61 -23.31 29.63
CA PHE A 174 31.05 -23.87 30.86
C PHE A 174 31.18 -25.38 30.90
N GLN A 175 31.03 -26.04 29.76
CA GLN A 175 31.11 -27.49 29.69
C GLN A 175 32.55 -27.99 29.73
N GLU A 176 33.53 -27.08 29.83
CA GLU A 176 34.94 -27.43 29.96
C GLU A 176 35.52 -26.92 31.27
N LEU A 177 35.23 -25.67 31.66
CA LEU A 177 35.80 -25.08 32.85
C LEU A 177 34.97 -25.34 34.09
N GLY A 178 33.69 -25.64 33.95
CA GLY A 178 32.82 -25.82 35.08
C GLY A 178 31.80 -24.71 35.18
N PRO A 179 30.99 -24.73 36.24
CA PRO A 179 29.89 -23.74 36.33
C PRO A 179 30.34 -22.34 36.71
N ILE A 180 31.62 -22.01 36.52
CA ILE A 180 32.12 -20.69 36.87
C ILE A 180 33.51 -20.48 36.26
N PHE A 181 33.72 -19.30 35.70
CA PHE A 181 35.01 -18.91 35.12
C PHE A 181 35.07 -17.40 35.06
N ARG A 182 36.27 -16.88 34.84
CA ARG A 182 36.48 -15.45 34.65
C ARG A 182 37.09 -15.18 33.29
N TYR A 183 36.95 -13.96 32.83
CA TYR A 183 37.44 -13.57 31.55
C TYR A 183 38.53 -12.56 31.77
N ASN A 184 39.74 -12.83 31.32
CA ASN A 184 40.85 -11.93 31.48
C ASN A 184 40.60 -10.72 30.68
N LEU A 185 40.50 -9.55 31.32
CA LEU A 185 40.25 -8.32 30.58
C LEU A 185 41.44 -7.37 30.70
N PRO A 188 40.29 -5.20 34.64
CA PRO A 188 38.99 -5.30 35.26
C PRO A 188 38.65 -6.73 35.46
N ARG A 189 37.74 -6.97 36.35
CA ARG A 189 37.36 -8.29 36.73
C ARG A 189 36.01 -8.66 36.21
N MET A 190 35.85 -9.84 35.69
CA MET A 190 34.53 -10.24 35.20
C MET A 190 34.42 -11.76 35.23
N VAL A 191 33.33 -12.24 35.83
CA VAL A 191 33.10 -13.65 36.06
C VAL A 191 31.74 -14.01 35.47
N CYS A 192 31.66 -15.18 34.84
CA CYS A 192 30.43 -15.67 34.24
C CYS A 192 29.98 -16.92 34.99
N VAL A 193 28.73 -16.90 35.46
CA VAL A 193 28.16 -18.00 36.24
C VAL A 193 26.99 -18.60 35.49
N MET A 194 26.42 -19.69 35.96
CA MET A 194 25.26 -20.26 35.29
C MET A 194 24.31 -21.06 36.13
N LEU A 195 24.28 -20.86 37.42
CA LEU A 195 23.42 -21.68 38.26
C LEU A 195 22.48 -20.85 39.12
N PRO A 196 21.30 -21.41 39.50
CA PRO A 196 20.37 -20.75 40.43
C PRO A 196 21.00 -20.41 41.73
N GLU A 197 21.83 -21.34 42.24
CA GLU A 197 22.58 -21.07 43.47
C GLU A 197 23.15 -19.65 43.41
N ASP A 198 23.84 -19.36 42.31
CA ASP A 198 24.59 -18.13 42.17
C ASP A 198 23.66 -16.93 41.99
N VAL A 199 22.54 -17.11 41.28
CA VAL A 199 21.60 -16.01 41.11
C VAL A 199 20.93 -15.66 42.44
N GLU A 200 20.77 -16.62 43.30
CA GLU A 200 20.19 -16.35 44.59
C GLU A 200 21.09 -15.50 45.42
N LYS A 201 22.35 -15.82 45.41
CA LYS A 201 23.31 -15.01 46.14
C LYS A 201 23.41 -13.61 45.56
N LEU A 202 23.42 -13.52 44.26
CA LEU A 202 23.54 -12.26 43.60
C LEU A 202 22.45 -11.29 43.93
N GLN A 203 21.30 -11.78 44.29
CA GLN A 203 20.23 -10.92 44.65
C GLN A 203 20.28 -10.47 46.07
N GLN A 204 20.96 -11.22 46.91
CA GLN A 204 21.15 -10.86 48.27
C GLN A 204 22.00 -9.66 48.29
N VAL A 205 22.91 -9.56 47.37
CA VAL A 205 23.82 -8.41 47.30
C VAL A 205 23.18 -7.21 46.62
N ASP A 206 22.03 -7.39 45.97
CA ASP A 206 21.36 -6.30 45.28
C ASP A 206 21.30 -5.07 46.18
N SER A 207 21.96 -4.00 45.76
CA SER A 207 22.04 -2.78 46.56
C SER A 207 20.72 -2.04 46.48
N LEU A 208 20.69 -0.86 47.13
CA LEU A 208 19.63 0.10 46.91
C LEU A 208 19.70 0.72 45.53
N HIS A 209 20.88 0.69 44.92
CA HIS A 209 21.10 1.20 43.56
C HIS A 209 21.83 0.12 42.77
N PRO A 210 21.14 -0.95 42.41
CA PRO A 210 21.77 -1.99 41.58
C PRO A 210 22.43 -1.35 40.36
N CYS A 211 23.59 -1.87 39.99
CA CYS A 211 24.43 -1.28 38.96
C CYS A 211 24.60 -2.31 37.85
N ARG A 212 23.85 -2.16 36.77
CA ARG A 212 24.15 -2.87 35.54
C ARG A 212 25.17 -2.05 34.75
N MET A 213 25.92 -2.73 33.89
CA MET A 213 26.97 -1.99 33.23
C MET A 213 26.40 -1.12 32.12
N ILE A 214 27.11 -0.06 31.85
CA ILE A 214 26.55 0.89 30.96
C ILE A 214 26.95 0.68 29.52
N LEU A 215 25.97 0.68 28.64
CA LEU A 215 26.14 0.52 27.19
C LEU A 215 26.48 1.90 26.63
N GLU A 216 27.73 2.14 26.30
CA GLU A 216 28.06 3.43 25.81
C GLU A 216 27.56 3.72 24.45
N PRO A 217 27.37 2.73 23.59
CA PRO A 217 26.90 3.13 22.28
C PRO A 217 25.53 3.75 22.32
N TRP A 218 24.65 3.26 23.14
CA TRP A 218 23.32 3.82 23.28
C TRP A 218 23.34 5.15 24.02
N VAL A 219 24.14 5.24 25.09
CA VAL A 219 24.19 6.46 25.87
C VAL A 219 24.84 7.58 25.07
N ALA A 220 25.87 7.24 24.29
CA ALA A 220 26.49 8.24 23.42
C ALA A 220 25.45 8.92 22.55
N TYR A 221 24.46 8.16 22.10
CA TYR A 221 23.38 8.70 21.29
C TYR A 221 22.53 9.71 22.09
N ARG A 222 22.28 9.40 23.35
CA ARG A 222 21.46 10.26 24.22
C ARG A 222 22.21 11.54 24.57
N GLN A 223 23.53 11.40 24.82
CA GLN A 223 24.34 12.58 25.12
C GLN A 223 24.41 13.52 23.92
N HIS A 224 24.48 12.95 22.72
CA HIS A 224 24.71 13.73 21.50
C HIS A 224 23.49 14.53 21.06
N ARG A 225 22.30 14.18 21.54
CA ARG A 225 21.08 14.82 21.08
C ARG A 225 20.36 15.57 22.19
N GLY A 226 20.95 15.67 23.37
CA GLY A 226 20.30 16.35 24.47
C GLY A 226 19.18 15.56 25.10
N HIS A 227 19.19 14.26 24.95
CA HIS A 227 18.14 13.39 25.45
C HIS A 227 18.52 12.83 26.81
N LYS A 228 17.50 12.56 27.62
CA LYS A 228 17.70 11.90 28.90
C LYS A 228 17.70 10.39 28.69
N CYS A 229 18.66 9.71 29.31
CA CYS A 229 18.63 8.26 29.33
C CYS A 229 17.45 7.78 30.16
N GLY A 230 16.86 6.67 29.73
CA GLY A 230 15.77 6.04 30.45
C GLY A 230 16.26 4.98 31.42
N VAL A 231 15.30 4.20 31.92
CA VAL A 231 15.60 3.23 32.97
C VAL A 231 16.65 2.22 32.52
N PHE A 232 16.57 1.80 31.25
CA PHE A 232 17.48 0.75 30.79
C PHE A 232 18.93 1.17 30.90
N LEU A 233 19.21 2.47 30.74
CA LEU A 233 20.58 2.97 30.71
C LEU A 233 20.92 3.87 31.89
N LEU A 234 20.11 3.84 32.94
CA LEU A 234 20.37 4.65 34.13
C LEU A 234 20.94 3.81 35.26
N ASN A 235 21.66 4.47 36.16
CA ASN A 235 22.13 3.87 37.39
C ASN A 235 22.06 4.91 38.49
N GLY A 236 22.07 4.43 39.73
CA GLY A 236 22.06 5.30 40.88
C GLY A 236 20.69 5.93 41.12
N PRO A 237 20.67 7.02 41.88
CA PRO A 237 19.38 7.64 42.24
C PRO A 237 18.48 7.98 41.07
N GLU A 238 19.03 8.43 39.94
CA GLU A 238 18.16 8.71 38.80
C GLU A 238 17.41 7.45 38.39
N TRP A 239 18.09 6.32 38.40
CA TRP A 239 17.40 5.06 38.16
C TRP A 239 16.24 4.88 39.13
N ARG A 240 16.56 4.82 40.43
CA ARG A 240 15.55 4.56 41.45
C ARG A 240 14.40 5.55 41.35
N PHE A 241 14.72 6.83 41.11
CA PHE A 241 13.69 7.83 40.93
C PHE A 241 12.75 7.40 39.81
N ASN A 242 13.27 7.18 38.60
CA ASN A 242 12.41 6.83 37.49
C ASN A 242 11.61 5.56 37.78
N ARG A 243 12.29 4.48 38.16
CA ARG A 243 11.64 3.19 38.28
C ARG A 243 10.42 3.25 39.19
N LEU A 244 10.52 3.97 40.31
CA LEU A 244 9.43 3.95 41.28
C LEU A 244 8.20 4.71 40.80
N ARG A 245 8.38 5.54 39.77
CA ARG A 245 7.29 6.25 39.14
C ARG A 245 6.83 5.55 37.84
N LEU A 246 7.41 4.38 37.53
CA LEU A 246 7.07 3.59 36.36
C LEU A 246 6.37 2.30 36.73
N ASN A 247 6.93 1.55 37.66
CA ASN A 247 6.31 0.31 38.10
C ASN A 247 4.81 0.44 38.33
N PRO A 248 4.29 1.49 38.96
CA PRO A 248 2.84 1.58 39.17
C PRO A 248 2.01 1.40 37.92
N ASP A 249 2.36 2.00 36.79
CA ASP A 249 1.49 1.98 35.63
C ASP A 249 1.96 1.05 34.52
N VAL A 250 3.07 0.34 34.71
CA VAL A 250 3.63 -0.50 33.65
C VAL A 250 3.70 -1.96 34.09
N LEU A 251 3.83 -2.18 35.41
CA LEU A 251 4.12 -3.48 35.95
C LEU A 251 3.15 -3.95 37.02
N SER A 252 2.44 -3.04 37.69
CA SER A 252 1.54 -3.45 38.75
C SER A 252 0.46 -4.38 38.20
N PRO A 253 0.05 -5.40 38.96
CA PRO A 253 -1.19 -6.11 38.59
C PRO A 253 -2.35 -5.17 38.33
N LYS A 254 -2.43 -4.05 39.05
CA LYS A 254 -3.51 -3.09 38.81
C LYS A 254 -3.43 -2.50 37.40
N ALA A 255 -2.21 -2.18 36.95
CA ALA A 255 -2.04 -1.66 35.60
C ALA A 255 -2.25 -2.76 34.56
N VAL A 256 -1.79 -3.98 34.87
CA VAL A 256 -1.97 -5.10 33.97
C VAL A 256 -3.45 -5.37 33.73
N GLN A 257 -4.28 -5.16 34.75
CA GLN A 257 -5.71 -5.37 34.58
C GLN A 257 -6.33 -4.28 33.73
N ARG A 258 -5.71 -3.10 33.74
CA ARG A 258 -6.20 -1.97 32.98
C ARG A 258 -5.95 -2.11 31.48
N PHE A 259 -4.81 -2.70 31.11
CA PHE A 259 -4.51 -2.87 29.69
C PHE A 259 -4.66 -4.28 29.17
N LEU A 260 -4.96 -5.27 30.01
CA LEU A 260 -5.16 -6.62 29.49
C LEU A 260 -6.32 -6.68 28.51
N PRO A 261 -7.49 -6.11 28.78
CA PRO A 261 -8.56 -6.10 27.76
C PRO A 261 -8.12 -5.54 26.42
N MET A 262 -7.18 -4.58 26.40
CA MET A 262 -6.78 -4.00 25.12
C MET A 262 -5.97 -4.98 24.29
N VAL A 263 -5.06 -5.71 24.94
CA VAL A 263 -4.30 -6.74 24.25
C VAL A 263 -5.23 -7.82 23.72
N ASP A 264 -6.24 -8.21 24.51
CA ASP A 264 -7.21 -9.19 24.06
C ASP A 264 -7.77 -8.79 22.70
N ALA A 265 -8.09 -7.51 22.50
CA ALA A 265 -8.68 -7.07 21.25
C ALA A 265 -7.72 -7.29 20.08
N VAL A 266 -6.42 -7.07 20.31
CA VAL A 266 -5.43 -7.24 19.25
C VAL A 266 -5.25 -8.71 18.91
N ALA A 267 -5.18 -9.57 19.94
CA ALA A 267 -5.00 -11.00 19.70
C ALA A 267 -6.24 -11.60 19.06
N ARG A 268 -7.43 -11.15 19.47
CA ARG A 268 -8.66 -11.58 18.81
C ARG A 268 -8.63 -11.19 17.34
N ASP A 269 -8.36 -9.91 17.06
CA ASP A 269 -8.30 -9.44 15.69
C ASP A 269 -7.25 -10.18 14.88
N PHE A 270 -6.20 -10.69 15.54
CA PHE A 270 -5.18 -11.45 14.83
C PHE A 270 -5.71 -12.81 14.39
N SER A 271 -6.42 -13.52 15.26
CA SER A 271 -6.91 -14.84 14.90
C SER A 271 -8.06 -14.75 13.90
N GLN A 272 -8.98 -13.80 14.09
CA GLN A 272 -10.07 -13.65 13.14
C GLN A 272 -9.55 -13.21 11.77
N ALA A 273 -8.46 -12.44 11.74
CA ALA A 273 -7.82 -12.11 10.47
C ALA A 273 -7.24 -13.36 9.82
N LEU A 274 -6.48 -14.15 10.60
CA LEU A 274 -5.91 -15.38 10.07
C LEU A 274 -7.00 -16.35 9.63
N LYS A 275 -8.09 -16.44 10.39
CA LYS A 275 -9.12 -17.43 10.07
C LYS A 275 -9.80 -17.07 8.75
N LYS A 276 -10.09 -15.79 8.52
CA LYS A 276 -10.71 -15.38 7.27
C LYS A 276 -9.92 -15.91 6.09
N LYS A 277 -8.61 -15.68 6.08
CA LYS A 277 -7.79 -16.11 4.95
C LYS A 277 -7.64 -17.63 4.94
N VAL A 278 -7.48 -18.25 6.11
CA VAL A 278 -7.43 -19.72 6.17
C VAL A 278 -8.67 -20.30 5.49
N LEU A 279 -9.85 -19.77 5.84
CA LEU A 279 -11.08 -20.40 5.36
C LEU A 279 -11.35 -20.15 3.89
N GLN A 280 -10.59 -19.27 3.24
CA GLN A 280 -10.73 -19.09 1.80
C GLN A 280 -10.02 -20.20 1.01
N ASN A 281 -9.10 -20.94 1.65
CA ASN A 281 -8.33 -21.96 0.98
C ASN A 281 -9.05 -23.30 1.06
N ALA A 282 -8.86 -24.12 0.02
CA ALA A 282 -9.68 -25.30 -0.17
C ALA A 282 -9.65 -26.20 1.05
N ARG A 283 -8.46 -26.46 1.55
CA ARG A 283 -8.29 -27.33 2.70
C ARG A 283 -8.23 -26.64 4.04
N GLY A 284 -8.88 -25.51 4.16
CA GLY A 284 -9.01 -24.83 5.45
C GLY A 284 -7.70 -24.67 6.18
N SER A 285 -6.64 -24.31 5.45
CA SER A 285 -5.32 -24.17 6.03
C SER A 285 -4.62 -22.98 5.40
N LEU A 286 -3.62 -22.48 6.12
CA LEU A 286 -2.71 -21.48 5.58
C LEU A 286 -1.33 -21.77 6.17
N THR A 287 -0.38 -22.19 5.34
CA THR A 287 0.99 -22.32 5.80
C THR A 287 1.79 -21.14 5.28
N LEU A 288 2.71 -20.66 6.10
CA LEU A 288 3.40 -19.42 5.81
C LEU A 288 4.56 -19.27 6.79
N ASP A 289 5.37 -18.25 6.53
CA ASP A 289 6.33 -17.73 7.50
C ASP A 289 5.60 -16.64 8.29
N VAL A 290 5.37 -16.89 9.58
CA VAL A 290 4.55 -15.97 10.36
C VAL A 290 5.35 -14.87 11.04
N GLN A 291 6.69 -14.95 11.00
CA GLN A 291 7.51 -13.93 11.66
C GLN A 291 7.04 -12.52 11.36
N PRO A 292 6.78 -12.14 10.11
CA PRO A 292 6.28 -10.77 9.88
C PRO A 292 4.98 -10.48 10.60
N SER A 293 3.98 -11.35 10.49
CA SER A 293 2.69 -11.06 11.09
C SER A 293 2.78 -10.97 12.61
N ILE A 294 3.67 -11.76 13.23
CA ILE A 294 3.84 -11.70 14.67
C ILE A 294 4.46 -10.38 15.08
N PHE A 295 5.55 -9.98 14.40
CA PHE A 295 6.20 -8.72 14.71
C PHE A 295 5.21 -7.56 14.63
N HIS A 296 4.32 -7.58 13.64
CA HIS A 296 3.34 -6.51 13.52
C HIS A 296 2.26 -6.61 14.60
N TYR A 297 2.02 -7.82 15.12
CA TYR A 297 1.13 -7.94 16.27
C TYR A 297 1.72 -7.20 17.47
N THR A 298 2.99 -7.46 17.80
CA THR A 298 3.56 -6.84 18.98
C THR A 298 3.64 -5.33 18.84
N ILE A 299 3.87 -4.82 17.62
CA ILE A 299 3.86 -3.37 17.45
C ILE A 299 2.47 -2.82 17.76
N GLU A 300 1.43 -3.56 17.37
CA GLU A 300 0.06 -3.08 17.59
C GLU A 300 -0.33 -3.19 19.05
N ALA A 301 -0.15 -4.36 19.64
CA ALA A 301 -0.48 -4.53 21.05
C ALA A 301 0.32 -3.58 21.92
N SER A 302 1.60 -3.38 21.60
CA SER A 302 2.40 -2.44 22.36
C SER A 302 1.87 -1.02 22.20
N ASN A 303 1.78 -0.55 20.96
CA ASN A 303 1.39 0.85 20.76
C ASN A 303 0.01 1.13 21.33
N LEU A 304 -0.86 0.13 21.41
CA LEU A 304 -2.17 0.36 21.98
C LEU A 304 -2.11 0.41 23.51
N ALA A 305 -1.47 -0.59 24.11
CA ALA A 305 -1.30 -0.59 25.56
C ALA A 305 -0.61 0.66 26.05
N LEU A 306 0.32 1.21 25.25
CA LEU A 306 1.12 2.34 25.69
C LEU A 306 0.43 3.67 25.41
N PHE A 307 0.15 3.91 24.13
CA PHE A 307 -0.43 5.16 23.69
C PHE A 307 -1.91 5.09 23.31
N GLY A 308 -2.63 4.07 23.69
CA GLY A 308 -4.05 3.99 23.44
C GLY A 308 -4.43 4.11 21.98
N GLU A 309 -3.45 4.08 21.07
CA GLU A 309 -3.69 4.29 19.65
C GLU A 309 -3.75 2.94 18.94
N ARG A 310 -4.64 2.86 17.96
CA ARG A 310 -4.79 1.68 17.12
C ARG A 310 -4.16 2.00 15.77
N LEU A 311 -3.05 1.33 15.45
CA LEU A 311 -2.30 1.64 14.25
C LEU A 311 -2.82 0.91 13.01
N GLY A 312 -3.64 -0.11 13.18
CA GLY A 312 -4.15 -0.84 12.03
C GLY A 312 -3.08 -1.57 11.26
N LEU A 313 -2.14 -2.20 11.95
CA LEU A 313 -1.16 -3.06 11.32
C LEU A 313 -1.54 -4.54 11.33
N VAL A 314 -2.42 -4.96 12.22
CA VAL A 314 -2.87 -6.35 12.26
C VAL A 314 -4.02 -6.51 11.29
N GLY A 315 -3.95 -7.55 10.45
CA GLY A 315 -4.95 -7.85 9.46
C GLY A 315 -4.75 -7.15 8.14
N HIS A 316 -4.03 -6.03 8.14
CA HIS A 316 -3.75 -5.24 6.96
C HIS A 316 -2.27 -5.27 6.67
N SER A 317 -1.88 -4.64 5.55
CA SER A 317 -0.51 -4.73 5.09
C SER A 317 0.41 -3.92 6.00
N PRO A 318 1.69 -4.28 6.07
CA PRO A 318 2.67 -3.42 6.75
C PRO A 318 2.66 -2.03 6.17
N SER A 319 3.09 -1.05 6.97
CA SER A 319 3.25 0.31 6.50
C SER A 319 4.74 0.62 6.33
N SER A 320 5.01 1.71 5.63
CA SER A 320 6.38 2.17 5.48
C SER A 320 7.02 2.41 6.83
N ALA A 321 6.33 3.14 7.71
CA ALA A 321 6.88 3.39 9.03
C ALA A 321 7.13 2.09 9.79
N SER A 322 6.27 1.08 9.61
CA SER A 322 6.44 -0.17 10.33
C SER A 322 7.74 -0.85 9.94
N LEU A 323 7.99 -1.00 8.63
CA LEU A 323 9.15 -1.75 8.19
C LEU A 323 10.44 -0.98 8.35
N ASN A 324 10.40 0.35 8.24
CA ASN A 324 11.58 1.15 8.55
C ASN A 324 11.95 1.03 10.02
N PHE A 325 10.94 1.04 10.90
CA PHE A 325 11.20 0.88 12.33
C PHE A 325 11.84 -0.46 12.63
N LEU A 326 11.32 -1.54 12.03
CA LEU A 326 11.88 -2.86 12.31
C LEU A 326 13.30 -2.99 11.79
N HIS A 327 13.58 -2.42 10.62
CA HIS A 327 14.93 -2.48 10.08
C HIS A 327 15.91 -1.74 11.00
N ALA A 328 15.56 -0.51 11.38
CA ALA A 328 16.43 0.28 12.25
C ALA A 328 16.75 -0.49 13.53
N LEU A 329 15.79 -1.24 14.07
CA LEU A 329 16.07 -2.06 15.23
C LEU A 329 17.13 -3.11 14.90
N GLU A 330 16.96 -3.82 13.78
CA GLU A 330 17.94 -4.83 13.39
C GLU A 330 19.33 -4.22 13.24
N VAL A 331 19.41 -3.07 12.58
CA VAL A 331 20.70 -2.42 12.38
C VAL A 331 21.29 -1.98 13.71
N MET A 332 20.47 -1.51 14.62
CA MET A 332 20.94 -1.03 15.90
C MET A 332 21.51 -2.11 16.75
N PHE A 333 20.83 -3.23 16.83
CA PHE A 333 21.40 -4.38 17.50
C PHE A 333 22.70 -4.80 16.82
N LYS A 334 22.66 -4.95 15.49
CA LYS A 334 23.84 -5.35 14.74
C LYS A 334 25.03 -4.44 15.03
N SER A 335 24.84 -3.14 14.84
CA SER A 335 25.93 -2.20 15.06
C SER A 335 26.33 -2.08 16.53
N THR A 336 25.54 -2.62 17.46
CA THR A 336 25.93 -2.55 18.87
C THR A 336 27.06 -3.53 19.17
N VAL A 337 26.97 -4.77 18.68
CA VAL A 337 27.99 -5.75 18.98
C VAL A 337 29.33 -5.36 18.36
N GLN A 338 29.30 -4.50 17.34
CA GLN A 338 30.53 -4.01 16.71
C GLN A 338 31.19 -2.89 17.51
N LEU A 339 30.51 -2.32 18.51
CA LEU A 339 31.04 -1.20 19.29
C LEU A 339 31.06 -1.45 20.79
N MET A 340 30.41 -2.53 21.26
CA MET A 340 30.28 -2.79 22.69
C MET A 340 31.61 -3.21 23.31
N PHE A 341 32.36 -4.05 22.61
CA PHE A 341 33.58 -4.63 23.14
C PHE A 341 34.79 -3.73 22.99
N MET A 342 34.68 -2.65 22.20
CA MET A 342 35.69 -1.61 22.09
C MET A 342 35.33 -0.45 23.02
N PRO A 343 36.33 0.21 23.63
CA PRO A 343 36.10 1.57 24.14
C PRO A 343 35.90 2.52 22.96
N ARG A 344 35.24 3.63 23.24
CA ARG A 344 34.99 4.67 22.29
C ARG A 344 36.27 5.25 21.77
N SER A 345 37.33 5.13 22.52
CA SER A 345 38.65 5.58 22.12
C SER A 345 39.13 4.84 20.88
N LEU A 346 38.73 3.58 20.72
CA LEU A 346 39.14 2.80 19.56
C LEU A 346 38.11 2.90 18.43
N SER A 347 36.84 2.57 18.74
CA SER A 347 35.80 2.57 17.73
C SER A 347 35.66 3.93 17.06
N ARG A 348 36.12 5.00 17.71
CA ARG A 348 36.15 6.31 17.06
C ARG A 348 36.80 6.21 15.69
N TRP A 349 38.03 5.73 15.64
CA TRP A 349 38.77 5.69 14.36
C TRP A 349 38.83 4.36 13.63
N ILE A 350 38.48 3.26 14.28
CA ILE A 350 38.49 1.98 13.57
C ILE A 350 37.23 1.81 12.74
N SER A 351 36.06 2.10 13.32
CA SER A 351 34.78 1.85 12.67
C SER A 351 33.87 3.08 12.78
N PRO A 352 34.36 4.26 12.41
CA PRO A 352 33.49 5.45 12.45
C PRO A 352 32.23 5.26 11.64
N LYS A 353 32.31 4.51 10.55
CA LYS A 353 31.14 4.25 9.73
C LYS A 353 30.05 3.57 10.56
N VAL A 354 30.42 2.59 11.38
CA VAL A 354 29.44 1.92 12.23
C VAL A 354 28.80 2.90 13.19
N TRP A 355 29.55 3.92 13.64
CA TRP A 355 28.94 4.95 14.46
C TRP A 355 27.89 5.73 13.67
N LYS A 356 28.21 6.09 12.41
CA LYS A 356 27.20 6.73 11.57
C LYS A 356 26.01 5.79 11.38
N GLU A 357 26.28 4.52 11.08
CA GLU A 357 25.22 3.53 10.94
C GLU A 357 24.40 3.43 12.23
N HIS A 358 25.09 3.38 13.38
CA HIS A 358 24.40 3.23 14.66
C HIS A 358 23.46 4.39 14.92
N PHE A 359 23.92 5.63 14.72
CA PHE A 359 23.10 6.78 15.08
C PHE A 359 21.92 6.93 14.14
N GLU A 360 22.11 6.66 12.85
CA GLU A 360 21.00 6.81 11.92
C GLU A 360 19.91 5.79 12.20
N ALA A 361 20.29 4.60 12.69
CA ALA A 361 19.29 3.69 13.23
C ALA A 361 18.51 4.37 14.35
N TRP A 362 19.23 4.82 15.38
CA TRP A 362 18.63 5.51 16.53
C TRP A 362 17.81 6.71 16.05
N ASP A 363 18.31 7.39 15.03
CA ASP A 363 17.59 8.53 14.46
C ASP A 363 16.21 8.09 13.96
N CYS A 364 16.15 6.99 13.21
CA CYS A 364 14.86 6.50 12.74
C CYS A 364 14.00 6.04 13.90
N ILE A 365 14.59 5.39 14.89
CA ILE A 365 13.84 4.90 16.04
C ILE A 365 13.21 6.07 16.78
N PHE A 366 14.03 7.06 17.16
CA PHE A 366 13.53 8.19 17.93
C PHE A 366 12.52 9.01 17.14
N GLN A 367 12.55 8.93 15.80
CA GLN A 367 11.52 9.57 15.00
C GLN A 367 10.19 8.85 15.17
N TYR A 368 10.20 7.52 15.18
CA TYR A 368 8.98 6.76 15.37
C TYR A 368 8.40 7.00 16.75
N GLY A 369 9.24 6.96 17.78
CA GLY A 369 8.72 7.08 19.13
C GLY A 369 8.31 8.50 19.45
N ASP A 370 9.12 9.49 19.06
CA ASP A 370 8.77 10.87 19.38
C ASP A 370 7.41 11.25 18.82
N ASN A 371 7.02 10.66 17.68
CA ASN A 371 5.75 11.05 17.09
C ASN A 371 4.57 10.40 17.80
N CYS A 372 4.71 9.19 18.35
CA CYS A 372 3.63 8.67 19.17
C CYS A 372 3.41 9.53 20.41
N ILE A 373 4.46 10.18 20.92
CA ILE A 373 4.29 11.00 22.12
C ILE A 373 3.84 12.42 21.79
N GLN A 374 4.40 13.06 20.76
CA GLN A 374 3.84 14.35 20.37
C GLN A 374 2.38 14.22 19.98
N LYS A 375 1.97 13.02 19.54
CA LYS A 375 0.56 12.74 19.28
C LYS A 375 -0.26 12.82 20.57
N ILE A 376 0.22 12.18 21.63
CA ILE A 376 -0.57 12.05 22.85
C ILE A 376 -0.40 13.25 23.76
N TYR A 377 0.71 13.94 23.77
CA TYR A 377 0.88 15.06 24.60
C TYR A 377 -0.06 16.14 24.16
N GLN A 378 -0.31 16.20 22.86
CA GLN A 378 -1.21 17.18 22.29
C GLN A 378 -2.65 16.85 22.65
N GLU A 379 -2.96 15.56 22.63
CA GLU A 379 -4.27 15.14 22.93
C GLU A 379 -4.61 15.47 24.35
N LEU A 380 -3.82 14.95 25.21
CA LEU A 380 -4.06 15.09 26.65
C LEU A 380 -4.08 16.55 27.09
N ALA A 381 -3.28 17.40 26.43
CA ALA A 381 -3.28 18.81 26.77
C ALA A 381 -4.69 19.39 26.71
N PHE A 382 -5.49 18.95 25.74
CA PHE A 382 -6.79 19.55 25.52
C PHE A 382 -7.94 18.82 26.20
N ASN A 383 -7.74 17.57 26.61
CA ASN A 383 -8.76 16.92 27.42
C ASN A 383 -8.16 15.73 28.15
N ARG A 384 -8.29 15.75 29.47
CA ARG A 384 -7.91 14.63 30.29
C ARG A 384 -9.09 13.65 30.35
N PRO A 385 -8.92 12.42 29.87
CA PRO A 385 -10.04 11.48 29.81
C PRO A 385 -10.34 10.86 31.18
N GLN A 386 -11.57 10.37 31.27
CA GLN A 386 -12.13 9.76 32.42
C GLN A 386 -12.06 8.26 32.44
N HIS A 387 -11.47 7.69 31.44
CA HIS A 387 -11.28 6.28 31.39
C HIS A 387 -9.84 5.96 31.03
N TYR A 388 -9.49 4.67 31.01
CA TYR A 388 -8.14 4.24 30.69
C TYR A 388 -7.78 4.48 29.22
N THR A 389 -6.66 5.16 28.94
CA THR A 389 -6.26 5.43 27.57
C THR A 389 -4.81 5.02 27.32
N GLY A 390 -4.29 4.09 28.11
CA GLY A 390 -2.96 3.56 27.91
C GLY A 390 -2.01 3.95 29.03
N ILE A 391 -0.84 3.33 28.96
CA ILE A 391 0.15 3.44 30.03
C ILE A 391 0.72 4.85 30.10
N VAL A 392 1.21 5.38 28.98
CA VAL A 392 1.90 6.65 29.06
C VAL A 392 0.90 7.75 29.45
N ALA A 393 -0.35 7.62 29.00
CA ALA A 393 -1.38 8.60 29.39
C ALA A 393 -1.36 8.78 30.90
N GLU A 394 -1.32 7.68 31.67
CA GLU A 394 -1.25 7.81 33.12
C GLU A 394 -0.03 8.60 33.55
N LEU A 395 1.17 8.15 33.14
CA LEU A 395 2.39 8.83 33.56
C LEU A 395 2.31 10.34 33.26
N LEU A 396 1.89 10.69 32.04
CA LEU A 396 1.76 12.10 31.70
C LEU A 396 0.75 12.79 32.62
N LEU A 397 -0.40 12.16 32.87
CA LEU A 397 -1.39 12.76 33.76
C LEU A 397 -0.83 12.93 35.16
N LYS A 398 -0.25 11.85 35.72
CA LYS A 398 0.34 11.96 37.05
C LYS A 398 1.37 13.08 37.10
N ALA A 399 2.22 13.17 36.08
CA ALA A 399 3.23 14.23 35.98
C ALA A 399 4.19 14.20 37.16
N GLU A 400 4.52 12.99 37.61
CA GLU A 400 5.55 12.79 38.61
C GLU A 400 6.95 12.72 38.01
N LEU A 401 7.06 12.79 36.68
CA LEU A 401 8.35 12.78 35.99
C LEU A 401 8.43 13.96 35.05
N SER A 402 9.64 14.48 34.88
CA SER A 402 9.88 15.47 33.84
C SER A 402 9.47 14.90 32.50
N LEU A 403 8.90 15.74 31.63
CA LEU A 403 8.50 15.22 30.33
C LEU A 403 9.70 14.66 29.57
N GLU A 404 10.85 15.32 29.67
CA GLU A 404 12.05 14.75 29.05
C GLU A 404 12.38 13.38 29.63
N ALA A 405 11.91 13.08 30.85
CA ALA A 405 12.08 11.76 31.45
C ALA A 405 10.96 10.80 31.08
N ILE A 406 9.78 11.30 30.76
CA ILE A 406 8.72 10.46 30.20
C ILE A 406 9.04 10.12 28.76
N LYS A 407 9.55 11.11 28.01
CA LYS A 407 9.96 10.87 26.64
C LYS A 407 10.98 9.75 26.56
N ALA A 408 11.96 9.76 27.47
CA ALA A 408 13.05 8.79 27.42
C ALA A 408 12.57 7.39 27.77
N ASN A 409 11.67 7.26 28.74
CA ASN A 409 11.17 5.93 29.08
C ASN A 409 10.14 5.48 28.05
N SER A 410 9.34 6.42 27.54
CA SER A 410 8.41 6.09 26.47
C SER A 410 9.12 5.51 25.26
N MET A 411 10.40 5.90 25.06
CA MET A 411 11.22 5.39 23.97
C MET A 411 11.71 3.98 24.28
N GLU A 412 12.24 3.90 25.38
CA GLU A 412 12.74 2.59 25.82
C GLU A 412 11.63 1.57 25.72
N LEU A 413 10.39 1.95 26.06
CA LEU A 413 9.29 0.99 26.02
C LEU A 413 8.79 0.74 24.60
N THR A 414 8.73 1.79 23.78
CA THR A 414 8.26 1.60 22.41
C THR A 414 9.22 0.75 21.60
N ALA A 415 10.52 0.80 21.93
CA ALA A 415 11.55 0.10 21.19
C ALA A 415 11.89 -1.26 21.79
N GLY A 416 11.71 -1.44 23.09
CA GLY A 416 12.00 -2.72 23.70
C GLY A 416 10.92 -3.76 23.56
N SER A 417 9.72 -3.35 23.14
CA SER A 417 8.54 -4.19 23.16
C SER A 417 8.27 -4.87 21.83
N VAL A 418 9.27 -4.97 20.95
CA VAL A 418 9.03 -5.58 19.65
C VAL A 418 9.83 -6.87 19.50
N ASP A 419 11.15 -6.76 19.35
CA ASP A 419 11.94 -7.96 19.10
C ASP A 419 11.94 -8.89 20.30
N THR A 420 12.04 -8.34 21.51
CA THR A 420 12.14 -9.21 22.69
C THR A 420 10.84 -9.98 22.94
N THR A 421 9.70 -9.43 22.51
CA THR A 421 8.42 -10.10 22.69
C THR A 421 8.09 -11.06 21.55
N ALA A 422 8.53 -10.76 20.33
CA ALA A 422 8.05 -11.51 19.17
C ALA A 422 8.86 -12.77 18.91
N PHE A 423 10.15 -12.79 19.25
CA PHE A 423 10.97 -13.96 19.00
C PHE A 423 10.55 -15.10 19.94
N PRO A 424 10.32 -14.83 21.22
CA PRO A 424 9.79 -15.89 22.10
C PRO A 424 8.45 -16.43 21.62
N LEU A 425 7.63 -15.57 21.09
CA LEU A 425 6.33 -15.92 20.59
C LEU A 425 6.34 -16.79 19.34
N LEU A 426 7.35 -16.69 18.50
CA LEU A 426 7.56 -17.58 17.37
C LEU A 426 8.03 -18.95 17.84
N MET A 427 9.08 -18.81 18.68
CA MET A 427 9.61 -20.11 19.07
C MET A 427 8.57 -20.94 19.79
N THR A 428 7.57 -20.38 20.58
CA THR A 428 6.48 -21.11 21.21
C THR A 428 5.60 -21.80 20.18
N LEU A 429 5.08 -21.03 19.22
CA LEU A 429 4.35 -21.65 18.10
C LEU A 429 5.15 -22.82 17.53
N PHE A 430 6.42 -22.58 17.25
CA PHE A 430 7.27 -23.58 16.64
C PHE A 430 7.33 -24.85 17.47
N GLU A 431 7.51 -24.71 18.79
CA GLU A 431 7.63 -25.89 19.63
C GLU A 431 6.30 -26.60 19.80
N LEU A 432 5.19 -25.85 19.73
CA LEU A 432 3.89 -26.50 19.74
C LEU A 432 3.64 -27.26 18.44
N ALA A 433 4.14 -26.76 17.32
CA ALA A 433 4.03 -27.52 16.07
C ALA A 433 4.94 -28.75 16.11
N ARG A 434 6.04 -28.66 16.86
CA ARG A 434 6.97 -29.79 17.00
C ARG A 434 6.48 -30.80 18.03
N ASN A 435 5.69 -30.36 19.01
CA ASN A 435 5.21 -31.19 20.11
C ASN A 435 3.70 -31.21 20.04
N PRO A 436 3.11 -32.06 19.20
CA PRO A 436 1.64 -32.10 19.11
C PRO A 436 1.00 -32.49 20.43
N ASP A 437 1.67 -33.32 21.23
CA ASP A 437 1.12 -33.70 22.53
C ASP A 437 0.80 -32.46 23.36
N VAL A 438 1.80 -31.60 23.55
CA VAL A 438 1.67 -30.42 24.39
C VAL A 438 0.62 -29.48 23.84
N GLN A 439 0.56 -29.34 22.52
CA GLN A 439 -0.45 -28.47 21.92
C GLN A 439 -1.84 -28.88 22.38
N GLN A 440 -2.22 -30.14 22.17
CA GLN A 440 -3.60 -30.54 22.45
C GLN A 440 -3.96 -30.35 23.91
N ILE A 441 -2.98 -30.26 24.81
CA ILE A 441 -3.29 -30.03 26.22
C ILE A 441 -3.47 -28.54 26.50
N LEU A 442 -2.64 -27.71 25.87
CA LEU A 442 -2.84 -26.27 25.98
C LEU A 442 -4.13 -25.84 25.31
N ARG A 443 -4.57 -26.59 24.29
CA ARG A 443 -5.83 -26.29 23.62
C ARG A 443 -7.02 -26.57 24.54
N GLN A 444 -7.08 -27.78 25.10
CA GLN A 444 -8.14 -28.10 26.06
C GLN A 444 -8.24 -27.01 27.12
N GLU A 445 -7.11 -26.66 27.72
CA GLU A 445 -7.10 -25.61 28.73
C GLU A 445 -7.72 -24.32 28.19
N SER A 446 -7.38 -23.95 26.96
CA SER A 446 -7.86 -22.67 26.42
C SER A 446 -9.34 -22.74 26.11
N LEU A 447 -9.76 -23.77 25.37
CA LEU A 447 -11.18 -23.95 25.10
C LEU A 447 -11.98 -23.99 26.40
N ALA A 448 -11.52 -24.79 27.36
CA ALA A 448 -12.16 -24.83 28.67
C ALA A 448 -12.37 -23.43 29.22
N ALA A 449 -11.31 -22.63 29.29
CA ALA A 449 -11.37 -21.30 29.86
C ALA A 449 -11.84 -20.24 28.87
N ALA A 450 -12.24 -20.66 27.65
CA ALA A 450 -12.53 -19.71 26.58
C ALA A 450 -13.63 -18.73 26.98
N ALA A 451 -14.82 -19.26 27.34
CA ALA A 451 -15.94 -18.39 27.65
C ALA A 451 -15.65 -17.53 28.88
N SER A 452 -14.97 -18.09 29.87
CA SER A 452 -14.60 -17.32 31.05
C SER A 452 -13.76 -16.11 30.68
N ILE A 453 -12.92 -16.24 29.66
CA ILE A 453 -11.99 -15.17 29.26
C ILE A 453 -12.63 -14.19 28.30
N SER A 454 -13.55 -14.70 27.48
CA SER A 454 -14.26 -13.86 26.52
C SER A 454 -15.15 -12.87 27.28
N GLU A 455 -15.58 -13.17 28.46
CA GLU A 455 -16.42 -12.27 29.19
C GLU A 455 -15.60 -11.32 29.93
N HIS A 456 -14.53 -11.79 30.53
CA HIS A 456 -13.63 -10.87 31.27
C HIS A 456 -12.18 -11.24 31.01
N PRO A 457 -11.53 -10.53 30.03
CA PRO A 457 -10.17 -10.91 29.65
C PRO A 457 -9.20 -11.07 30.81
N GLN A 458 -9.39 -10.34 31.91
CA GLN A 458 -8.41 -10.35 32.98
C GLN A 458 -8.14 -11.76 33.51
N LYS A 459 -9.04 -12.64 33.30
CA LYS A 459 -8.91 -13.93 33.83
C LYS A 459 -7.85 -14.78 33.19
N ALA A 460 -7.34 -14.38 32.07
CA ALA A 460 -6.26 -15.11 31.41
C ALA A 460 -5.06 -15.28 32.33
N THR A 461 -4.84 -14.32 33.23
CA THR A 461 -3.75 -14.45 34.19
C THR A 461 -3.88 -15.71 35.02
N THR A 462 -5.08 -15.93 35.47
CA THR A 462 -5.37 -16.99 36.37
C THR A 462 -5.81 -18.27 35.74
N GLU A 463 -6.54 -18.16 34.64
CA GLU A 463 -7.10 -19.36 34.00
C GLU A 463 -6.25 -20.08 32.98
N LEU A 464 -4.98 -19.71 32.83
CA LEU A 464 -4.17 -20.37 31.86
C LEU A 464 -2.87 -20.68 32.53
N PRO A 465 -2.82 -21.61 33.51
CA PRO A 465 -1.52 -21.79 34.16
C PRO A 465 -0.54 -22.58 33.29
N LEU A 466 -1.06 -23.56 32.56
CA LEU A 466 -0.19 -24.41 31.75
C LEU A 466 0.42 -23.66 30.58
N LEU A 467 -0.33 -22.73 29.98
CA LEU A 467 0.23 -21.91 28.92
C LEU A 467 1.36 -21.04 29.44
N ARG A 468 1.18 -20.45 30.62
CA ARG A 468 2.24 -19.64 31.22
C ARG A 468 3.47 -20.48 31.53
N ALA A 469 3.29 -21.77 31.83
CA ALA A 469 4.44 -22.66 31.99
C ALA A 469 5.13 -22.90 30.66
N ALA A 470 4.39 -22.82 29.55
CA ALA A 470 4.99 -23.00 28.23
C ALA A 470 5.86 -21.81 27.85
N LEU A 471 5.54 -20.61 28.34
CA LEU A 471 6.39 -19.45 28.06
C LEU A 471 7.69 -19.53 28.85
N LYS A 472 7.66 -20.15 30.03
CA LYS A 472 8.92 -20.40 30.75
C LYS A 472 9.76 -21.44 30.03
N GLU A 473 9.12 -22.38 29.35
CA GLU A 473 9.83 -23.43 28.63
C GLU A 473 10.50 -22.87 27.38
N THR A 474 9.82 -21.97 26.66
CA THR A 474 10.46 -21.36 25.49
C THR A 474 11.61 -20.45 25.92
N LEU A 475 11.40 -19.60 26.93
CA LEU A 475 12.46 -18.69 27.32
C LEU A 475 13.56 -19.43 28.09
N ARG A 476 13.28 -20.64 28.61
CA ARG A 476 14.37 -21.47 29.11
C ARG A 476 15.30 -21.88 27.97
N LEU A 477 14.72 -22.51 26.93
CA LEU A 477 15.53 -23.02 25.83
C LEU A 477 16.02 -21.89 24.93
N TYR A 478 15.21 -20.85 24.72
CA TYR A 478 15.52 -19.79 23.77
C TYR A 478 15.42 -18.43 24.46
N PRO A 479 16.35 -18.11 25.36
CA PRO A 479 16.23 -16.86 26.13
C PRO A 479 16.70 -15.64 25.36
N VAL A 480 15.78 -14.88 24.76
CA VAL A 480 16.17 -13.73 23.94
C VAL A 480 16.98 -12.74 24.76
N GLY A 481 16.77 -12.69 26.07
CA GLY A 481 17.71 -12.05 26.96
C GLY A 481 18.76 -13.06 27.38
N LEU A 482 19.99 -12.86 26.93
CA LEU A 482 21.01 -13.88 27.16
C LEU A 482 21.62 -13.77 28.54
N PHE A 483 21.98 -12.56 28.95
CA PHE A 483 22.70 -12.37 30.20
C PHE A 483 21.97 -11.42 31.13
N LEU A 484 22.12 -11.69 32.41
CA LEU A 484 21.87 -10.73 33.48
C LEU A 484 23.24 -10.27 33.96
N GLU A 485 23.40 -8.96 34.16
CA GLU A 485 24.67 -8.39 34.55
C GLU A 485 24.51 -7.58 35.83
N ARG A 486 25.49 -7.69 36.72
CA ARG A 486 25.48 -6.89 37.94
C ARG A 486 26.91 -6.52 38.31
N VAL A 487 27.19 -5.22 38.41
CA VAL A 487 28.36 -4.73 39.11
C VAL A 487 28.06 -4.81 40.60
N VAL A 488 28.79 -5.65 41.32
CA VAL A 488 28.49 -5.88 42.73
C VAL A 488 28.93 -4.67 43.54
N SER A 489 28.31 -4.46 44.69
CA SER A 489 28.63 -3.30 45.50
C SER A 489 29.41 -3.68 46.76
N SER A 490 29.81 -4.95 46.90
CA SER A 490 30.53 -5.39 48.09
C SER A 490 31.10 -6.77 47.85
N ASP A 491 32.21 -7.08 48.53
CA ASP A 491 32.77 -8.42 48.43
C ASP A 491 31.71 -9.46 48.79
N LEU A 492 31.48 -10.38 47.85
CA LEU A 492 30.62 -11.53 48.07
C LEU A 492 31.42 -12.78 47.70
N VAL A 493 30.78 -13.94 47.63
CA VAL A 493 31.45 -15.11 47.09
C VAL A 493 30.43 -16.07 46.53
N LEU A 494 30.78 -16.68 45.39
CA LEU A 494 29.95 -17.67 44.71
C LEU A 494 30.81 -18.87 44.38
N GLN A 495 30.29 -20.09 44.56
CA GLN A 495 31.02 -21.34 44.22
C GLN A 495 32.46 -21.33 44.75
N ASN A 496 32.58 -20.85 45.98
CA ASN A 496 33.84 -20.77 46.73
C ASN A 496 35.01 -19.99 46.13
N TYR A 497 34.74 -18.97 45.32
CA TYR A 497 35.82 -18.17 44.78
C TYR A 497 35.50 -16.75 45.24
N HIS A 498 36.30 -16.17 46.15
CA HIS A 498 36.07 -14.81 46.61
C HIS A 498 35.86 -13.85 45.44
N ILE A 499 34.79 -13.07 45.52
CA ILE A 499 34.46 -12.13 44.45
C ILE A 499 34.54 -10.71 45.01
N PRO A 500 35.55 -9.92 44.65
CA PRO A 500 35.69 -8.59 45.25
C PRO A 500 34.66 -7.62 44.70
N ALA A 501 34.43 -6.56 45.47
CA ALA A 501 33.48 -5.53 45.08
C ALA A 501 33.95 -4.84 43.78
N GLY A 502 32.97 -4.35 43.03
CA GLY A 502 33.26 -3.71 41.76
C GLY A 502 33.41 -4.67 40.59
N THR A 503 33.08 -5.94 40.79
CA THR A 503 33.24 -6.96 39.77
C THR A 503 31.95 -7.14 38.98
N LEU A 504 32.08 -7.39 37.69
CA LEU A 504 30.93 -7.72 36.86
C LEU A 504 30.64 -9.20 37.01
N VAL A 505 29.36 -9.55 37.22
CA VAL A 505 28.92 -10.93 37.20
C VAL A 505 27.87 -11.08 36.11
N GLN A 506 27.91 -12.18 35.40
CA GLN A 506 27.03 -12.42 34.26
C GLN A 506 26.40 -13.78 34.38
N VAL A 507 25.08 -13.84 34.16
CA VAL A 507 24.32 -15.06 34.21
C VAL A 507 24.02 -15.48 32.78
N PHE A 508 24.73 -16.51 32.32
CA PHE A 508 24.53 -17.00 30.97
C PHE A 508 23.30 -17.91 30.97
N LEU A 509 22.15 -17.35 30.57
CA LEU A 509 20.89 -18.08 30.71
C LEU A 509 20.81 -19.27 29.76
N TYR A 510 21.49 -19.22 28.62
CA TYR A 510 21.46 -20.35 27.69
C TYR A 510 21.98 -21.61 28.38
N SER A 511 23.21 -21.58 28.87
CA SER A 511 23.76 -22.74 29.57
C SER A 511 22.98 -23.03 30.85
N LEU A 512 22.42 -22.00 31.48
CA LEU A 512 21.56 -22.21 32.64
C LEU A 512 20.38 -23.11 32.29
N GLY A 513 19.68 -22.80 31.21
CA GLY A 513 18.47 -23.51 30.87
C GLY A 513 18.69 -24.95 30.45
N ARG A 514 19.92 -25.29 30.04
CA ARG A 514 20.19 -26.61 29.51
C ARG A 514 21.03 -27.46 30.45
N ASN A 515 21.09 -27.13 31.73
CA ASN A 515 21.82 -27.97 32.66
C ASN A 515 20.91 -29.12 33.08
N ALA A 516 21.21 -30.32 32.56
CA ALA A 516 20.35 -31.48 32.79
C ALA A 516 20.15 -31.78 34.27
N ALA A 517 21.02 -31.26 35.14
CA ALA A 517 20.94 -31.60 36.57
C ALA A 517 19.71 -30.96 37.21
N LEU A 518 19.37 -29.74 36.81
CA LEU A 518 18.17 -29.10 37.32
C LEU A 518 16.99 -29.30 36.39
N PHE A 519 17.24 -29.49 35.10
CA PHE A 519 16.19 -29.65 34.10
C PHE A 519 16.35 -31.01 33.46
N PRO A 520 15.76 -32.05 34.05
CA PRO A 520 15.85 -33.39 33.45
C PRO A 520 15.52 -33.38 31.97
N ARG A 521 16.37 -34.07 31.19
CA ARG A 521 16.25 -34.11 29.73
C ARG A 521 16.04 -32.68 29.23
N PRO A 522 17.10 -31.86 29.21
CA PRO A 522 16.88 -30.42 29.04
C PRO A 522 16.30 -30.03 27.69
N GLU A 523 16.70 -30.70 26.61
CA GLU A 523 16.22 -30.31 25.29
C GLU A 523 14.78 -30.75 25.03
N ARG A 524 14.13 -31.40 26.00
CA ARG A 524 12.74 -31.82 25.87
C ARG A 524 11.83 -30.65 26.25
N TYR A 525 10.84 -30.38 25.39
CA TYR A 525 9.90 -29.29 25.63
C TYR A 525 8.75 -29.83 26.48
N ASN A 526 8.72 -29.45 27.76
CA ASN A 526 7.75 -30.00 28.71
C ASN A 526 7.34 -28.93 29.72
N PRO A 527 6.25 -28.21 29.41
CA PRO A 527 5.68 -27.16 30.24
C PRO A 527 5.19 -27.56 31.56
N GLN A 528 4.88 -28.83 31.79
CA GLN A 528 4.41 -29.28 33.08
C GLN A 528 5.51 -29.24 34.09
N ARG A 529 6.75 -29.26 33.65
CA ARG A 529 7.90 -29.18 34.57
C ARG A 529 7.90 -27.98 35.55
N TRP A 530 7.28 -26.85 35.19
CA TRP A 530 7.25 -25.72 36.05
C TRP A 530 6.20 -25.82 37.10
N LEU A 531 5.34 -26.80 36.98
CA LEU A 531 4.35 -27.00 37.99
C LEU A 531 4.89 -27.99 39.00
N ASP A 532 5.76 -28.86 38.56
CA ASP A 532 6.39 -29.80 39.41
C ASP A 532 7.24 -28.94 40.28
N ILE A 533 8.07 -28.12 39.68
CA ILE A 533 8.98 -27.24 40.39
C ILE A 533 8.35 -26.36 41.39
N ARG A 534 7.16 -25.87 41.17
CA ARG A 534 6.56 -24.94 42.11
C ARG A 534 6.16 -25.47 43.43
N GLY A 535 6.02 -26.77 43.56
CA GLY A 535 5.65 -27.26 44.85
C GLY A 535 6.84 -27.15 45.76
N SER A 536 7.91 -27.84 45.40
CA SER A 536 9.15 -27.84 46.16
C SER A 536 9.75 -26.49 46.20
N GLY A 537 10.49 -26.15 47.24
CA GLY A 537 11.09 -24.85 47.35
C GLY A 537 12.41 -24.72 46.65
N ARG A 538 12.45 -24.87 45.30
CA ARG A 538 13.56 -24.71 44.48
C ARG A 538 13.43 -23.26 44.05
N ASN A 539 14.56 -22.58 44.01
CA ASN A 539 14.57 -21.18 43.79
C ASN A 539 15.29 -20.74 42.53
N PHE A 540 14.95 -19.55 42.04
CA PHE A 540 15.59 -18.97 40.90
C PHE A 540 15.73 -19.84 39.71
N HIS A 541 14.66 -20.42 39.26
CA HIS A 541 14.71 -21.29 38.12
C HIS A 541 14.21 -20.67 36.88
N HIS A 542 13.40 -19.68 37.04
CA HIS A 542 12.78 -18.93 35.95
C HIS A 542 13.25 -17.48 36.05
N VAL A 543 14.36 -17.17 35.43
CA VAL A 543 14.92 -15.89 35.50
C VAL A 543 15.28 -15.17 34.18
N PRO A 544 14.44 -15.22 33.11
CA PRO A 544 14.86 -14.44 31.96
C PRO A 544 14.56 -12.99 32.01
N PHE A 545 13.67 -12.54 32.86
CA PHE A 545 13.38 -11.12 33.02
C PHE A 545 14.27 -10.44 34.04
N GLY A 546 15.04 -11.21 34.79
CA GLY A 546 15.91 -10.68 35.81
C GLY A 546 15.44 -10.98 37.22
N PHE A 547 15.87 -10.11 38.14
CA PHE A 547 15.55 -10.26 39.55
C PHE A 547 15.73 -8.90 40.19
N GLY A 548 15.25 -8.78 41.43
CA GLY A 548 15.38 -7.48 42.08
C GLY A 548 14.48 -6.46 41.42
N MET A 549 14.79 -5.21 41.71
CA MET A 549 14.05 -4.14 41.27
C MET A 549 14.48 -3.70 39.93
N ARG A 550 15.51 -4.30 39.35
CA ARG A 550 15.81 -4.01 38.01
C ARG A 550 15.32 -5.10 37.16
N GLN A 551 14.40 -5.92 37.60
CA GLN A 551 13.87 -6.92 36.70
C GLN A 551 13.05 -6.18 35.69
N CYS A 552 12.86 -6.76 34.54
CA CYS A 552 12.27 -6.20 33.33
C CYS A 552 10.96 -5.49 33.63
N LEU A 553 10.85 -4.25 33.16
CA LEU A 553 9.65 -3.46 33.39
C LEU A 553 8.50 -3.89 32.50
N GLY A 554 8.79 -4.48 31.35
CA GLY A 554 7.80 -5.00 30.44
C GLY A 554 7.44 -6.44 30.70
N ARG A 555 7.91 -7.02 31.75
CA ARG A 555 7.64 -8.38 32.06
C ARG A 555 6.23 -8.85 31.98
N ARG A 556 5.28 -8.09 32.48
CA ARG A 556 3.88 -8.52 32.43
C ARG A 556 3.14 -7.98 31.21
N LEU A 557 3.70 -6.99 30.51
CA LEU A 557 3.15 -6.62 29.22
C LEU A 557 3.53 -7.65 28.16
N ALA A 558 4.78 -8.13 28.18
CA ALA A 558 5.18 -9.20 27.28
C ALA A 558 4.33 -10.44 27.51
N GLU A 559 4.18 -10.84 28.72
CA GLU A 559 3.40 -11.95 29.02
C GLU A 559 1.98 -11.80 28.59
N ALA A 560 1.39 -10.65 28.68
CA ALA A 560 0.04 -10.38 28.19
C ALA A 560 -0.03 -10.55 26.69
N GLU A 561 0.85 -9.85 25.95
CA GLU A 561 0.84 -9.95 24.50
C GLU A 561 0.98 -11.39 24.04
N MET A 562 1.90 -12.14 24.65
CA MET A 562 2.15 -13.51 24.22
C MET A 562 0.97 -14.42 24.59
N LEU A 563 0.53 -14.37 25.84
CA LEU A 563 -0.45 -15.33 26.33
C LEU A 563 -1.72 -15.32 25.51
N LEU A 564 -2.26 -14.15 25.23
CA LEU A 564 -3.58 -14.08 24.62
C LEU A 564 -3.53 -14.43 23.14
N LEU A 565 -2.50 -13.98 22.43
CA LEU A 565 -2.38 -14.38 21.03
C LEU A 565 -2.40 -15.90 20.92
N LEU A 566 -1.55 -16.58 21.70
CA LEU A 566 -1.51 -18.03 21.61
C LEU A 566 -2.82 -18.64 22.10
N HIS A 567 -3.42 -18.07 23.14
CA HIS A 567 -4.71 -18.57 23.59
C HIS A 567 -5.74 -18.49 22.46
N HIS A 568 -5.88 -17.31 21.85
CA HIS A 568 -6.86 -17.15 20.77
C HIS A 568 -6.51 -17.99 19.54
N VAL A 569 -5.23 -18.34 19.35
CA VAL A 569 -4.87 -19.17 18.22
C VAL A 569 -5.17 -20.65 18.48
N LEU A 570 -5.09 -21.09 19.73
CA LEU A 570 -5.28 -22.51 20.02
C LEU A 570 -6.75 -22.92 19.93
N LYS A 571 -7.66 -22.02 20.28
CA LYS A 571 -9.09 -22.35 20.26
C LYS A 571 -9.70 -22.29 18.86
N HIS A 572 -8.92 -21.89 17.85
CA HIS A 572 -9.41 -21.86 16.47
C HIS A 572 -8.57 -22.66 15.50
N PHE A 573 -7.26 -22.82 15.77
CA PHE A 573 -6.35 -23.39 14.78
C PHE A 573 -5.56 -24.57 15.34
N LEU A 574 -5.16 -25.46 14.43
CA LEU A 574 -4.13 -26.45 14.67
C LEU A 574 -2.84 -25.99 14.02
N VAL A 575 -1.72 -26.11 14.74
CA VAL A 575 -0.42 -25.66 14.26
C VAL A 575 0.47 -26.86 14.02
N GLU A 576 1.01 -26.96 12.80
CA GLU A 576 1.78 -28.11 12.38
C GLU A 576 3.00 -27.64 11.61
N THR A 577 3.92 -28.58 11.36
CA THR A 577 5.12 -28.25 10.59
C THR A 577 5.88 -29.54 10.27
N LEU A 578 6.61 -29.64 9.19
CA LEU A 578 7.46 -30.77 8.89
C LEU A 578 8.90 -30.35 9.24
N THR A 579 9.23 -29.05 9.25
CA THR A 579 10.60 -28.69 9.63
C THR A 579 10.77 -28.84 11.14
N GLN A 580 11.11 -30.05 11.59
CA GLN A 580 11.28 -30.27 13.01
C GLN A 580 12.75 -30.45 13.38
N GLU A 581 13.66 -30.15 12.46
CA GLU A 581 15.04 -29.88 12.86
C GLU A 581 15.08 -28.73 13.86
N ASP A 582 16.16 -28.67 14.63
CA ASP A 582 16.36 -27.57 15.56
C ASP A 582 16.65 -26.28 14.80
N ILE A 583 16.32 -25.17 15.40
CA ILE A 583 16.52 -23.95 14.75
C ILE A 583 17.82 -23.33 15.25
N LYS A 584 18.74 -23.04 14.37
CA LYS A 584 19.99 -22.36 14.69
C LYS A 584 19.67 -20.95 15.17
N MET A 585 20.28 -20.53 16.28
CA MET A 585 20.01 -19.22 16.83
C MET A 585 21.25 -18.34 16.81
N VAL A 586 21.03 -17.06 16.49
CA VAL A 586 22.04 -16.05 16.23
C VAL A 586 22.14 -15.15 17.45
N TYR A 587 23.33 -14.57 17.67
CA TYR A 587 23.50 -13.56 18.70
C TYR A 587 23.74 -12.21 18.05
N SER A 588 22.76 -11.30 18.17
CA SER A 588 22.91 -9.90 17.80
C SER A 588 22.42 -9.08 19.00
N PHE A 589 23.23 -9.08 20.06
CA PHE A 589 22.92 -8.44 21.35
C PHE A 589 21.81 -9.18 22.09
N ILE A 590 20.77 -9.59 21.37
CA ILE A 590 19.77 -10.51 21.89
C ILE A 590 19.90 -11.82 21.13
N LEU A 591 19.40 -12.90 21.75
CA LEU A 591 19.48 -14.23 21.15
C LEU A 591 18.20 -14.49 20.36
N ARG A 592 18.33 -14.62 19.05
CA ARG A 592 17.19 -14.77 18.16
C ARG A 592 17.42 -15.91 17.17
N PRO A 593 16.35 -16.41 16.56
CA PRO A 593 16.51 -17.44 15.54
C PRO A 593 17.00 -16.86 14.21
N GLY A 594 17.89 -17.60 13.56
CA GLY A 594 18.30 -17.28 12.21
C GLY A 594 17.45 -17.92 11.14
N THR A 595 16.67 -18.92 11.56
CA THR A 595 15.70 -19.61 10.73
C THR A 595 14.30 -19.20 11.20
N SER A 596 13.38 -18.97 10.27
CA SER A 596 11.98 -18.84 10.65
C SER A 596 11.22 -19.98 9.99
N PRO A 597 10.56 -20.85 10.77
CA PRO A 597 10.02 -22.08 10.19
C PRO A 597 8.69 -21.85 9.50
N LEU A 598 8.38 -22.75 8.57
CA LEU A 598 7.14 -22.70 7.80
C LEU A 598 6.05 -23.45 8.56
N LEU A 599 5.10 -22.71 9.11
CA LEU A 599 4.07 -23.25 9.98
C LEU A 599 2.72 -23.25 9.29
N THR A 600 1.95 -24.31 9.54
CA THR A 600 0.59 -24.46 9.03
C THR A 600 -0.41 -24.10 10.11
N PHE A 601 -1.44 -23.36 9.75
CA PHE A 601 -2.57 -23.09 10.65
C PHE A 601 -3.81 -23.69 10.00
N ARG A 602 -4.22 -24.85 10.49
CA ARG A 602 -5.42 -25.54 10.02
C ARG A 602 -6.57 -25.20 10.96
N ALA A 603 -7.65 -24.67 10.39
CA ALA A 603 -8.79 -24.31 11.21
C ALA A 603 -9.53 -25.56 11.67
N ILE A 604 -10.05 -25.50 12.90
CA ILE A 604 -10.91 -26.54 13.43
C ILE A 604 -12.35 -26.08 13.28
N ASN A 605 -13.22 -27.01 12.89
CA ASN A 605 -14.66 -26.74 12.78
C ASN A 605 -15.41 -27.94 13.34
N LYS B 7 -45.44 43.49 -23.79
CA LYS B 7 -44.28 44.36 -23.82
C LYS B 7 -44.12 45.09 -22.48
N ILE B 8 -42.87 45.49 -22.20
CA ILE B 8 -42.51 46.24 -21.01
C ILE B 8 -41.52 47.30 -21.47
N THR B 9 -41.83 48.58 -21.33
CA THR B 9 -40.91 49.61 -21.80
C THR B 9 -40.00 49.94 -20.67
N VAL B 10 -38.69 49.97 -20.84
CA VAL B 10 -37.68 50.28 -19.84
C VAL B 10 -36.67 51.25 -20.42
N HIS B 11 -36.29 52.25 -19.62
CA HIS B 11 -35.39 53.31 -20.03
C HIS B 11 -34.04 53.10 -19.38
N PHE B 12 -33.02 52.93 -20.21
CA PHE B 12 -31.63 52.77 -19.77
C PHE B 12 -30.92 54.11 -19.90
N ILE B 13 -30.30 54.56 -18.81
CA ILE B 13 -29.46 55.75 -18.85
C ILE B 13 -28.03 55.32 -19.11
N ASN B 14 -27.47 55.76 -20.23
CA ASN B 14 -26.13 55.36 -20.60
C ASN B 14 -25.09 56.18 -19.82
N ARG B 15 -23.82 55.86 -20.03
CA ARG B 15 -22.75 56.65 -19.43
C ARG B 15 -22.72 58.06 -19.99
N ASP B 16 -23.16 58.25 -21.24
CA ASP B 16 -23.24 59.57 -21.81
C ASP B 16 -24.29 60.44 -21.12
N GLY B 17 -25.27 59.83 -20.46
CA GLY B 17 -26.44 60.53 -19.98
C GLY B 17 -27.66 60.35 -20.85
N GLU B 18 -27.48 59.83 -22.07
CA GLU B 18 -28.57 59.58 -22.98
C GLU B 18 -29.51 58.54 -22.41
N THR B 19 -30.77 58.90 -22.21
CA THR B 19 -31.80 57.95 -21.83
C THR B 19 -32.26 57.22 -23.09
N LEU B 20 -31.84 55.97 -23.25
CA LEU B 20 -32.40 55.17 -24.33
C LEU B 20 -33.58 54.35 -23.84
N THR B 21 -34.42 53.94 -24.79
CA THR B 21 -35.64 53.22 -24.50
C THR B 21 -35.72 51.97 -25.36
N THR B 22 -36.32 50.92 -24.81
CA THR B 22 -36.43 49.62 -25.46
C THR B 22 -37.48 48.83 -24.68
N LYS B 23 -37.88 47.69 -25.23
CA LYS B 23 -38.94 46.89 -24.61
C LYS B 23 -38.55 45.42 -24.53
N GLY B 24 -39.12 44.74 -23.52
CA GLY B 24 -38.90 43.33 -23.24
C GLY B 24 -40.18 42.58 -22.89
N LYS B 25 -40.11 41.30 -22.57
CA LYS B 25 -41.25 40.50 -22.21
C LYS B 25 -40.90 39.92 -20.88
N VAL B 26 -41.90 39.60 -20.10
CA VAL B 26 -41.73 39.13 -18.75
C VAL B 26 -40.85 37.89 -18.69
N GLY B 27 -39.95 37.81 -17.75
CA GLY B 27 -39.08 36.67 -17.69
C GLY B 27 -37.93 36.81 -18.63
N ASP B 28 -37.41 37.99 -18.69
CA ASP B 28 -36.31 38.34 -19.58
C ASP B 28 -35.22 38.97 -18.74
N SER B 29 -34.01 38.44 -18.84
CA SER B 29 -32.89 39.12 -18.20
C SER B 29 -32.80 40.53 -18.77
N LEU B 30 -32.51 41.51 -17.91
CA LEU B 30 -32.21 42.83 -18.42
C LEU B 30 -31.07 42.77 -19.43
N LEU B 31 -30.23 41.73 -19.33
CA LEU B 31 -29.20 41.49 -20.34
C LEU B 31 -29.81 41.06 -21.67
N ASP B 32 -30.79 40.16 -21.62
CA ASP B 32 -31.48 39.76 -22.84
C ASP B 32 -32.06 40.96 -23.55
N VAL B 33 -32.57 41.92 -22.78
CA VAL B 33 -33.14 43.13 -23.39
C VAL B 33 -32.05 43.93 -24.07
N VAL B 34 -30.89 44.08 -23.43
CA VAL B 34 -29.85 44.96 -23.94
C VAL B 34 -29.23 44.37 -25.21
N VAL B 35 -28.88 43.09 -25.17
CA VAL B 35 -28.10 42.53 -26.28
C VAL B 35 -29.00 42.14 -27.46
N GLU B 36 -30.25 41.74 -27.20
CA GLU B 36 -31.18 41.42 -28.27
C GLU B 36 -31.82 42.66 -28.88
N ASN B 37 -31.54 43.84 -28.33
CA ASN B 37 -31.91 45.11 -28.93
C ASN B 37 -30.68 45.90 -29.39
N ASN B 38 -29.50 45.32 -29.25
CA ASN B 38 -28.22 45.94 -29.62
C ASN B 38 -28.16 47.41 -29.22
N LEU B 39 -28.52 47.70 -27.98
CA LEU B 39 -28.34 49.04 -27.46
C LEU B 39 -26.85 49.34 -27.35
N ASP B 40 -26.47 50.57 -27.65
CA ASP B 40 -25.08 50.99 -27.61
C ASP B 40 -24.70 51.26 -26.16
N ILE B 41 -24.41 50.18 -25.43
CA ILE B 41 -23.85 50.25 -24.08
C ILE B 41 -22.53 49.50 -24.14
N ASP B 42 -21.43 50.23 -24.32
CA ASP B 42 -20.13 49.63 -24.55
C ASP B 42 -19.77 48.61 -23.48
N GLY B 43 -19.68 47.34 -23.86
CA GLY B 43 -19.22 46.31 -22.95
C GLY B 43 -20.24 45.99 -21.88
N PHE B 44 -21.37 45.44 -22.30
CA PHE B 44 -22.43 45.04 -21.39
C PHE B 44 -22.70 43.56 -21.61
N GLY B 45 -22.59 42.78 -20.54
CA GLY B 45 -22.82 41.35 -20.65
C GLY B 45 -21.70 40.68 -21.42
N ALA B 46 -20.46 40.88 -21.00
CA ALA B 46 -19.30 40.28 -21.68
C ALA B 46 -19.19 38.77 -21.45
N CYS B 47 -19.82 38.26 -20.40
CA CYS B 47 -19.78 36.83 -20.08
C CYS B 47 -21.09 36.08 -20.43
N GLU B 48 -21.94 36.72 -21.22
CA GLU B 48 -23.23 36.17 -21.64
C GLU B 48 -24.03 35.44 -20.56
N GLY B 49 -24.28 36.15 -19.46
CA GLY B 49 -25.09 35.61 -18.38
C GLY B 49 -24.58 34.41 -17.60
N THR B 50 -23.30 34.43 -17.22
CA THR B 50 -22.77 33.36 -16.41
C THR B 50 -22.09 33.84 -15.18
N LEU B 51 -22.36 35.01 -14.63
CA LEU B 51 -21.83 35.50 -13.36
C LEU B 51 -20.31 35.40 -13.32
N ALA B 52 -19.66 35.60 -14.46
CA ALA B 52 -18.21 35.62 -14.55
C ALA B 52 -17.67 37.01 -14.89
N CYS B 53 -18.53 38.02 -14.87
CA CYS B 53 -18.16 39.39 -15.16
C CYS B 53 -18.91 40.28 -14.17
N SER B 54 -18.85 41.59 -14.37
CA SER B 54 -19.80 42.45 -13.69
C SER B 54 -20.28 43.58 -14.58
N THR B 55 -20.11 43.45 -15.90
CA THR B 55 -20.54 44.50 -16.81
C THR B 55 -22.06 44.70 -16.80
N CYS B 56 -22.82 43.69 -16.38
CA CYS B 56 -24.28 43.84 -16.34
C CYS B 56 -24.72 44.85 -15.28
N HIS B 57 -23.77 45.38 -14.53
CA HIS B 57 -24.06 46.25 -13.38
C HIS B 57 -24.99 47.39 -13.76
N LEU B 58 -26.13 47.44 -13.08
CA LEU B 58 -27.15 48.46 -13.30
C LEU B 58 -27.63 49.00 -11.96
N ILE B 59 -27.88 50.30 -11.91
CA ILE B 59 -28.42 50.97 -10.72
C ILE B 59 -29.92 51.09 -10.89
N PHE B 60 -30.65 50.92 -9.80
CA PHE B 60 -32.11 50.77 -9.87
C PHE B 60 -32.82 51.88 -9.12
N GLU B 61 -34.09 52.09 -9.45
CA GLU B 61 -34.92 53.07 -8.75
C GLU B 61 -35.21 52.49 -7.36
N ASP B 62 -35.34 53.36 -6.36
CA ASP B 62 -35.58 52.93 -4.97
C ASP B 62 -36.73 51.95 -4.75
N HIS B 63 -37.85 52.19 -5.43
CA HIS B 63 -39.03 51.40 -5.27
C HIS B 63 -39.02 50.12 -6.01
N ILE B 64 -38.11 49.97 -6.92
CA ILE B 64 -38.01 48.72 -7.60
C ILE B 64 -36.95 47.89 -6.96
N TYR B 65 -35.86 48.48 -6.55
CA TYR B 65 -34.81 47.74 -5.99
C TYR B 65 -35.25 47.02 -4.75
N GLU B 66 -36.35 47.47 -4.17
CA GLU B 66 -36.86 46.90 -2.94
C GLU B 66 -37.69 45.67 -3.08
N LYS B 67 -38.51 45.62 -4.09
CA LYS B 67 -39.41 44.50 -4.26
C LYS B 67 -38.83 43.38 -5.11
N LEU B 68 -37.51 43.43 -5.39
CA LEU B 68 -36.87 42.37 -6.14
C LEU B 68 -36.53 41.20 -5.23
N ASP B 69 -36.24 40.05 -5.86
CA ASP B 69 -35.76 38.89 -5.13
C ASP B 69 -34.59 39.29 -4.24
N ALA B 70 -34.34 38.53 -3.17
CA ALA B 70 -33.14 38.72 -2.37
C ALA B 70 -31.91 38.37 -3.20
N ILE B 71 -30.78 38.99 -2.85
CA ILE B 71 -29.55 38.84 -3.63
C ILE B 71 -28.92 37.48 -3.33
N THR B 72 -28.53 36.75 -4.36
CA THR B 72 -27.60 35.65 -4.19
C THR B 72 -26.26 36.19 -3.70
N ASP B 73 -25.63 35.48 -2.76
CA ASP B 73 -24.30 35.89 -2.35
C ASP B 73 -23.24 35.48 -3.37
N GLU B 74 -23.56 34.56 -4.28
CA GLU B 74 -22.71 34.39 -5.47
C GLU B 74 -22.73 35.66 -6.31
N GLU B 75 -23.89 36.33 -6.36
CA GLU B 75 -23.99 37.61 -7.06
C GLU B 75 -23.33 38.72 -6.26
N ASN B 76 -23.55 38.73 -4.97
CA ASN B 76 -22.96 39.72 -4.12
C ASN B 76 -21.48 39.64 -4.17
N ASP B 77 -20.92 38.49 -4.45
CA ASP B 77 -19.47 38.39 -4.61
C ASP B 77 -19.03 39.02 -5.93
N MET B 78 -19.93 38.98 -6.91
CA MET B 78 -19.70 39.55 -8.24
C MET B 78 -19.83 41.06 -8.17
N LEU B 79 -20.87 41.54 -7.49
CA LEU B 79 -21.10 42.96 -7.26
C LEU B 79 -19.93 43.60 -6.50
N ASP B 80 -19.27 42.87 -5.50
CA ASP B 80 -18.08 43.35 -4.81
C ASP B 80 -16.86 43.44 -5.72
N LEU B 81 -17.02 43.13 -7.02
CA LEU B 81 -15.98 43.31 -8.01
C LEU B 81 -16.48 44.21 -9.15
N ALA B 82 -17.39 45.13 -8.82
CA ALA B 82 -18.01 46.01 -9.80
C ALA B 82 -17.66 47.45 -9.43
N TYR B 83 -17.11 48.19 -10.39
CA TYR B 83 -16.80 49.59 -10.13
C TYR B 83 -18.10 50.40 -10.09
N GLY B 84 -18.15 51.39 -9.20
CA GLY B 84 -19.34 52.20 -9.06
C GLY B 84 -20.45 51.53 -8.28
N LEU B 85 -20.12 50.57 -7.42
CA LEU B 85 -21.13 49.91 -6.62
C LEU B 85 -21.92 50.95 -5.83
N THR B 86 -23.21 50.66 -5.65
CA THR B 86 -24.11 51.57 -4.96
C THR B 86 -25.08 50.76 -4.12
N ASP B 87 -25.71 51.44 -3.15
CA ASP B 87 -26.69 50.79 -2.29
C ASP B 87 -27.96 50.38 -3.05
N ARG B 88 -28.02 50.69 -4.35
CA ARG B 88 -29.14 50.27 -5.19
C ARG B 88 -28.65 49.57 -6.45
N SER B 89 -27.57 48.78 -6.33
CA SER B 89 -26.93 48.15 -7.45
C SER B 89 -27.29 46.67 -7.55
N ARG B 90 -27.55 46.20 -8.76
CA ARG B 90 -27.79 44.79 -9.02
C ARG B 90 -27.29 44.45 -10.42
N LEU B 91 -27.28 43.15 -10.72
CA LEU B 91 -26.66 42.64 -11.95
C LEU B 91 -27.75 42.18 -12.91
N GLY B 92 -27.85 42.88 -14.04
CA GLY B 92 -28.91 42.65 -15.00
C GLY B 92 -29.10 41.21 -15.43
N CYS B 93 -28.05 40.39 -15.29
CA CYS B 93 -28.17 38.98 -15.65
C CYS B 93 -29.18 38.27 -14.75
N GLN B 94 -29.17 38.62 -13.46
CA GLN B 94 -29.96 37.91 -12.47
C GLN B 94 -31.33 38.54 -12.23
N ILE B 95 -31.69 39.57 -12.99
CA ILE B 95 -32.92 40.32 -12.77
C ILE B 95 -33.84 40.10 -13.97
N CYS B 96 -34.94 39.39 -13.79
CA CYS B 96 -35.83 39.09 -14.87
C CYS B 96 -37.02 40.01 -14.82
N LEU B 97 -37.47 40.55 -15.96
CA LEU B 97 -38.58 41.47 -16.07
C LEU B 97 -39.93 40.94 -15.56
N THR B 98 -40.78 41.84 -15.09
CA THR B 98 -42.06 41.61 -14.49
C THR B 98 -42.91 42.81 -14.82
N LYS B 99 -44.21 42.71 -14.71
CA LYS B 99 -45.05 43.80 -15.11
C LYS B 99 -45.00 45.09 -14.30
N SER B 100 -44.42 45.08 -13.10
CA SER B 100 -44.22 46.28 -12.27
C SER B 100 -43.11 47.27 -12.64
N MET B 101 -42.23 46.81 -13.48
CA MET B 101 -41.07 47.46 -14.10
C MET B 101 -41.42 48.31 -15.32
N ASP B 102 -42.67 48.33 -15.76
CA ASP B 102 -43.01 49.09 -16.95
C ASP B 102 -42.61 50.56 -16.77
N ASN B 103 -41.87 51.08 -17.76
CA ASN B 103 -41.40 52.47 -17.75
C ASN B 103 -40.51 52.75 -16.53
N MET B 104 -39.85 51.70 -16.06
CA MET B 104 -38.80 51.81 -15.05
C MET B 104 -37.55 52.38 -15.69
N THR B 105 -36.77 53.11 -14.90
CA THR B 105 -35.49 53.61 -15.35
C THR B 105 -34.38 53.00 -14.53
N VAL B 106 -33.36 52.46 -15.21
CA VAL B 106 -32.17 51.98 -14.54
C VAL B 106 -30.95 52.61 -15.19
N ARG B 107 -29.91 52.89 -14.42
CA ARG B 107 -28.74 53.54 -14.96
C ARG B 107 -27.54 52.69 -14.95
N VAL B 108 -26.58 53.02 -15.78
CA VAL B 108 -25.33 52.35 -15.88
C VAL B 108 -24.31 53.23 -15.25
N PRO B 109 -23.42 52.67 -14.45
CA PRO B 109 -22.51 53.57 -13.77
C PRO B 109 -21.51 54.35 -14.61
N GLU B 110 -21.25 55.62 -14.29
CA GLU B 110 -20.31 56.42 -15.07
C GLU B 110 -18.88 56.01 -14.76
N VAL B 137 -1.24 65.16 -11.06
CA VAL B 137 -0.76 63.90 -11.61
C VAL B 137 0.68 63.97 -12.07
N LEU B 138 1.53 63.20 -11.42
CA LEU B 138 2.96 63.16 -11.70
C LEU B 138 3.27 62.14 -12.79
N PRO B 139 4.37 62.34 -13.52
CA PRO B 139 4.72 61.40 -14.59
C PRO B 139 5.06 60.03 -14.02
N PHE B 140 5.21 59.08 -14.94
CA PHE B 140 5.45 57.70 -14.53
C PHE B 140 6.78 57.55 -13.79
N GLU B 141 7.79 58.32 -14.18
CA GLU B 141 9.16 58.09 -13.73
C GLU B 141 9.46 58.77 -12.41
N ALA B 142 8.49 59.51 -11.85
CA ALA B 142 8.59 60.09 -10.52
C ALA B 142 8.03 59.19 -9.43
N MET B 143 7.82 57.93 -9.72
CA MET B 143 7.29 56.95 -8.78
C MET B 143 8.44 56.27 -8.03
N PRO B 144 8.24 55.90 -6.77
CA PRO B 144 9.30 55.22 -6.02
C PRO B 144 9.84 54.01 -6.78
N GLN B 145 11.15 53.79 -6.62
CA GLN B 145 11.86 52.72 -7.30
C GLN B 145 12.17 51.59 -6.33
N HIS B 146 12.25 50.38 -6.88
CA HIS B 146 12.75 49.24 -6.13
C HIS B 146 14.28 49.28 -6.16
N PRO B 147 14.95 49.48 -5.01
CA PRO B 147 16.42 49.48 -5.01
C PRO B 147 17.05 48.33 -5.79
N GLY B 148 16.42 47.16 -5.76
CA GLY B 148 17.07 45.97 -6.23
C GLY B 148 17.38 45.98 -7.72
N ASN B 149 18.26 45.07 -8.12
CA ASN B 149 18.75 44.98 -9.48
C ASN B 149 18.31 43.66 -10.11
N ARG B 150 17.79 43.75 -11.33
CA ARG B 150 17.24 42.59 -12.04
C ARG B 150 18.22 41.43 -12.08
N TRP B 151 19.51 41.72 -12.29
CA TRP B 151 20.48 40.67 -12.55
C TRP B 151 20.98 40.04 -11.25
N LEU B 152 21.20 40.87 -10.22
CA LEU B 152 21.58 40.32 -8.92
C LEU B 152 20.55 39.32 -8.42
N ARG B 153 19.25 39.65 -8.53
CA ARG B 153 18.27 38.68 -8.09
C ARG B 153 18.23 37.50 -9.06
N LEU B 154 18.33 37.76 -10.37
CA LEU B 154 18.37 36.66 -11.35
C LEU B 154 19.42 35.65 -10.95
N LEU B 155 20.60 36.10 -10.51
CA LEU B 155 21.68 35.16 -10.17
C LEU B 155 21.50 34.54 -8.79
N GLN B 156 20.90 35.27 -7.86
CA GLN B 156 20.47 34.68 -6.61
C GLN B 156 19.67 33.40 -6.88
N ILE B 157 18.67 33.50 -7.75
CA ILE B 157 17.84 32.36 -8.09
C ILE B 157 18.67 31.29 -8.77
N TRP B 158 19.71 31.69 -9.53
CA TRP B 158 20.55 30.70 -10.20
C TRP B 158 21.11 29.69 -9.21
N ARG B 159 21.42 30.11 -7.98
CA ARG B 159 22.04 29.21 -7.03
C ARG B 159 21.08 28.69 -5.97
N GLU B 160 20.29 29.57 -5.35
CA GLU B 160 19.33 29.10 -4.36
C GLU B 160 18.22 28.27 -4.97
N GLN B 161 18.21 28.11 -6.30
CA GLN B 161 17.24 27.28 -7.01
C GLN B 161 15.81 27.70 -6.73
N GLY B 162 15.62 28.89 -6.20
CA GLY B 162 14.30 29.38 -5.86
C GLY B 162 14.43 30.71 -5.15
N TYR B 163 13.30 31.31 -4.84
CA TYR B 163 13.33 32.56 -4.07
C TYR B 163 12.17 32.54 -3.08
N GLU B 164 12.19 31.51 -2.22
CA GLU B 164 11.13 31.21 -1.26
C GLU B 164 10.69 32.41 -0.42
N HIS B 165 11.50 33.46 -0.35
CA HIS B 165 11.27 34.55 0.58
C HIS B 165 10.68 35.78 -0.10
N LEU B 166 10.36 35.70 -1.39
CA LEU B 166 10.08 36.92 -2.14
C LEU B 166 8.91 37.69 -1.54
N HIS B 167 7.86 36.98 -1.09
CA HIS B 167 6.70 37.68 -0.54
C HIS B 167 7.08 38.54 0.64
N LEU B 168 8.09 38.13 1.42
CA LEU B 168 8.54 38.97 2.54
C LEU B 168 9.32 40.17 2.06
N GLU B 169 10.07 40.03 0.95
CA GLU B 169 10.77 41.17 0.38
C GLU B 169 9.77 42.26 -0.02
N MET B 170 8.72 41.87 -0.73
CA MET B 170 7.78 42.84 -1.28
C MET B 170 6.97 43.51 -0.18
N HIS B 171 6.64 42.78 0.89
CA HIS B 171 5.98 43.42 2.02
C HIS B 171 6.87 44.50 2.61
N GLN B 172 8.16 44.20 2.81
CA GLN B 172 9.08 45.22 3.30
C GLN B 172 9.14 46.42 2.36
N THR B 173 9.09 46.17 1.05
CA THR B 173 9.15 47.26 0.09
C THR B 173 7.97 48.20 0.27
N PHE B 174 6.75 47.66 0.16
CA PHE B 174 5.55 48.48 0.32
C PHE B 174 5.58 49.25 1.64
N GLN B 175 6.11 48.64 2.70
CA GLN B 175 6.16 49.30 4.00
C GLN B 175 7.29 50.31 4.09
N GLU B 176 8.04 50.51 3.00
CA GLU B 176 9.09 51.52 2.93
C GLU B 176 8.81 52.56 1.84
N LEU B 177 8.39 52.11 0.65
CA LEU B 177 8.16 53.01 -0.48
C LEU B 177 6.75 53.57 -0.52
N GLY B 178 5.79 52.90 0.12
CA GLY B 178 4.41 53.31 0.06
C GLY B 178 3.57 52.34 -0.72
N PRO B 179 2.29 52.65 -0.92
CA PRO B 179 1.39 51.69 -1.57
C PRO B 179 1.57 51.58 -3.07
N ILE B 180 2.73 52.00 -3.60
CA ILE B 180 2.98 51.94 -5.04
C ILE B 180 4.45 52.16 -5.33
N PHE B 181 5.00 51.35 -6.22
CA PHE B 181 6.39 51.46 -6.65
C PHE B 181 6.54 50.77 -8.00
N ARG B 182 7.65 51.04 -8.68
CA ARG B 182 7.97 50.39 -9.94
C ARG B 182 9.28 49.61 -9.80
N TYR B 183 9.42 48.58 -10.61
CA TYR B 183 10.63 47.76 -10.64
C TYR B 183 11.50 48.23 -11.80
N ASN B 184 12.72 48.66 -11.57
CA ASN B 184 13.55 49.02 -12.67
C ASN B 184 13.82 47.73 -13.38
N LEU B 185 13.26 47.55 -14.55
CA LEU B 185 13.43 46.33 -15.22
C LEU B 185 14.13 46.61 -16.51
N PRO B 188 11.46 48.26 -19.98
CA PRO B 188 10.10 47.73 -19.78
C PRO B 188 9.58 48.33 -18.52
N ARG B 189 8.28 48.51 -18.46
CA ARG B 189 7.71 49.17 -17.32
C ARG B 189 6.92 48.22 -16.48
N MET B 190 7.04 48.29 -15.19
CA MET B 190 6.27 47.41 -14.33
C MET B 190 6.10 48.04 -12.96
N VAL B 191 4.86 48.09 -12.50
CA VAL B 191 4.47 48.76 -11.27
C VAL B 191 3.72 47.77 -10.39
N CYS B 192 3.99 47.78 -9.11
CA CYS B 192 3.33 46.91 -8.14
C CYS B 192 2.48 47.75 -7.20
N VAL B 193 1.19 47.48 -7.11
CA VAL B 193 0.27 48.21 -6.28
C VAL B 193 -0.31 47.32 -5.22
N MET B 194 -1.02 47.84 -4.25
CA MET B 194 -1.58 46.98 -3.22
C MET B 194 -2.84 47.41 -2.54
N LEU B 195 -3.68 48.15 -3.22
CA LEU B 195 -4.90 48.64 -2.60
C LEU B 195 -6.14 48.37 -3.44
N PRO B 196 -7.33 48.25 -2.81
CA PRO B 196 -8.60 48.12 -3.53
C PRO B 196 -8.86 49.24 -4.47
N GLU B 197 -8.52 50.46 -4.03
CA GLU B 197 -8.63 51.63 -4.91
C GLU B 197 -8.10 51.27 -6.29
N ASP B 198 -6.87 50.73 -6.30
CA ASP B 198 -6.14 50.48 -7.54
C ASP B 198 -6.74 49.32 -8.31
N VAL B 199 -7.24 48.29 -7.62
CA VAL B 199 -7.85 47.16 -8.32
C VAL B 199 -9.15 47.59 -8.98
N GLU B 200 -9.82 48.56 -8.38
CA GLU B 200 -11.04 49.04 -8.94
C GLU B 200 -10.76 49.67 -10.25
N LYS B 201 -9.79 50.56 -10.30
CA LYS B 201 -9.41 51.24 -11.53
C LYS B 201 -8.94 50.25 -12.58
N LEU B 202 -8.23 49.20 -12.16
CA LEU B 202 -7.68 48.25 -13.12
C LEU B 202 -8.78 47.45 -13.80
N GLN B 203 -9.91 47.21 -13.12
CA GLN B 203 -11.03 46.53 -13.75
C GLN B 203 -11.78 47.43 -14.71
N GLN B 204 -11.71 48.75 -14.50
CA GLN B 204 -12.30 49.69 -15.43
C GLN B 204 -11.60 49.65 -16.78
N VAL B 205 -10.27 49.48 -16.77
CA VAL B 205 -9.47 49.40 -17.98
C VAL B 205 -9.53 48.05 -18.64
N ASP B 206 -10.08 47.04 -17.97
CA ASP B 206 -10.18 45.70 -18.53
C ASP B 206 -10.72 45.76 -19.95
N SER B 207 -9.89 45.35 -20.91
CA SER B 207 -10.27 45.42 -22.31
C SER B 207 -11.26 44.30 -22.64
N LEU B 208 -11.62 44.24 -23.93
CA LEU B 208 -12.32 43.08 -24.46
C LEU B 208 -11.41 41.85 -24.51
N HIS B 209 -10.11 42.07 -24.53
CA HIS B 209 -9.11 41.01 -24.53
C HIS B 209 -8.10 41.31 -23.44
N PRO B 210 -8.47 41.15 -22.18
CA PRO B 210 -7.50 41.36 -21.09
C PRO B 210 -6.23 40.57 -21.36
N CYS B 211 -5.10 41.17 -21.03
CA CYS B 211 -3.79 40.63 -21.37
C CYS B 211 -3.03 40.38 -20.07
N ARG B 212 -3.00 39.13 -19.62
CA ARG B 212 -2.05 38.74 -18.59
C ARG B 212 -0.74 38.36 -19.27
N MET B 213 0.37 38.47 -18.58
CA MET B 213 1.62 38.20 -19.23
C MET B 213 1.82 36.76 -19.51
N ILE B 214 2.64 36.48 -20.49
CA ILE B 214 2.89 35.14 -20.91
C ILE B 214 3.94 34.41 -20.12
N LEU B 215 3.62 33.23 -19.60
CA LEU B 215 4.60 32.36 -18.96
C LEU B 215 5.26 31.53 -20.05
N GLU B 216 6.45 31.96 -20.51
CA GLU B 216 7.15 31.25 -21.57
C GLU B 216 7.46 29.79 -21.23
N PRO B 217 7.93 29.49 -20.00
CA PRO B 217 8.25 28.09 -19.70
C PRO B 217 7.11 27.11 -19.94
N TRP B 218 5.89 27.45 -19.53
CA TRP B 218 4.76 26.57 -19.76
C TRP B 218 4.39 26.52 -21.24
N VAL B 219 4.40 27.68 -21.90
CA VAL B 219 4.02 27.72 -23.32
C VAL B 219 5.06 27.00 -24.16
N ALA B 220 6.34 27.15 -23.82
CA ALA B 220 7.39 26.43 -24.53
C ALA B 220 7.09 24.94 -24.55
N TYR B 221 6.53 24.43 -23.47
CA TYR B 221 6.16 23.02 -23.41
C TYR B 221 5.04 22.68 -24.40
N ARG B 222 4.06 23.58 -24.55
CA ARG B 222 2.93 23.38 -25.44
C ARG B 222 3.37 23.46 -26.90
N GLN B 223 4.28 24.42 -27.18
CA GLN B 223 4.80 24.56 -28.54
C GLN B 223 5.59 23.32 -28.95
N HIS B 224 6.34 22.74 -28.00
CA HIS B 224 7.27 21.66 -28.29
C HIS B 224 6.58 20.33 -28.55
N ARG B 225 5.33 20.18 -28.14
CA ARG B 225 4.63 18.90 -28.25
C ARG B 225 3.42 18.97 -29.17
N GLY B 226 3.21 20.09 -29.84
CA GLY B 226 2.06 20.22 -30.71
C GLY B 226 0.76 20.40 -29.98
N HIS B 227 0.81 20.89 -28.75
CA HIS B 227 -0.36 21.06 -27.91
C HIS B 227 -0.88 22.49 -28.02
N LYS B 228 -2.18 22.64 -27.84
CA LYS B 228 -2.80 23.95 -27.77
C LYS B 228 -2.74 24.47 -26.34
N CYS B 229 -2.37 25.73 -26.20
CA CYS B 229 -2.44 26.37 -24.90
C CYS B 229 -3.90 26.54 -24.50
N GLY B 230 -4.18 26.52 -23.21
CA GLY B 230 -5.50 26.65 -22.71
C GLY B 230 -5.76 28.04 -22.24
N VAL B 231 -6.79 28.22 -21.46
CA VAL B 231 -7.21 29.56 -21.05
C VAL B 231 -6.12 30.25 -20.23
N PHE B 232 -5.46 29.50 -19.34
CA PHE B 232 -4.50 30.13 -18.44
C PHE B 232 -3.37 30.80 -19.22
N LEU B 233 -3.01 30.27 -20.39
CA LEU B 233 -1.87 30.76 -21.14
C LEU B 233 -2.27 31.38 -22.48
N LEU B 234 -3.54 31.73 -22.66
CA LEU B 234 -4.00 32.34 -23.89
C LEU B 234 -4.23 33.83 -23.70
N ASN B 235 -4.16 34.57 -24.81
CA ASN B 235 -4.53 35.97 -24.83
C ASN B 235 -5.20 36.26 -26.17
N GLY B 236 -5.96 37.36 -26.21
CA GLY B 236 -6.62 37.78 -27.42
C GLY B 236 -7.83 36.93 -27.75
N PRO B 237 -8.25 36.97 -29.01
CA PRO B 237 -9.49 36.26 -29.39
C PRO B 237 -9.52 34.78 -29.04
N GLU B 238 -8.39 34.07 -29.15
CA GLU B 238 -8.40 32.67 -28.76
C GLU B 238 -8.81 32.52 -27.31
N TRP B 239 -8.30 33.41 -26.45
CA TRP B 239 -8.76 33.42 -25.07
C TRP B 239 -10.28 33.57 -24.99
N ARG B 240 -10.79 34.69 -25.51
CA ARG B 240 -12.21 34.98 -25.42
C ARG B 240 -13.04 33.85 -25.99
N PHE B 241 -12.60 33.29 -27.13
CA PHE B 241 -13.29 32.15 -27.70
C PHE B 241 -13.41 31.04 -26.68
N ASN B 242 -12.27 30.56 -26.16
CA ASN B 242 -12.33 29.45 -25.21
C ASN B 242 -13.18 29.79 -23.99
N ARG B 243 -12.90 30.91 -23.34
CA ARG B 243 -13.54 31.22 -22.06
C ARG B 243 -15.06 31.18 -22.17
N LEU B 244 -15.62 31.71 -23.27
CA LEU B 244 -17.07 31.82 -23.36
C LEU B 244 -17.75 30.47 -23.55
N ARG B 245 -16.98 29.48 -23.95
CA ARG B 245 -17.46 28.14 -24.05
C ARG B 245 -17.06 27.27 -22.87
N LEU B 246 -16.46 27.86 -21.84
CA LEU B 246 -16.08 27.19 -20.62
C LEU B 246 -16.90 27.64 -19.43
N ASN B 247 -17.03 28.95 -19.25
CA ASN B 247 -17.83 29.48 -18.15
C ASN B 247 -19.16 28.77 -17.99
N PRO B 248 -19.91 28.47 -19.05
CA PRO B 248 -21.22 27.79 -18.88
C PRO B 248 -21.15 26.53 -18.03
N ASP B 249 -20.18 25.66 -18.23
CA ASP B 249 -20.19 24.35 -17.57
C ASP B 249 -19.20 24.23 -16.44
N VAL B 250 -18.42 25.28 -16.14
CA VAL B 250 -17.39 25.21 -15.12
C VAL B 250 -17.65 26.21 -13.99
N LEU B 251 -18.33 27.31 -14.32
CA LEU B 251 -18.46 28.45 -13.43
C LEU B 251 -19.89 28.88 -13.18
N SER B 252 -20.81 28.57 -14.08
CA SER B 252 -22.19 29.03 -13.90
C SER B 252 -22.76 28.46 -12.60
N PRO B 253 -23.58 29.23 -11.88
CA PRO B 253 -24.38 28.62 -10.80
C PRO B 253 -25.14 27.38 -11.27
N LYS B 254 -25.58 27.34 -12.53
CA LYS B 254 -26.28 26.16 -13.03
C LYS B 254 -25.36 24.94 -13.05
N ALA B 255 -24.11 25.13 -13.46
CA ALA B 255 -23.14 24.04 -13.46
C ALA B 255 -22.74 23.68 -12.04
N VAL B 256 -22.59 24.68 -11.17
CA VAL B 256 -22.25 24.44 -9.77
C VAL B 256 -23.31 23.60 -9.10
N GLN B 257 -24.57 23.78 -9.48
CA GLN B 257 -25.63 22.98 -8.88
C GLN B 257 -25.59 21.54 -9.39
N ARG B 258 -25.05 21.34 -10.59
CA ARG B 258 -25.02 20.01 -11.17
C ARG B 258 -23.88 19.17 -10.60
N PHE B 259 -22.76 19.80 -10.19
CA PHE B 259 -21.67 19.02 -9.57
C PHE B 259 -21.54 19.20 -8.06
N LEU B 260 -22.31 20.08 -7.44
CA LEU B 260 -22.21 20.20 -5.97
C LEU B 260 -22.57 18.89 -5.27
N PRO B 261 -23.66 18.21 -5.62
CA PRO B 261 -23.91 16.90 -4.99
C PRO B 261 -22.75 15.92 -5.09
N MET B 262 -21.95 15.99 -6.16
CA MET B 262 -20.85 15.03 -6.29
C MET B 262 -19.74 15.32 -5.30
N VAL B 263 -19.41 16.61 -5.10
CA VAL B 263 -18.43 16.99 -4.09
C VAL B 263 -18.90 16.58 -2.70
N ASP B 264 -20.19 16.78 -2.42
CA ASP B 264 -20.74 16.34 -1.14
C ASP B 264 -20.37 14.90 -0.85
N ALA B 265 -20.48 14.02 -1.85
CA ALA B 265 -20.19 12.61 -1.63
C ALA B 265 -18.74 12.40 -1.22
N VAL B 266 -17.82 13.18 -1.81
CA VAL B 266 -16.40 13.02 -1.50
C VAL B 266 -16.12 13.52 -0.09
N ALA B 267 -16.69 14.68 0.27
CA ALA B 267 -16.45 15.24 1.59
C ALA B 267 -17.09 14.39 2.67
N ARG B 268 -18.28 13.84 2.40
CA ARG B 268 -18.89 12.89 3.33
C ARG B 268 -17.99 11.68 3.52
N ASP B 269 -17.56 11.06 2.41
CA ASP B 269 -16.68 9.91 2.50
C ASP B 269 -15.39 10.23 3.22
N PHE B 270 -14.95 11.50 3.18
CA PHE B 270 -13.73 11.88 3.87
C PHE B 270 -13.94 11.87 5.38
N SER B 271 -15.06 12.43 5.85
CA SER B 271 -15.29 12.49 7.30
C SER B 271 -15.61 11.12 7.86
N GLN B 272 -16.44 10.34 7.15
CA GLN B 272 -16.75 9.00 7.64
C GLN B 272 -15.50 8.12 7.64
N ALA B 273 -14.59 8.34 6.70
CA ALA B 273 -13.30 7.63 6.74
C ALA B 273 -12.49 8.05 7.96
N LEU B 274 -12.37 9.36 8.20
CA LEU B 274 -11.64 9.84 9.36
C LEU B 274 -12.28 9.36 10.66
N LYS B 275 -13.62 9.36 10.72
CA LYS B 275 -14.29 9.00 11.96
C LYS B 275 -14.05 7.54 12.30
N LYS B 276 -14.11 6.65 11.30
CA LYS B 276 -13.85 5.24 11.56
C LYS B 276 -12.53 5.05 12.29
N LYS B 277 -11.46 5.66 11.77
CA LYS B 277 -10.15 5.50 12.39
C LYS B 277 -10.07 6.24 13.72
N VAL B 278 -10.66 7.44 13.80
CA VAL B 278 -10.71 8.15 15.07
C VAL B 278 -11.33 7.27 16.15
N LEU B 279 -12.46 6.63 15.83
CA LEU B 279 -13.20 5.91 16.85
C LEU B 279 -12.54 4.59 17.25
N GLN B 280 -11.51 4.14 16.53
CA GLN B 280 -10.76 2.97 16.96
C GLN B 280 -9.76 3.30 18.06
N ASN B 281 -9.43 4.57 18.27
CA ASN B 281 -8.44 4.95 19.26
C ASN B 281 -9.12 5.22 20.60
N ALA B 282 -8.36 4.96 21.67
CA ALA B 282 -8.97 4.90 23.00
C ALA B 282 -9.70 6.19 23.34
N ARG B 283 -9.05 7.31 23.06
CA ARG B 283 -9.52 8.66 23.31
C ARG B 283 -10.40 9.26 22.29
N GLY B 284 -10.89 8.51 21.36
CA GLY B 284 -11.73 9.07 20.31
C GLY B 284 -11.11 10.22 19.56
N SER B 285 -9.81 10.12 19.27
CA SER B 285 -9.08 11.18 18.61
C SER B 285 -8.11 10.58 17.62
N LEU B 286 -7.70 11.41 16.66
CA LEU B 286 -6.61 11.07 15.76
C LEU B 286 -5.87 12.37 15.46
N THR B 287 -4.63 12.49 15.92
CA THR B 287 -3.79 13.62 15.55
C THR B 287 -2.80 13.15 14.49
N LEU B 288 -2.53 14.03 13.53
CA LEU B 288 -1.75 13.64 12.36
C LEU B 288 -1.39 14.90 11.59
N ASP B 289 -0.56 14.70 10.58
CA ASP B 289 -0.35 15.69 9.53
C ASP B 289 -1.36 15.38 8.43
N VAL B 290 -2.32 16.28 8.22
CA VAL B 290 -3.40 15.98 7.29
C VAL B 290 -3.12 16.42 5.86
N GLN B 291 -2.03 17.14 5.62
CA GLN B 291 -1.73 17.61 4.28
C GLN B 291 -1.87 16.51 3.23
N PRO B 292 -1.33 15.31 3.43
CA PRO B 292 -1.54 14.26 2.40
C PRO B 292 -3.01 13.94 2.18
N SER B 293 -3.77 13.71 3.25
CA SER B 293 -5.17 13.30 3.06
C SER B 293 -5.98 14.40 2.39
N ILE B 294 -5.67 15.67 2.66
CA ILE B 294 -6.39 16.76 2.01
C ILE B 294 -6.07 16.81 0.52
N PHE B 295 -4.78 16.73 0.18
CA PHE B 295 -4.41 16.76 -1.24
C PHE B 295 -5.11 15.64 -2.00
N HIS B 296 -5.24 14.46 -1.40
CA HIS B 296 -5.92 13.38 -2.08
C HIS B 296 -7.43 13.60 -2.13
N TYR B 297 -7.98 14.38 -1.20
CA TYR B 297 -9.38 14.77 -1.31
C TYR B 297 -9.60 15.62 -2.56
N THR B 298 -8.77 16.65 -2.75
CA THR B 298 -8.99 17.53 -3.90
C THR B 298 -8.79 16.80 -5.21
N ILE B 299 -7.86 15.83 -5.27
CA ILE B 299 -7.72 15.05 -6.49
C ILE B 299 -9.00 14.28 -6.78
N GLU B 300 -9.64 13.77 -5.72
CA GLU B 300 -10.84 12.97 -5.90
C GLU B 300 -12.03 13.84 -6.26
N ALA B 301 -12.28 14.89 -5.48
CA ALA B 301 -13.39 15.79 -5.78
C ALA B 301 -13.22 16.41 -7.16
N SER B 302 -11.99 16.80 -7.51
CA SER B 302 -11.76 17.37 -8.83
C SER B 302 -12.04 16.33 -9.92
N ASN B 303 -11.37 15.18 -9.85
CA ASN B 303 -11.51 14.21 -10.93
C ASN B 303 -12.95 13.74 -11.07
N LEU B 304 -13.73 13.77 -10.00
CA LEU B 304 -15.13 13.36 -10.11
C LEU B 304 -15.97 14.47 -10.74
N ALA B 305 -15.86 15.69 -10.22
CA ALA B 305 -16.59 16.81 -10.81
C ALA B 305 -16.26 16.97 -12.29
N LEU B 306 -15.03 16.67 -12.69
CA LEU B 306 -14.60 16.91 -14.06
C LEU B 306 -14.94 15.75 -14.99
N PHE B 307 -14.49 14.53 -14.65
CA PHE B 307 -14.64 13.39 -15.54
C PHE B 307 -15.72 12.42 -15.09
N GLY B 308 -16.38 12.68 -13.96
CA GLY B 308 -17.37 11.77 -13.45
C GLY B 308 -16.81 10.46 -12.93
N GLU B 309 -15.49 10.36 -12.80
CA GLU B 309 -14.84 9.13 -12.38
C GLU B 309 -14.51 9.19 -10.90
N ARG B 310 -14.66 8.05 -10.23
CA ARG B 310 -14.31 7.88 -8.83
C ARG B 310 -13.00 7.12 -8.75
N LEU B 311 -11.94 7.80 -8.31
CA LEU B 311 -10.61 7.21 -8.31
C LEU B 311 -10.34 6.36 -7.07
N GLY B 312 -11.13 6.51 -6.01
CA GLY B 312 -10.88 5.72 -4.82
C GLY B 312 -9.59 6.08 -4.13
N LEU B 313 -9.26 7.37 -4.04
CA LEU B 313 -8.13 7.83 -3.26
C LEU B 313 -8.49 8.29 -1.86
N VAL B 314 -9.74 8.64 -1.61
CA VAL B 314 -10.18 9.04 -0.27
C VAL B 314 -10.54 7.78 0.52
N GLY B 315 -10.02 7.70 1.75
CA GLY B 315 -10.25 6.58 2.63
C GLY B 315 -9.28 5.43 2.44
N HIS B 316 -8.66 5.32 1.27
CA HIS B 316 -7.71 4.28 0.95
C HIS B 316 -6.33 4.89 0.72
N SER B 317 -5.36 4.03 0.50
CA SER B 317 -3.98 4.48 0.42
C SER B 317 -3.74 5.26 -0.88
N PRO B 318 -2.77 6.18 -0.88
CA PRO B 318 -2.35 6.81 -2.13
C PRO B 318 -1.96 5.77 -3.17
N SER B 319 -2.05 6.13 -4.44
CA SER B 319 -1.60 5.29 -5.53
C SER B 319 -0.30 5.83 -6.08
N SER B 320 0.38 4.99 -6.86
CA SER B 320 1.58 5.43 -7.54
C SER B 320 1.31 6.63 -8.43
N ALA B 321 0.26 6.56 -9.23
CA ALA B 321 -0.08 7.69 -10.09
C ALA B 321 -0.37 8.94 -9.28
N SER B 322 -0.98 8.79 -8.11
CA SER B 322 -1.32 9.96 -7.29
C SER B 322 -0.06 10.69 -6.84
N LEU B 323 0.91 9.96 -6.29
CA LEU B 323 2.08 10.61 -5.70
C LEU B 323 3.05 11.08 -6.78
N ASN B 324 3.12 10.39 -7.91
CA ASN B 324 3.92 10.89 -9.02
C ASN B 324 3.34 12.19 -9.56
N PHE B 325 2.02 12.27 -9.67
CA PHE B 325 1.36 13.49 -10.13
C PHE B 325 1.67 14.66 -9.19
N LEU B 326 1.56 14.44 -7.87
CA LEU B 326 1.80 15.51 -6.92
C LEU B 326 3.25 15.98 -6.96
N HIS B 327 4.18 15.04 -7.09
CA HIS B 327 5.59 15.42 -7.15
C HIS B 327 5.86 16.27 -8.39
N ALA B 328 5.40 15.81 -9.55
CA ALA B 328 5.61 16.55 -10.79
C ALA B 328 5.08 17.98 -10.66
N LEU B 329 3.96 18.16 -9.97
CA LEU B 329 3.48 19.52 -9.73
C LEU B 329 4.49 20.32 -8.93
N GLU B 330 4.99 19.75 -7.83
CA GLU B 330 5.97 20.45 -7.01
C GLU B 330 7.20 20.82 -7.83
N VAL B 331 7.71 19.88 -8.63
CA VAL B 331 8.89 20.16 -9.44
C VAL B 331 8.59 21.23 -10.48
N MET B 332 7.40 21.21 -11.05
CA MET B 332 7.04 22.18 -12.08
C MET B 332 6.95 23.57 -11.56
N PHE B 333 6.33 23.76 -10.43
CA PHE B 333 6.35 25.06 -9.78
C PHE B 333 7.78 25.46 -9.46
N LYS B 334 8.53 24.57 -8.82
CA LYS B 334 9.91 24.84 -8.45
C LYS B 334 10.73 25.29 -9.66
N SER B 335 10.74 24.48 -10.71
CA SER B 335 11.52 24.80 -11.90
C SER B 335 10.98 26.02 -12.66
N THR B 336 9.77 26.49 -12.34
CA THR B 336 9.25 27.67 -13.01
C THR B 336 9.94 28.95 -12.52
N VAL B 337 10.12 29.08 -11.21
CA VAL B 337 10.74 30.30 -10.70
C VAL B 337 12.20 30.40 -11.12
N GLN B 338 12.81 29.28 -11.50
CA GLN B 338 14.18 29.28 -11.99
C GLN B 338 14.29 29.72 -13.45
N LEU B 339 13.16 29.80 -14.18
CA LEU B 339 13.18 30.15 -15.60
C LEU B 339 12.28 31.34 -15.95
N MET B 340 11.45 31.80 -15.01
CA MET B 340 10.49 32.88 -15.28
C MET B 340 11.18 34.21 -15.45
N PHE B 341 12.18 34.50 -14.62
CA PHE B 341 12.82 35.80 -14.59
C PHE B 341 13.92 35.94 -15.63
N MET B 342 14.32 34.84 -16.27
CA MET B 342 15.23 34.85 -17.40
C MET B 342 14.46 34.80 -18.70
N PRO B 343 14.90 35.48 -19.76
CA PRO B 343 14.47 35.12 -21.12
C PRO B 343 15.04 33.76 -21.47
N ARG B 344 14.36 33.04 -22.38
CA ARG B 344 14.87 31.73 -22.75
C ARG B 344 16.20 31.85 -23.51
N SER B 345 16.54 33.05 -23.98
CA SER B 345 17.86 33.28 -24.55
C SER B 345 18.96 32.98 -23.54
N LEU B 346 18.70 33.21 -22.26
CA LEU B 346 19.67 32.96 -21.21
C LEU B 346 19.51 31.55 -20.62
N SER B 347 18.30 31.23 -20.16
CA SER B 347 18.06 29.95 -19.52
C SER B 347 18.38 28.79 -20.46
N ARG B 348 18.41 29.03 -21.77
CA ARG B 348 18.87 28.00 -22.70
C ARG B 348 20.19 27.41 -22.25
N TRP B 349 21.20 28.26 -22.10
CA TRP B 349 22.55 27.79 -21.77
C TRP B 349 22.99 27.87 -20.31
N ILE B 350 22.27 28.63 -19.48
CA ILE B 350 22.66 28.69 -18.07
C ILE B 350 22.13 27.50 -17.30
N SER B 351 20.84 27.25 -17.51
CA SER B 351 20.07 26.22 -16.85
C SER B 351 19.35 25.23 -17.75
N PRO B 352 20.11 24.62 -18.70
CA PRO B 352 19.41 23.66 -19.57
C PRO B 352 18.87 22.48 -18.78
N LYS B 353 19.57 22.07 -17.73
CA LYS B 353 19.09 20.97 -16.90
C LYS B 353 17.70 21.27 -16.35
N VAL B 354 17.48 22.49 -15.86
CA VAL B 354 16.16 22.86 -15.35
C VAL B 354 15.12 22.76 -16.44
N TRP B 355 15.48 23.03 -17.70
CA TRP B 355 14.55 22.83 -18.79
C TRP B 355 14.20 21.35 -18.93
N LYS B 356 15.20 20.48 -18.87
CA LYS B 356 14.91 19.04 -18.87
C LYS B 356 14.04 18.67 -17.68
N GLU B 357 14.39 19.18 -16.50
CA GLU B 357 13.57 18.94 -15.31
C GLU B 357 12.16 19.46 -15.51
N HIS B 358 12.03 20.67 -16.05
CA HIS B 358 10.71 21.28 -16.24
C HIS B 358 9.83 20.44 -17.15
N PHE B 359 10.37 20.00 -18.29
CA PHE B 359 9.54 19.30 -19.27
C PHE B 359 9.14 17.91 -18.77
N GLU B 360 10.06 17.22 -18.09
CA GLU B 360 9.71 15.89 -17.60
C GLU B 360 8.63 15.96 -16.54
N ALA B 361 8.61 17.04 -15.75
CA ALA B 361 7.45 17.29 -14.90
C ALA B 361 6.19 17.36 -15.74
N TRP B 362 6.13 18.32 -16.67
CA TRP B 362 4.98 18.43 -17.55
C TRP B 362 4.68 17.11 -18.26
N ASP B 363 5.73 16.40 -18.66
CA ASP B 363 5.53 15.09 -19.29
C ASP B 363 4.69 14.18 -18.38
N CYS B 364 5.06 14.10 -17.09
CA CYS B 364 4.28 13.28 -16.18
C CYS B 364 2.87 13.84 -16.00
N ILE B 365 2.75 15.17 -15.92
CA ILE B 365 1.44 15.79 -15.74
C ILE B 365 0.54 15.45 -16.92
N PHE B 366 1.00 15.73 -18.14
CA PHE B 366 0.19 15.51 -19.32
C PHE B 366 -0.13 14.03 -19.52
N GLN B 367 0.69 13.13 -18.96
CA GLN B 367 0.35 11.71 -18.98
C GLN B 367 -0.85 11.43 -18.09
N TYR B 368 -0.88 12.04 -16.89
CA TYR B 368 -2.01 11.85 -15.99
C TYR B 368 -3.28 12.42 -16.59
N GLY B 369 -3.22 13.63 -17.14
CA GLY B 369 -4.43 14.25 -17.65
C GLY B 369 -4.91 13.62 -18.93
N ASP B 370 -3.98 13.35 -19.87
CA ASP B 370 -4.41 12.77 -21.14
C ASP B 370 -5.16 11.46 -20.93
N ASN B 371 -4.83 10.71 -19.89
CA ASN B 371 -5.48 9.42 -19.73
C ASN B 371 -6.88 9.57 -19.13
N CYS B 372 -7.13 10.58 -18.28
CA CYS B 372 -8.51 10.81 -17.87
C CYS B 372 -9.38 11.20 -19.06
N ILE B 373 -8.82 11.83 -20.08
CA ILE B 373 -9.63 12.25 -21.22
C ILE B 373 -9.75 11.12 -22.26
N GLN B 374 -8.68 10.41 -22.59
CA GLN B 374 -8.86 9.26 -23.46
C GLN B 374 -9.81 8.25 -22.84
N LYS B 375 -9.91 8.24 -21.51
CA LYS B 375 -10.90 7.42 -20.82
C LYS B 375 -12.32 7.85 -21.18
N ILE B 376 -12.59 9.15 -21.13
CA ILE B 376 -13.95 9.65 -21.28
C ILE B 376 -14.31 9.86 -22.74
N TYR B 377 -13.38 10.34 -23.57
CA TYR B 377 -13.67 10.46 -24.99
C TYR B 377 -14.16 9.13 -25.55
N GLN B 378 -13.63 8.02 -25.05
CA GLN B 378 -14.04 6.71 -25.55
C GLN B 378 -15.41 6.32 -25.02
N GLU B 379 -15.62 6.64 -23.77
CA GLU B 379 -16.86 6.32 -23.19
C GLU B 379 -17.97 7.01 -23.94
N LEU B 380 -17.86 8.28 -24.00
CA LEU B 380 -18.90 9.13 -24.60
C LEU B 380 -19.13 8.77 -26.06
N ALA B 381 -18.07 8.37 -26.77
CA ALA B 381 -18.21 7.98 -28.16
C ALA B 381 -19.30 6.92 -28.32
N PHE B 382 -19.38 5.97 -27.38
CA PHE B 382 -20.29 4.85 -27.52
C PHE B 382 -21.63 5.04 -26.84
N ASN B 383 -21.76 5.99 -25.92
CA ASN B 383 -23.08 6.32 -25.41
C ASN B 383 -23.07 7.68 -24.77
N ARG B 384 -23.96 8.55 -25.25
CA ARG B 384 -24.18 9.84 -24.65
C ARG B 384 -25.19 9.67 -23.50
N PRO B 385 -24.82 9.97 -22.26
CA PRO B 385 -25.72 9.74 -21.14
C PRO B 385 -26.79 10.82 -21.03
N GLN B 386 -27.89 10.45 -20.38
CA GLN B 386 -29.02 11.35 -20.17
C GLN B 386 -28.98 12.03 -18.80
N HIS B 387 -27.95 11.77 -18.00
CA HIS B 387 -27.75 12.39 -16.70
C HIS B 387 -26.41 13.11 -16.70
N TYR B 388 -26.18 13.90 -15.65
CA TYR B 388 -24.92 14.63 -15.55
C TYR B 388 -23.78 13.67 -15.19
N THR B 389 -22.70 13.76 -15.95
CA THR B 389 -21.55 12.88 -15.78
C THR B 389 -20.25 13.67 -15.66
N GLY B 390 -20.33 14.93 -15.26
CA GLY B 390 -19.16 15.74 -15.02
C GLY B 390 -19.04 16.88 -16.02
N ILE B 391 -18.08 17.75 -15.71
CA ILE B 391 -17.92 18.99 -16.45
C ILE B 391 -17.45 18.73 -17.87
N VAL B 392 -16.36 17.96 -18.03
CA VAL B 392 -15.82 17.82 -19.38
C VAL B 392 -16.81 17.07 -20.27
N ALA B 393 -17.56 16.13 -19.68
CA ALA B 393 -18.58 15.42 -20.45
C ALA B 393 -19.46 16.41 -21.19
N GLU B 394 -19.91 17.47 -20.52
CA GLU B 394 -20.71 18.49 -21.19
C GLU B 394 -19.94 19.11 -22.35
N LEU B 395 -18.76 19.67 -22.09
CA LEU B 395 -18.00 20.32 -23.15
C LEU B 395 -17.83 19.41 -24.35
N LEU B 396 -17.45 18.15 -24.12
CA LEU B 396 -17.30 17.21 -25.22
C LEU B 396 -18.63 17.01 -25.94
N LEU B 397 -19.73 16.84 -25.19
CA LEU B 397 -21.03 16.67 -25.83
C LEU B 397 -21.40 17.91 -26.64
N LYS B 398 -21.31 19.09 -26.03
CA LYS B 398 -21.61 20.31 -26.77
C LYS B 398 -20.77 20.41 -28.04
N ALA B 399 -19.48 20.10 -27.94
CA ALA B 399 -18.58 20.10 -29.09
C ALA B 399 -18.49 21.49 -29.72
N GLU B 400 -18.53 22.52 -28.89
CA GLU B 400 -18.31 23.89 -29.34
C GLU B 400 -16.83 24.24 -29.39
N LEU B 401 -15.96 23.33 -28.97
CA LEU B 401 -14.51 23.54 -29.00
C LEU B 401 -13.84 22.38 -29.73
N SER B 402 -12.75 22.69 -30.43
CA SER B 402 -11.91 21.64 -30.98
C SER B 402 -11.46 20.72 -29.86
N LEU B 403 -11.38 19.42 -30.15
CA LEU B 403 -10.95 18.50 -29.09
C LEU B 403 -9.56 18.86 -28.60
N GLU B 404 -8.66 19.27 -29.49
CA GLU B 404 -7.35 19.73 -29.04
C GLU B 404 -7.48 20.93 -28.10
N ALA B 405 -8.58 21.67 -28.18
CA ALA B 405 -8.84 22.78 -27.27
C ALA B 405 -9.57 22.33 -26.00
N ILE B 406 -10.32 21.23 -26.06
CA ILE B 406 -10.86 20.65 -24.84
C ILE B 406 -9.76 19.93 -24.07
N LYS B 407 -8.88 19.24 -24.79
CA LYS B 407 -7.74 18.59 -24.16
C LYS B 407 -6.91 19.59 -23.37
N ALA B 408 -6.67 20.77 -23.95
CA ALA B 408 -5.78 21.75 -23.32
C ALA B 408 -6.43 22.37 -22.09
N ASN B 409 -7.73 22.62 -22.12
CA ASN B 409 -8.39 23.18 -20.95
C ASN B 409 -8.63 22.10 -19.91
N SER B 410 -8.94 20.88 -20.36
CA SER B 410 -9.06 19.76 -19.44
C SER B 410 -7.78 19.53 -18.64
N MET B 411 -6.62 19.92 -19.22
CA MET B 411 -5.34 19.80 -18.55
C MET B 411 -5.18 20.92 -17.52
N GLU B 412 -5.40 22.03 -17.98
CA GLU B 412 -5.31 23.19 -17.10
C GLU B 412 -6.18 22.97 -15.88
N LEU B 413 -7.37 22.38 -16.05
CA LEU B 413 -8.27 22.17 -14.92
C LEU B 413 -7.83 21.01 -14.04
N THR B 414 -7.36 19.91 -14.65
CA THR B 414 -6.94 18.78 -13.87
C THR B 414 -5.71 19.10 -13.03
N ALA B 415 -4.86 20.01 -13.50
CA ALA B 415 -3.61 20.36 -12.84
C ALA B 415 -3.74 21.57 -11.93
N GLY B 416 -4.67 22.48 -12.22
CA GLY B 416 -4.83 23.65 -11.37
C GLY B 416 -5.66 23.41 -10.13
N SER B 417 -6.36 22.29 -10.06
CA SER B 417 -7.35 22.03 -9.03
C SER B 417 -6.81 21.25 -7.84
N VAL B 418 -5.49 21.18 -7.69
CA VAL B 418 -4.93 20.41 -6.59
C VAL B 418 -4.19 21.25 -5.54
N ASP B 419 -3.08 21.87 -5.91
CA ASP B 419 -2.34 22.66 -4.93
C ASP B 419 -3.09 23.93 -4.55
N THR B 420 -3.71 24.61 -5.52
CA THR B 420 -4.35 25.87 -5.21
C THR B 420 -5.57 25.69 -4.31
N THR B 421 -6.22 24.54 -4.37
CA THR B 421 -7.38 24.27 -3.52
C THR B 421 -7.01 23.69 -2.17
N ALA B 422 -5.91 22.92 -2.08
CA ALA B 422 -5.64 22.17 -0.86
C ALA B 422 -4.88 22.99 0.18
N PHE B 423 -4.04 23.93 -0.24
CA PHE B 423 -3.28 24.72 0.72
C PHE B 423 -4.20 25.67 1.47
N PRO B 424 -5.14 26.35 0.79
CA PRO B 424 -6.12 27.16 1.55
C PRO B 424 -6.94 26.33 2.52
N LEU B 425 -7.26 25.11 2.16
CA LEU B 425 -8.02 24.22 3.01
C LEU B 425 -7.27 23.84 4.28
N LEU B 426 -5.99 23.62 4.20
CA LEU B 426 -5.17 23.33 5.37
C LEU B 426 -5.12 24.52 6.31
N MET B 427 -4.77 25.63 5.62
CA MET B 427 -4.62 26.77 6.51
C MET B 427 -5.92 27.09 7.23
N THR B 428 -7.16 26.86 6.68
CA THR B 428 -8.45 27.05 7.35
C THR B 428 -8.57 26.14 8.55
N LEU B 429 -8.39 24.83 8.36
CA LEU B 429 -8.34 23.92 9.49
C LEU B 429 -7.40 24.46 10.58
N PHE B 430 -6.19 24.84 10.16
CA PHE B 430 -5.19 25.32 11.10
C PHE B 430 -5.67 26.51 11.89
N GLU B 431 -6.31 27.48 11.23
CA GLU B 431 -6.74 28.67 11.94
C GLU B 431 -7.95 28.38 12.83
N LEU B 432 -8.77 27.40 12.45
CA LEU B 432 -9.85 26.98 13.34
C LEU B 432 -9.31 26.26 14.57
N ALA B 433 -8.22 25.51 14.43
CA ALA B 433 -7.59 24.91 15.61
C ALA B 433 -6.94 25.97 16.47
N ARG B 434 -6.48 27.06 15.86
CA ARG B 434 -5.86 28.17 16.58
C ARG B 434 -6.90 29.09 17.22
N ASN B 435 -8.09 29.15 16.64
CA ASN B 435 -9.16 30.06 17.08
C ASN B 435 -10.35 29.20 17.49
N PRO B 436 -10.35 28.65 18.71
CA PRO B 436 -11.48 27.81 19.13
C PRO B 436 -12.79 28.57 19.14
N ASP B 437 -12.76 29.87 19.41
CA ASP B 437 -13.98 30.67 19.39
C ASP B 437 -14.68 30.54 18.05
N VAL B 438 -13.96 30.84 16.96
CA VAL B 438 -14.52 30.85 15.62
C VAL B 438 -15.01 29.45 15.24
N GLN B 439 -14.27 28.42 15.63
CA GLN B 439 -14.70 27.06 15.32
C GLN B 439 -16.11 26.82 15.84
N GLN B 440 -16.34 27.02 17.14
CA GLN B 440 -17.62 26.66 17.72
C GLN B 440 -18.78 27.41 17.08
N ILE B 441 -18.51 28.55 16.43
CA ILE B 441 -19.59 29.28 15.76
C ILE B 441 -19.84 28.72 14.38
N LEU B 442 -18.77 28.35 13.66
CA LEU B 442 -18.95 27.68 12.38
C LEU B 442 -19.58 26.31 12.56
N ARG B 443 -19.36 25.69 13.72
CA ARG B 443 -19.97 24.39 14.00
C ARG B 443 -21.47 24.53 14.19
N GLN B 444 -21.90 25.42 15.08
CA GLN B 444 -23.33 25.68 15.26
C GLN B 444 -24.00 25.90 13.91
N GLU B 445 -23.43 26.79 13.09
CA GLU B 445 -23.99 27.04 11.76
C GLU B 445 -24.13 25.75 10.97
N SER B 446 -23.11 24.89 11.01
CA SER B 446 -23.13 23.68 10.19
C SER B 446 -24.14 22.68 10.72
N LEU B 447 -24.08 22.38 12.03
CA LEU B 447 -25.08 21.50 12.63
C LEU B 447 -26.48 22.01 12.37
N ALA B 448 -26.71 23.31 12.61
CA ALA B 448 -28.00 23.91 12.29
C ALA B 448 -28.45 23.57 10.89
N ALA B 449 -27.60 23.83 9.89
CA ALA B 449 -27.95 23.61 8.50
C ALA B 449 -27.70 22.17 8.05
N ALA B 450 -27.33 21.28 8.97
CA ALA B 450 -26.89 19.94 8.58
C ALA B 450 -27.98 19.19 7.83
N ALA B 451 -29.16 19.04 8.44
CA ALA B 451 -30.22 18.26 7.82
C ALA B 451 -30.69 18.91 6.52
N SER B 452 -30.73 20.25 6.49
CA SER B 452 -31.12 20.94 5.26
C SER B 452 -30.17 20.58 4.12
N ILE B 453 -28.90 20.38 4.43
CA ILE B 453 -27.89 20.13 3.39
C ILE B 453 -27.80 18.66 3.03
N SER B 454 -27.94 17.77 4.02
CA SER B 454 -27.99 16.35 3.73
C SER B 454 -29.15 16.02 2.81
N GLU B 455 -30.25 16.77 2.92
CA GLU B 455 -31.43 16.50 2.09
C GLU B 455 -31.23 17.01 0.67
N HIS B 456 -30.60 18.17 0.51
CA HIS B 456 -30.20 18.64 -0.82
C HIS B 456 -28.91 19.45 -0.70
N PRO B 457 -27.81 18.86 -1.17
CA PRO B 457 -26.49 19.50 -1.01
C PRO B 457 -26.40 20.92 -1.53
N GLN B 458 -27.18 21.27 -2.54
CA GLN B 458 -27.03 22.58 -3.18
C GLN B 458 -27.17 23.73 -2.19
N LYS B 459 -27.86 23.52 -1.07
CA LYS B 459 -28.12 24.59 -0.12
C LYS B 459 -26.87 25.05 0.63
N ALA B 460 -25.77 24.30 0.52
CA ALA B 460 -24.53 24.74 1.16
C ALA B 460 -24.11 26.12 0.68
N THR B 461 -24.43 26.46 -0.57
CA THR B 461 -24.13 27.79 -1.08
C THR B 461 -24.77 28.87 -0.22
N THR B 462 -25.95 28.61 0.33
CA THR B 462 -26.79 29.61 0.97
C THR B 462 -26.81 29.52 2.49
N GLU B 463 -26.96 28.31 3.03
CA GLU B 463 -27.19 28.14 4.47
C GLU B 463 -25.91 28.19 5.29
N LEU B 464 -24.78 28.44 4.63
CA LEU B 464 -23.49 28.55 5.25
C LEU B 464 -22.75 29.83 4.86
N PRO B 465 -23.24 30.99 5.37
CA PRO B 465 -22.57 32.24 4.98
C PRO B 465 -21.30 32.51 5.77
N LEU B 466 -21.31 32.12 7.06
CA LEU B 466 -20.17 32.41 7.92
C LEU B 466 -18.96 31.57 7.55
N LEU B 467 -19.17 30.32 7.11
CA LEU B 467 -18.07 29.51 6.64
C LEU B 467 -17.43 30.11 5.40
N ARG B 468 -18.25 30.59 4.47
CA ARG B 468 -17.73 31.23 3.27
C ARG B 468 -16.95 32.49 3.61
N ALA B 469 -17.32 33.18 4.69
CA ALA B 469 -16.52 34.31 5.16
C ALA B 469 -15.18 33.84 5.71
N ALA B 470 -15.12 32.61 6.23
CA ALA B 470 -13.86 32.09 6.74
C ALA B 470 -12.88 31.75 5.62
N LEU B 471 -13.40 31.39 4.43
CA LEU B 471 -12.51 31.14 3.31
C LEU B 471 -11.93 32.44 2.76
N LYS B 472 -12.67 33.55 2.88
CA LYS B 472 -12.10 34.85 2.53
C LYS B 472 -11.03 35.26 3.53
N GLU B 473 -11.18 34.84 4.78
CA GLU B 473 -10.22 35.18 5.82
C GLU B 473 -8.91 34.40 5.64
N THR B 474 -9.00 33.13 5.27
CA THR B 474 -7.78 32.37 5.00
C THR B 474 -7.08 32.90 3.76
N LEU B 475 -7.82 33.11 2.67
CA LEU B 475 -7.16 33.58 1.46
C LEU B 475 -6.75 35.04 1.56
N ARG B 476 -7.31 35.79 2.51
CA ARG B 476 -6.77 37.11 2.81
C ARG B 476 -5.37 36.98 3.39
N LEU B 477 -5.24 36.22 4.48
CA LEU B 477 -3.95 36.09 5.15
C LEU B 477 -2.98 35.22 4.37
N TYR B 478 -3.47 34.18 3.71
CA TYR B 478 -2.63 33.19 3.05
C TYR B 478 -3.07 33.01 1.59
N PRO B 479 -2.84 34.02 0.75
CA PRO B 479 -3.35 33.94 -0.63
C PRO B 479 -2.47 33.12 -1.55
N VAL B 480 -2.84 31.85 -1.78
CA VAL B 480 -1.99 30.97 -2.60
C VAL B 480 -1.79 31.56 -3.99
N GLY B 481 -2.74 32.35 -4.47
CA GLY B 481 -2.49 33.21 -5.61
C GLY B 481 -1.92 34.52 -5.11
N LEU B 482 -0.66 34.79 -5.41
CA LEU B 482 0.00 35.95 -4.83
C LEU B 482 -0.33 37.23 -5.60
N PHE B 483 -0.24 37.18 -6.91
CA PHE B 483 -0.39 38.37 -7.72
C PHE B 483 -1.49 38.20 -8.76
N LEU B 484 -2.14 39.33 -9.03
CA LEU B 484 -2.93 39.52 -10.23
C LEU B 484 -2.12 40.41 -11.16
N GLU B 485 -2.05 40.06 -12.43
CA GLU B 485 -1.24 40.78 -13.40
C GLU B 485 -2.09 41.23 -14.56
N ARG B 486 -1.84 42.46 -15.04
CA ARG B 486 -2.53 42.96 -16.21
C ARG B 486 -1.58 43.84 -17.02
N VAL B 487 -1.38 43.48 -18.28
CA VAL B 487 -0.83 44.41 -19.27
C VAL B 487 -1.97 45.33 -19.69
N VAL B 488 -1.83 46.62 -19.38
CA VAL B 488 -2.91 47.56 -19.64
C VAL B 488 -3.00 47.84 -21.13
N SER B 489 -4.16 48.22 -21.61
CA SER B 489 -4.35 48.46 -23.03
C SER B 489 -4.47 49.95 -23.34
N SER B 490 -4.27 50.83 -22.37
CA SER B 490 -4.43 52.27 -22.58
C SER B 490 -3.87 53.03 -21.39
N ASP B 491 -3.38 54.24 -21.63
CA ASP B 491 -2.92 55.07 -20.53
C ASP B 491 -4.02 55.20 -19.48
N LEU B 492 -3.69 54.83 -18.25
CA LEU B 492 -4.55 55.03 -17.10
C LEU B 492 -3.73 55.75 -16.04
N VAL B 493 -4.25 55.88 -14.82
CA VAL B 493 -3.41 56.38 -13.72
C VAL B 493 -3.94 55.84 -12.40
N LEU B 494 -3.02 55.50 -11.52
CA LEU B 494 -3.31 55.01 -10.19
C LEU B 494 -2.47 55.77 -9.18
N GLN B 495 -3.07 56.26 -8.10
CA GLN B 495 -2.35 57.06 -7.11
C GLN B 495 -1.58 58.20 -7.76
N ASN B 496 -2.17 58.79 -8.82
CA ASN B 496 -1.65 60.01 -9.44
C ASN B 496 -0.21 59.85 -9.95
N TYR B 497 0.10 58.67 -10.48
CA TYR B 497 1.37 58.46 -11.18
C TYR B 497 1.00 57.93 -12.57
N HIS B 498 1.01 58.80 -13.57
CA HIS B 498 0.60 58.40 -14.92
C HIS B 498 1.15 57.03 -15.27
N ILE B 499 0.27 56.16 -15.75
CA ILE B 499 0.67 54.80 -16.12
C ILE B 499 0.46 54.61 -17.61
N PRO B 500 1.50 54.56 -18.42
CA PRO B 500 1.31 54.46 -19.87
C PRO B 500 0.84 53.08 -20.29
N ALA B 501 0.24 53.04 -21.48
CA ALA B 501 -0.25 51.78 -22.03
C ALA B 501 0.90 50.81 -22.27
N GLY B 502 0.58 49.52 -22.19
CA GLY B 502 1.58 48.49 -22.34
C GLY B 502 2.36 48.16 -21.10
N THR B 503 1.92 48.68 -19.95
CA THR B 503 2.63 48.50 -18.69
C THR B 503 2.05 47.32 -17.92
N LEU B 504 2.91 46.58 -17.24
CA LEU B 504 2.45 45.52 -16.36
C LEU B 504 2.09 46.11 -15.01
N VAL B 505 0.92 45.74 -14.49
CA VAL B 505 0.53 46.10 -13.14
C VAL B 505 0.32 44.81 -12.35
N GLN B 506 0.74 44.81 -11.09
CA GLN B 506 0.70 43.63 -10.25
C GLN B 506 0.07 43.98 -8.92
N VAL B 507 -0.86 43.14 -8.48
CA VAL B 507 -1.55 43.31 -7.22
C VAL B 507 -0.95 42.31 -6.23
N PHE B 508 -0.15 42.82 -5.30
CA PHE B 508 0.47 41.96 -4.30
C PHE B 508 -0.55 41.70 -3.21
N LEU B 509 -1.22 40.55 -3.28
CA LEU B 509 -2.34 40.28 -2.38
C LEU B 509 -1.89 40.10 -0.93
N TYR B 510 -0.66 39.64 -0.71
CA TYR B 510 -0.17 39.45 0.65
C TYR B 510 -0.21 40.78 1.40
N SER B 511 0.49 41.79 0.89
CA SER B 511 0.47 43.10 1.54
C SER B 511 -0.92 43.72 1.50
N LEU B 512 -1.71 43.41 0.48
CA LEU B 512 -3.09 43.86 0.43
C LEU B 512 -3.87 43.38 1.65
N GLY B 513 -3.78 42.08 1.94
CA GLY B 513 -4.58 41.50 3.00
C GLY B 513 -4.19 41.97 4.39
N ARG B 514 -2.98 42.49 4.56
CA ARG B 514 -2.49 42.85 5.87
C ARG B 514 -2.40 44.35 6.09
N ASN B 515 -3.10 45.13 5.29
CA ASN B 515 -3.09 46.58 5.52
C ASN B 515 -4.11 46.90 6.60
N ALA B 516 -3.61 47.22 7.81
CA ALA B 516 -4.48 47.43 8.95
C ALA B 516 -5.52 48.52 8.71
N ALA B 517 -5.31 49.39 7.72
CA ALA B 517 -6.24 50.50 7.50
C ALA B 517 -7.59 50.01 6.99
N LEU B 518 -7.58 49.01 6.11
CA LEU B 518 -8.83 48.42 5.65
C LEU B 518 -9.24 47.21 6.45
N PHE B 519 -8.28 46.51 7.05
CA PHE B 519 -8.54 45.30 7.82
C PHE B 519 -8.07 45.53 9.25
N PRO B 520 -8.92 46.08 10.09
CA PRO B 520 -8.56 46.33 11.48
C PRO B 520 -7.98 45.12 12.17
N ARG B 521 -6.81 45.19 12.82
CA ARG B 521 -6.09 44.06 13.43
C ARG B 521 -5.88 42.99 12.40
N PRO B 522 -4.99 43.28 11.43
CA PRO B 522 -5.02 42.41 10.25
C PRO B 522 -4.67 40.96 10.55
N GLU B 523 -3.74 40.70 11.46
CA GLU B 523 -3.34 39.32 11.72
C GLU B 523 -4.36 38.55 12.56
N ARG B 524 -5.46 39.19 12.93
CA ARG B 524 -6.52 38.51 13.68
C ARG B 524 -7.44 37.78 12.71
N TYR B 525 -7.73 36.51 13.02
CA TYR B 525 -8.60 35.68 12.19
C TYR B 525 -10.04 35.91 12.62
N ASN B 526 -10.80 36.64 11.81
CA ASN B 526 -12.16 37.04 12.17
C ASN B 526 -13.05 37.05 10.93
N PRO B 527 -13.74 35.94 10.67
CA PRO B 527 -14.56 35.88 9.44
C PRO B 527 -15.71 36.87 9.44
N GLN B 528 -16.25 37.24 10.61
CA GLN B 528 -17.38 38.17 10.65
C GLN B 528 -17.05 39.46 9.91
N ARG B 529 -15.77 39.85 9.87
CA ARG B 529 -15.37 41.08 9.21
C ARG B 529 -15.85 41.17 7.77
N TRP B 530 -16.16 40.03 7.14
CA TRP B 530 -16.62 40.03 5.76
C TRP B 530 -18.12 40.23 5.63
N LEU B 531 -18.86 40.08 6.71
CA LEU B 531 -20.26 40.46 6.74
C LEU B 531 -20.45 41.89 7.21
N ASP B 532 -19.44 42.47 7.84
CA ASP B 532 -19.42 43.84 8.22
C ASP B 532 -18.87 44.68 7.06
N ILE B 533 -18.11 44.07 6.17
CA ILE B 533 -17.59 44.72 5.00
C ILE B 533 -18.67 44.71 3.95
N ARG B 534 -19.61 43.81 4.07
CA ARG B 534 -20.64 43.76 3.15
C ARG B 534 -21.57 44.84 3.51
N GLY B 535 -21.63 45.23 4.78
CA GLY B 535 -22.51 46.28 5.26
C GLY B 535 -22.11 47.59 4.69
N SER B 536 -21.16 48.26 5.32
CA SER B 536 -20.66 49.50 4.78
C SER B 536 -20.13 49.06 3.47
N GLY B 537 -20.83 49.33 2.38
CA GLY B 537 -20.36 48.92 1.06
C GLY B 537 -18.94 49.33 0.67
N ARG B 538 -17.99 48.38 0.68
CA ARG B 538 -16.60 48.65 0.28
C ARG B 538 -16.28 47.75 -0.90
N ASN B 539 -15.68 48.30 -1.96
CA ASN B 539 -15.42 47.53 -3.14
C ASN B 539 -14.01 46.92 -3.19
N PHE B 540 -13.87 45.80 -3.89
CA PHE B 540 -12.67 45.07 -4.14
C PHE B 540 -11.88 44.69 -2.94
N HIS B 541 -12.53 44.10 -1.94
CA HIS B 541 -11.78 43.67 -0.79
C HIS B 541 -11.45 42.19 -0.84
N HIS B 542 -12.23 41.39 -1.55
CA HIS B 542 -11.98 39.99 -1.65
C HIS B 542 -11.64 39.68 -3.06
N VAL B 543 -10.36 39.64 -3.41
CA VAL B 543 -9.91 39.43 -4.74
C VAL B 543 -8.89 38.32 -5.00
N PRO B 544 -8.90 37.17 -4.27
CA PRO B 544 -7.84 36.23 -4.62
C PRO B 544 -8.05 35.46 -5.87
N PHE B 545 -9.24 35.44 -6.43
CA PHE B 545 -9.52 34.77 -7.69
C PHE B 545 -9.39 35.68 -8.90
N GLY B 546 -9.23 36.98 -8.67
CA GLY B 546 -9.11 37.94 -9.74
C GLY B 546 -10.35 38.81 -9.89
N PHE B 547 -10.50 39.32 -11.11
CA PHE B 547 -11.60 40.21 -11.43
C PHE B 547 -11.79 40.17 -12.95
N GLY B 548 -12.90 40.73 -13.40
CA GLY B 548 -13.13 40.70 -14.84
C GLY B 548 -13.45 39.27 -15.29
N MET B 549 -13.19 39.02 -16.58
CA MET B 549 -13.50 37.72 -17.17
C MET B 549 -12.29 36.81 -17.30
N ARG B 550 -11.09 37.25 -16.94
CA ARG B 550 -9.98 36.35 -16.69
C ARG B 550 -9.93 35.92 -15.23
N GLN B 551 -11.00 36.21 -14.46
CA GLN B 551 -11.11 35.82 -13.04
C GLN B 551 -11.22 34.30 -13.04
N CYS B 552 -10.69 33.63 -12.04
CA CYS B 552 -10.43 32.20 -11.95
C CYS B 552 -11.64 31.38 -12.38
N LEU B 553 -11.41 30.44 -13.30
CA LEU B 553 -12.49 29.60 -13.81
C LEU B 553 -12.90 28.53 -12.81
N GLY B 554 -12.00 28.13 -11.92
CA GLY B 554 -12.29 27.18 -10.87
C GLY B 554 -12.78 27.81 -9.58
N ARG B 555 -13.08 29.11 -9.62
CA ARG B 555 -13.51 29.83 -8.43
C ARG B 555 -14.55 29.07 -7.62
N ARG B 556 -15.63 28.64 -8.26
CA ARG B 556 -16.73 28.04 -7.54
C ARG B 556 -16.60 26.53 -7.37
N LEU B 557 -15.71 25.89 -8.14
CA LEU B 557 -15.36 24.50 -7.84
C LEU B 557 -14.46 24.42 -6.62
N ALA B 558 -13.50 25.33 -6.50
CA ALA B 558 -12.67 25.38 -5.30
C ALA B 558 -13.54 25.62 -4.07
N GLU B 559 -14.40 26.65 -4.12
CA GLU B 559 -15.29 26.91 -3.00
C GLU B 559 -16.10 25.68 -2.63
N ALA B 560 -16.60 24.95 -3.63
CA ALA B 560 -17.39 23.76 -3.37
C ALA B 560 -16.55 22.72 -2.63
N GLU B 561 -15.40 22.36 -3.18
CA GLU B 561 -14.54 21.37 -2.55
C GLU B 561 -14.21 21.75 -1.11
N MET B 562 -13.85 23.03 -0.88
CA MET B 562 -13.45 23.46 0.44
C MET B 562 -14.64 23.49 1.39
N LEU B 563 -15.74 24.13 0.98
CA LEU B 563 -16.85 24.37 1.89
C LEU B 563 -17.40 23.09 2.51
N LEU B 564 -17.62 22.07 1.67
CA LEU B 564 -18.32 20.90 2.16
C LEU B 564 -17.43 20.02 3.02
N LEU B 565 -16.15 19.87 2.64
CA LEU B 565 -15.24 19.13 3.49
C LEU B 565 -15.24 19.70 4.90
N LEU B 566 -15.04 21.02 5.02
CA LEU B 566 -15.01 21.63 6.34
C LEU B 566 -16.37 21.53 7.02
N HIS B 567 -17.45 21.69 6.26
CA HIS B 567 -18.78 21.54 6.84
C HIS B 567 -18.93 20.15 7.44
N HIS B 568 -18.64 19.10 6.65
CA HIS B 568 -18.79 17.74 7.14
C HIS B 568 -17.82 17.42 8.28
N VAL B 569 -16.69 18.13 8.36
CA VAL B 569 -15.75 17.90 9.45
C VAL B 569 -16.20 18.57 10.73
N LEU B 570 -16.89 19.70 10.64
CA LEU B 570 -17.26 20.43 11.84
C LEU B 570 -18.41 19.76 12.59
N LYS B 571 -19.32 19.11 11.88
CA LYS B 571 -20.46 18.48 12.52
C LYS B 571 -20.13 17.12 13.13
N HIS B 572 -18.90 16.64 12.98
CA HIS B 572 -18.48 15.39 13.58
C HIS B 572 -17.25 15.50 14.46
N PHE B 573 -16.35 16.46 14.19
CA PHE B 573 -15.07 16.52 14.87
C PHE B 573 -14.80 17.86 15.52
N LEU B 574 -13.96 17.83 16.56
CA LEU B 574 -13.31 19.00 17.13
C LEU B 574 -11.87 19.03 16.63
N VAL B 575 -11.40 20.21 16.21
CA VAL B 575 -10.05 20.36 15.67
C VAL B 575 -9.24 21.21 16.63
N GLU B 576 -8.09 20.68 17.05
CA GLU B 576 -7.25 21.31 18.06
C GLU B 576 -5.80 21.22 17.63
N THR B 577 -4.94 21.95 18.35
CA THR B 577 -3.51 21.91 18.07
C THR B 577 -2.75 22.66 19.14
N LEU B 578 -1.55 22.18 19.43
CA LEU B 578 -0.63 22.88 20.32
C LEU B 578 0.30 23.83 19.58
N THR B 579 0.57 23.55 18.31
CA THR B 579 1.45 24.39 17.52
C THR B 579 0.71 25.62 17.04
N GLN B 580 0.67 26.65 17.87
CA GLN B 580 -0.04 27.87 17.50
C GLN B 580 0.92 29.02 17.17
N GLU B 581 2.21 28.72 17.03
CA GLU B 581 3.09 29.63 16.30
C GLU B 581 2.57 29.85 14.88
N ASP B 582 2.99 30.96 14.29
CA ASP B 582 2.64 31.24 12.90
C ASP B 582 3.37 30.29 11.96
N ILE B 583 2.79 30.06 10.82
CA ILE B 583 3.37 29.17 9.91
C ILE B 583 4.14 29.95 8.88
N LYS B 584 5.41 29.68 8.73
CA LYS B 584 6.25 30.28 7.71
C LYS B 584 5.76 29.82 6.34
N MET B 585 5.61 30.76 5.41
CA MET B 585 5.11 30.41 4.07
C MET B 585 6.15 30.69 2.99
N VAL B 586 6.24 29.79 2.02
CA VAL B 586 7.25 29.85 0.98
C VAL B 586 6.64 30.13 -0.39
N TYR B 587 7.22 31.07 -1.13
CA TYR B 587 6.72 31.39 -2.45
C TYR B 587 7.40 30.50 -3.50
N SER B 588 6.69 29.48 -4.02
CA SER B 588 7.27 28.65 -5.02
C SER B 588 6.30 28.62 -6.13
N PHE B 589 6.10 29.79 -6.74
CA PHE B 589 5.19 30.20 -7.83
C PHE B 589 3.87 30.66 -7.20
N ILE B 590 3.32 29.79 -6.38
CA ILE B 590 2.21 30.03 -5.55
C ILE B 590 2.68 30.16 -4.12
N LEU B 591 1.96 30.89 -3.29
CA LEU B 591 2.33 31.01 -1.91
C LEU B 591 1.77 29.84 -1.10
N ARG B 592 2.61 29.05 -0.47
CA ARG B 592 2.21 27.87 0.27
C ARG B 592 2.94 27.79 1.60
N PRO B 593 2.42 27.00 2.53
CA PRO B 593 3.12 26.81 3.81
C PRO B 593 4.32 25.87 3.67
N GLY B 594 5.40 26.22 4.37
CA GLY B 594 6.54 25.33 4.49
C GLY B 594 6.46 24.41 5.67
N THR B 595 5.55 24.72 6.59
CA THR B 595 5.22 23.90 7.75
C THR B 595 3.85 23.31 7.55
N SER B 596 3.66 22.04 7.91
CA SER B 596 2.32 21.49 7.97
C SER B 596 2.03 21.11 9.43
N PRO B 597 1.03 21.69 10.07
CA PRO B 597 0.88 21.53 11.52
C PRO B 597 0.23 20.22 11.90
N LEU B 598 0.51 19.79 13.13
CA LEU B 598 -0.04 18.54 13.66
C LEU B 598 -1.40 18.84 14.30
N LEU B 599 -2.46 18.38 13.66
CA LEU B 599 -3.83 18.69 14.07
C LEU B 599 -4.50 17.46 14.65
N THR B 600 -5.30 17.68 15.69
CA THR B 600 -6.10 16.65 16.33
C THR B 600 -7.54 16.72 15.85
N PHE B 601 -8.12 15.58 15.56
CA PHE B 601 -9.56 15.49 15.25
C PHE B 601 -10.20 14.61 16.33
N ARG B 602 -10.86 15.25 17.28
CA ARG B 602 -11.57 14.59 18.36
C ARG B 602 -13.03 14.47 17.97
N ALA B 603 -13.55 13.25 17.97
CA ALA B 603 -14.95 13.06 17.61
C ALA B 603 -15.85 13.54 18.73
N ILE B 604 -16.99 14.11 18.35
CA ILE B 604 -18.04 14.48 19.28
C ILE B 604 -19.11 13.39 19.27
N ASN B 605 -19.61 13.04 20.45
CA ASN B 605 -20.68 12.06 20.59
C ASN B 605 -21.66 12.60 21.63
N HIS B 606 -22.86 13.01 21.19
CA HIS B 606 -23.92 13.42 22.11
C HIS B 606 -25.29 13.19 21.50
N LEU C 31 -11.96 -49.73 -26.47
CA LEU C 31 -10.55 -49.81 -26.44
C LEU C 31 -10.24 -50.93 -25.52
N ASP C 32 -11.14 -51.30 -24.58
CA ASP C 32 -10.88 -52.49 -23.79
C ASP C 32 -10.59 -53.68 -24.68
N VAL C 33 -11.40 -53.81 -25.73
CA VAL C 33 -11.33 -54.87 -26.75
C VAL C 33 -9.89 -55.15 -27.14
N VAL C 34 -9.15 -54.09 -27.41
CA VAL C 34 -7.85 -54.23 -28.05
C VAL C 34 -6.78 -54.54 -27.01
N VAL C 35 -6.85 -53.91 -25.85
CA VAL C 35 -5.83 -54.16 -24.82
C VAL C 35 -6.05 -55.52 -24.17
N GLU C 36 -7.30 -55.81 -23.78
CA GLU C 36 -7.60 -57.10 -23.18
C GLU C 36 -7.08 -58.23 -24.06
N ASN C 37 -7.47 -58.21 -25.33
CA ASN C 37 -7.24 -59.29 -26.28
C ASN C 37 -5.94 -59.13 -27.06
N ASN C 38 -5.15 -58.09 -26.75
CA ASN C 38 -3.83 -57.86 -27.37
C ASN C 38 -3.89 -57.95 -28.89
N LEU C 39 -4.94 -57.39 -29.48
CA LEU C 39 -5.02 -57.28 -30.94
C LEU C 39 -3.82 -56.50 -31.45
N ASP C 40 -2.87 -57.19 -32.10
CA ASP C 40 -1.63 -56.50 -32.47
C ASP C 40 -1.89 -55.44 -33.56
N ILE C 41 -2.36 -54.27 -33.14
CA ILE C 41 -2.38 -53.07 -33.97
C ILE C 41 -1.38 -52.12 -33.35
N ASP C 42 -0.49 -51.53 -34.14
CA ASP C 42 0.67 -50.88 -33.51
C ASP C 42 0.28 -49.50 -32.98
N GLY C 43 0.29 -49.36 -31.65
CA GLY C 43 0.09 -48.07 -31.01
C GLY C 43 -1.35 -47.62 -31.02
N PHE C 44 -2.27 -48.47 -30.59
CA PHE C 44 -3.69 -48.13 -30.51
C PHE C 44 -4.01 -47.75 -29.07
N GLY C 45 -4.68 -46.61 -28.88
CA GLY C 45 -5.03 -46.13 -27.56
C GLY C 45 -3.82 -45.80 -26.69
N ALA C 46 -2.91 -44.98 -27.22
CA ALA C 46 -1.65 -44.73 -26.52
C ALA C 46 -1.86 -44.02 -25.19
N CYS C 47 -2.95 -43.27 -25.05
CA CYS C 47 -3.23 -42.47 -23.88
C CYS C 47 -3.98 -43.24 -22.79
N GLU C 48 -4.22 -44.53 -23.01
CA GLU C 48 -5.01 -45.39 -22.13
C GLU C 48 -6.36 -44.77 -21.77
N GLY C 49 -6.92 -43.94 -22.66
CA GLY C 49 -8.30 -43.50 -22.53
C GLY C 49 -8.49 -42.23 -21.75
N THR C 50 -7.76 -41.18 -22.12
CA THR C 50 -7.84 -39.89 -21.45
C THR C 50 -8.23 -38.75 -22.39
N LEU C 51 -8.55 -39.05 -23.66
CA LEU C 51 -8.75 -38.03 -24.69
C LEU C 51 -7.52 -37.13 -24.82
N ALA C 52 -6.34 -37.76 -24.78
CA ALA C 52 -5.06 -37.08 -24.96
C ALA C 52 -4.26 -37.72 -26.08
N CYS C 53 -4.94 -38.27 -27.06
CA CYS C 53 -4.33 -38.88 -28.25
C CYS C 53 -5.43 -39.13 -29.24
N SER C 54 -5.08 -39.51 -30.44
CA SER C 54 -6.12 -39.85 -31.37
C SER C 54 -5.81 -41.15 -32.02
N THR C 55 -5.15 -42.02 -31.30
CA THR C 55 -4.68 -43.31 -31.78
C THR C 55 -5.74 -44.40 -31.66
N CYS C 56 -6.97 -44.04 -31.28
CA CYS C 56 -8.08 -44.97 -31.17
C CYS C 56 -9.08 -44.77 -32.31
N HIS C 57 -8.66 -44.11 -33.38
CA HIS C 57 -9.52 -43.81 -34.50
C HIS C 57 -10.03 -45.09 -35.18
N LEU C 58 -11.32 -45.08 -35.49
CA LEU C 58 -11.95 -46.22 -36.15
C LEU C 58 -13.09 -45.73 -37.03
N ILE C 59 -13.47 -46.53 -37.99
CA ILE C 59 -14.55 -46.20 -38.86
C ILE C 59 -15.52 -47.33 -38.86
N GLU C 61 -19.10 -48.90 -40.91
CA GLU C 61 -20.41 -49.42 -41.29
C GLU C 61 -21.46 -48.40 -40.91
N ASP C 62 -22.12 -47.78 -41.87
CA ASP C 62 -23.07 -46.75 -41.56
C ASP C 62 -24.28 -47.12 -40.74
N HIS C 63 -24.70 -48.38 -40.75
CA HIS C 63 -25.84 -48.86 -39.92
C HIS C 63 -25.62 -48.91 -38.38
N ILE C 64 -24.36 -49.01 -38.03
CA ILE C 64 -23.74 -48.98 -36.71
C ILE C 64 -23.54 -47.55 -36.23
N TYR C 65 -22.97 -46.72 -37.10
CA TYR C 65 -22.53 -45.37 -36.75
C TYR C 65 -23.66 -44.36 -36.70
N GLU C 66 -24.72 -44.59 -37.43
CA GLU C 66 -25.80 -43.64 -37.48
C GLU C 66 -26.40 -43.21 -36.15
N LYS C 67 -26.35 -44.04 -35.12
CA LYS C 67 -26.89 -43.57 -33.87
C LYS C 67 -25.90 -43.80 -32.76
N LEU C 68 -24.71 -43.31 -32.99
CA LEU C 68 -23.74 -43.33 -31.93
C LEU C 68 -24.15 -42.04 -31.21
N THR C 72 -19.47 -35.52 -28.04
CA THR C 72 -19.07 -34.35 -27.28
C THR C 72 -18.17 -33.46 -28.14
N ASP C 73 -18.30 -32.14 -27.97
CA ASP C 73 -17.38 -31.27 -28.71
C ASP C 73 -15.94 -31.59 -28.37
N GLU C 74 -15.67 -31.95 -27.11
CA GLU C 74 -14.32 -32.35 -26.71
C GLU C 74 -13.79 -33.51 -27.56
N GLU C 75 -14.69 -34.37 -28.03
CA GLU C 75 -14.27 -35.48 -28.88
C GLU C 75 -13.92 -35.00 -30.28
N ASN C 76 -14.83 -34.27 -30.92
CA ASN C 76 -14.56 -33.74 -32.26
C ASN C 76 -13.30 -32.87 -32.25
N ASP C 77 -12.95 -32.39 -31.09
CA ASP C 77 -11.76 -31.63 -30.97
C ASP C 77 -10.63 -32.57 -31.23
N MET C 78 -10.59 -33.68 -30.56
CA MET C 78 -9.52 -34.65 -30.75
C MET C 78 -9.67 -35.40 -32.06
N LEU C 79 -10.91 -35.63 -32.51
CA LEU C 79 -11.13 -36.28 -33.79
C LEU C 79 -10.55 -35.45 -34.94
N ASP C 80 -10.65 -34.12 -34.85
CA ASP C 80 -10.13 -33.24 -35.89
C ASP C 80 -8.60 -33.10 -35.83
N LEU C 81 -7.90 -34.05 -35.19
CA LEU C 81 -6.46 -34.20 -35.35
C LEU C 81 -6.11 -35.68 -35.50
N ALA C 82 -7.01 -36.46 -36.10
CA ALA C 82 -6.79 -37.87 -36.41
C ALA C 82 -6.66 -38.01 -37.92
N TYR C 83 -5.54 -38.56 -38.38
CA TYR C 83 -5.35 -38.72 -39.82
C TYR C 83 -6.39 -39.68 -40.37
N GLY C 84 -6.81 -39.42 -41.61
CA GLY C 84 -7.80 -40.27 -42.25
C GLY C 84 -9.21 -40.03 -41.78
N LEU C 85 -9.55 -38.81 -41.40
CA LEU C 85 -10.89 -38.55 -40.88
C LEU C 85 -11.93 -38.79 -41.96
N THR C 86 -13.11 -39.22 -41.48
CA THR C 86 -14.16 -39.80 -42.31
C THR C 86 -15.49 -39.34 -41.76
N ASP C 87 -16.46 -39.14 -42.65
CA ASP C 87 -17.83 -38.86 -42.22
C ASP C 87 -18.35 -39.93 -41.26
N ARG C 88 -17.73 -41.11 -41.23
CA ARG C 88 -18.29 -42.27 -40.56
C ARG C 88 -17.37 -42.80 -39.46
N SER C 89 -16.59 -41.95 -38.82
CA SER C 89 -15.58 -42.44 -37.88
C SER C 89 -15.84 -41.95 -36.47
N ARG C 90 -15.30 -42.67 -35.46
CA ARG C 90 -15.38 -42.31 -34.04
C ARG C 90 -14.14 -42.82 -33.28
N LEU C 91 -13.91 -42.32 -32.07
CA LEU C 91 -12.77 -42.72 -31.22
C LEU C 91 -13.16 -43.86 -30.37
N GLY C 92 -12.45 -44.99 -30.43
CA GLY C 92 -12.76 -46.22 -29.72
C GLY C 92 -13.07 -46.00 -28.25
N CYS C 93 -12.16 -45.38 -27.54
CA CYS C 93 -12.41 -45.06 -26.16
C CYS C 93 -13.57 -44.10 -26.13
N ARG C 135 2.27 -39.42 -59.04
CA ARG C 135 3.09 -38.25 -58.75
C ARG C 135 4.48 -38.64 -58.27
N THR C 136 5.50 -38.02 -58.85
CA THR C 136 6.88 -38.41 -58.62
C THR C 136 7.57 -37.45 -57.66
N VAL C 137 8.24 -38.01 -56.66
CA VAL C 137 8.79 -37.22 -55.55
C VAL C 137 10.08 -36.54 -55.97
N LEU C 138 10.32 -35.35 -55.40
CA LEU C 138 11.52 -34.57 -55.63
C LEU C 138 12.45 -34.61 -54.42
N PRO C 139 13.75 -34.49 -54.62
CA PRO C 139 14.69 -34.63 -53.49
C PRO C 139 14.59 -33.43 -52.55
N PHE C 140 15.19 -33.61 -51.37
CA PHE C 140 15.19 -32.54 -50.38
C PHE C 140 15.81 -31.28 -50.96
N GLU C 141 17.03 -31.38 -51.50
CA GLU C 141 17.77 -30.21 -51.95
C GLU C 141 16.99 -29.37 -52.97
N ALA C 142 15.95 -29.93 -53.58
CA ALA C 142 15.22 -29.23 -54.64
C ALA C 142 14.22 -28.21 -54.10
N MET C 143 13.85 -28.34 -52.83
CA MET C 143 12.92 -27.41 -52.20
C MET C 143 13.53 -26.01 -52.10
N PRO C 144 12.69 -24.97 -52.13
CA PRO C 144 13.21 -23.61 -51.90
C PRO C 144 13.98 -23.51 -50.59
N GLN C 145 14.64 -22.38 -50.37
CA GLN C 145 15.54 -22.22 -49.23
C GLN C 145 15.52 -20.77 -48.77
N HIS C 146 15.35 -20.58 -47.46
CA HIS C 146 15.40 -19.24 -46.89
C HIS C 146 16.70 -18.56 -47.30
N PRO C 147 16.65 -17.32 -47.80
CA PRO C 147 17.89 -16.64 -48.21
C PRO C 147 18.72 -16.07 -47.07
N GLY C 148 18.32 -16.28 -45.81
CA GLY C 148 19.06 -15.71 -44.70
C GLY C 148 20.27 -16.53 -44.31
N ASN C 149 21.17 -15.88 -43.57
CA ASN C 149 22.40 -16.50 -43.10
C ASN C 149 22.26 -16.83 -41.61
N ARG C 150 22.60 -18.06 -41.24
CA ARG C 150 22.56 -18.45 -39.83
C ARG C 150 23.33 -17.46 -38.97
N TRP C 151 24.47 -16.97 -39.47
CA TRP C 151 25.38 -16.18 -38.64
C TRP C 151 24.97 -14.71 -38.57
N LEU C 152 24.45 -14.16 -39.66
CA LEU C 152 24.02 -12.77 -39.64
C LEU C 152 22.84 -12.58 -38.68
N ARG C 153 22.04 -13.62 -38.46
CA ARG C 153 20.93 -13.49 -37.53
C ARG C 153 21.41 -13.49 -36.09
N LEU C 154 22.32 -14.41 -35.73
CA LEU C 154 22.81 -14.45 -34.35
C LEU C 154 23.28 -13.07 -33.91
N LEU C 155 23.98 -12.35 -34.79
CA LEU C 155 24.60 -11.10 -34.41
C LEU C 155 23.64 -9.93 -34.40
N GLN C 156 22.63 -9.94 -35.28
CA GLN C 156 21.54 -8.99 -35.09
C GLN C 156 20.88 -9.22 -33.73
N ILE C 157 20.68 -10.48 -33.37
CA ILE C 157 20.19 -10.77 -32.03
C ILE C 157 21.25 -10.42 -30.98
N TRP C 158 22.54 -10.53 -31.32
CA TRP C 158 23.56 -10.14 -30.36
C TRP C 158 23.47 -8.66 -30.03
N ARG C 159 23.14 -7.83 -31.03
CA ARG C 159 23.04 -6.39 -30.86
C ARG C 159 21.62 -5.95 -30.49
N GLU C 160 20.62 -6.45 -31.20
CA GLU C 160 19.23 -6.05 -31.00
C GLU C 160 18.59 -6.71 -29.78
N GLN C 161 19.24 -7.70 -29.18
CA GLN C 161 18.77 -8.36 -27.95
C GLN C 161 17.41 -9.02 -28.13
N GLY C 162 17.03 -9.31 -29.36
CA GLY C 162 15.78 -10.01 -29.61
C GLY C 162 15.59 -10.18 -31.10
N TYR C 163 14.45 -10.77 -31.46
CA TYR C 163 14.04 -10.94 -32.84
C TYR C 163 12.53 -10.71 -32.89
N GLU C 164 12.10 -9.53 -32.45
CA GLU C 164 10.67 -9.25 -32.34
C GLU C 164 9.98 -9.28 -33.70
N HIS C 165 10.72 -9.14 -34.79
CA HIS C 165 10.19 -9.05 -36.13
C HIS C 165 9.96 -10.41 -36.79
N LEU C 166 10.17 -11.51 -36.06
CA LEU C 166 10.37 -12.80 -36.70
C LEU C 166 9.11 -13.34 -37.35
N HIS C 167 7.99 -13.35 -36.60
CA HIS C 167 6.76 -13.90 -37.17
C HIS C 167 6.41 -13.24 -38.49
N LEU C 168 6.85 -11.99 -38.69
CA LEU C 168 6.58 -11.28 -39.93
C LEU C 168 7.55 -11.67 -41.03
N GLU C 169 8.82 -11.88 -40.67
CA GLU C 169 9.81 -12.30 -41.66
C GLU C 169 9.42 -13.62 -42.29
N MET C 170 9.02 -14.59 -41.47
CA MET C 170 8.69 -15.90 -41.99
C MET C 170 7.33 -15.90 -42.68
N HIS C 171 6.42 -15.01 -42.27
CA HIS C 171 5.18 -14.86 -43.02
C HIS C 171 5.47 -14.46 -44.46
N GLN C 172 6.29 -13.42 -44.66
CA GLN C 172 6.56 -13.00 -46.04
C GLN C 172 7.39 -14.07 -46.75
N THR C 173 8.34 -14.69 -46.04
CA THR C 173 9.11 -15.79 -46.64
C THR C 173 8.17 -16.88 -47.15
N PHE C 174 7.05 -17.12 -46.46
CA PHE C 174 6.09 -18.12 -46.92
C PHE C 174 5.34 -17.63 -48.16
N GLN C 175 4.84 -16.40 -48.13
CA GLN C 175 4.14 -15.86 -49.29
C GLN C 175 5.05 -15.83 -50.50
N GLU C 176 6.35 -15.56 -50.30
CA GLU C 176 7.29 -15.47 -51.41
C GLU C 176 7.65 -16.84 -51.96
N LEU C 177 7.81 -17.84 -51.10
CA LEU C 177 8.42 -19.12 -51.47
C LEU C 177 7.43 -20.28 -51.46
N GLY C 178 6.15 -20.02 -51.24
CA GLY C 178 5.18 -21.09 -51.17
C GLY C 178 5.08 -21.70 -49.78
N PRO C 179 4.37 -22.82 -49.67
CA PRO C 179 4.06 -23.39 -48.35
C PRO C 179 5.12 -24.31 -47.76
N ILE C 180 6.33 -24.36 -48.30
CA ILE C 180 7.39 -25.19 -47.72
C ILE C 180 8.74 -24.66 -48.15
N PHE C 181 9.67 -24.56 -47.20
CA PHE C 181 11.02 -24.09 -47.48
C PHE C 181 11.93 -24.54 -46.34
N ARG C 182 13.17 -24.88 -46.71
CA ARG C 182 14.17 -25.31 -45.74
C ARG C 182 15.10 -24.15 -45.40
N TYR C 183 15.50 -24.09 -44.14
CA TYR C 183 16.49 -23.10 -43.69
C TYR C 183 17.83 -23.79 -43.51
N ASN C 184 18.88 -23.17 -44.06
CA ASN C 184 20.20 -23.79 -44.11
C ASN C 184 20.93 -23.58 -42.78
N LEU C 185 21.27 -24.66 -42.09
CA LEU C 185 21.95 -24.62 -40.85
C LEU C 185 23.23 -25.38 -40.99
N GLY C 186 23.82 -25.33 -42.16
CA GLY C 186 25.07 -25.97 -42.45
C GLY C 186 25.20 -27.39 -42.07
N GLY C 187 24.19 -28.20 -42.37
CA GLY C 187 24.22 -29.62 -42.05
C GLY C 187 22.85 -30.12 -41.67
N PRO C 188 22.46 -29.86 -40.37
CA PRO C 188 21.15 -30.29 -39.91
C PRO C 188 20.07 -29.83 -40.79
N ARG C 189 19.09 -30.64 -41.08
CA ARG C 189 18.05 -30.17 -41.92
C ARG C 189 16.97 -29.57 -41.12
N MET C 190 16.30 -28.54 -41.61
CA MET C 190 15.13 -27.98 -40.94
C MET C 190 14.23 -27.37 -42.00
N VAL C 191 12.96 -27.74 -41.97
CA VAL C 191 11.98 -27.30 -42.97
C VAL C 191 10.75 -26.78 -42.24
N CYS C 192 10.30 -25.60 -42.64
CA CYS C 192 9.10 -24.98 -42.10
C CYS C 192 7.94 -25.22 -43.08
N VAL C 193 6.79 -25.59 -42.53
CA VAL C 193 5.59 -25.83 -43.32
C VAL C 193 4.46 -24.99 -42.72
N MET C 194 3.28 -25.24 -43.42
CA MET C 194 2.27 -24.23 -43.19
C MET C 194 0.84 -24.70 -43.40
N LEU C 195 0.72 -25.96 -43.62
CA LEU C 195 -0.55 -26.49 -44.08
C LEU C 195 -1.07 -27.63 -43.22
N PRO C 196 -2.39 -27.72 -43.02
CA PRO C 196 -2.95 -28.89 -42.32
C PRO C 196 -2.57 -30.21 -42.96
N GLU C 197 -2.36 -30.23 -44.28
CA GLU C 197 -1.93 -31.46 -44.94
C GLU C 197 -0.69 -32.02 -44.27
N ASP C 198 0.30 -31.16 -44.00
CA ASP C 198 1.57 -31.62 -43.48
C ASP C 198 1.50 -31.98 -42.00
N VAL C 199 0.63 -31.31 -41.24
CA VAL C 199 0.43 -31.71 -39.84
C VAL C 199 -0.18 -33.11 -39.78
N GLU C 200 -1.16 -33.39 -40.65
CA GLU C 200 -1.73 -34.72 -40.74
C GLU C 200 -0.64 -35.77 -40.97
N LYS C 201 0.29 -35.50 -41.87
CA LYS C 201 1.36 -36.44 -42.14
C LYS C 201 2.35 -36.50 -40.96
N LEU C 202 2.71 -35.34 -40.41
CA LEU C 202 3.61 -35.32 -39.27
C LEU C 202 3.03 -36.10 -38.09
N GLN C 203 1.70 -36.13 -37.98
CA GLN C 203 1.08 -36.91 -36.92
C GLN C 203 1.06 -38.40 -37.26
N GLN C 204 0.82 -38.74 -38.52
CA GLN C 204 0.95 -40.13 -38.94
C GLN C 204 2.24 -40.73 -38.40
N VAL C 205 3.36 -40.04 -38.62
CA VAL C 205 4.67 -40.57 -38.24
C VAL C 205 5.03 -40.31 -36.79
N ASP C 206 4.14 -39.68 -36.02
CA ASP C 206 4.40 -39.50 -34.60
C ASP C 206 4.80 -40.84 -33.99
N SER C 207 6.03 -40.90 -33.48
CA SER C 207 6.57 -42.14 -32.92
C SER C 207 5.81 -42.47 -31.64
N LEU C 208 6.27 -43.50 -30.92
CA LEU C 208 5.77 -43.72 -29.57
C LEU C 208 6.40 -42.72 -28.60
N HIS C 209 7.64 -42.32 -28.86
CA HIS C 209 8.24 -41.19 -28.17
C HIS C 209 8.48 -40.07 -29.18
N PRO C 210 7.48 -39.23 -29.47
CA PRO C 210 7.75 -38.03 -30.26
C PRO C 210 8.91 -37.25 -29.66
N CYS C 211 9.69 -36.60 -30.52
CA CYS C 211 10.89 -35.88 -30.12
C CYS C 211 10.70 -34.41 -30.47
N ARG C 212 10.66 -33.56 -29.45
CA ARG C 212 10.79 -32.13 -29.64
C ARG C 212 12.24 -31.74 -29.42
N MET C 213 12.62 -30.56 -29.90
CA MET C 213 14.02 -30.17 -29.89
C MET C 213 14.45 -29.76 -28.48
N ILE C 214 15.60 -30.28 -28.05
CA ILE C 214 16.24 -29.91 -26.79
C ILE C 214 16.37 -28.39 -26.73
N LEU C 215 15.83 -27.78 -25.67
CA LEU C 215 15.97 -26.34 -25.45
C LEU C 215 17.02 -26.16 -24.37
N GLU C 216 18.28 -26.10 -24.78
CA GLU C 216 19.36 -26.25 -23.80
C GLU C 216 19.38 -25.15 -22.74
N PRO C 217 19.03 -23.89 -23.02
CA PRO C 217 19.06 -22.89 -21.94
C PRO C 217 18.20 -23.27 -20.75
N TRP C 218 17.03 -23.87 -21.01
CA TRP C 218 16.18 -24.31 -19.91
C TRP C 218 16.75 -25.55 -19.25
N VAL C 219 17.20 -26.53 -20.05
CA VAL C 219 17.75 -27.75 -19.48
C VAL C 219 18.97 -27.44 -18.63
N ALA C 220 19.87 -26.59 -19.16
CA ALA C 220 21.08 -26.22 -18.41
C ALA C 220 20.73 -25.81 -16.99
N TYR C 221 19.69 -24.98 -16.83
CA TYR C 221 19.29 -24.58 -15.49
C TYR C 221 18.90 -25.78 -14.64
N ARG C 222 18.11 -26.68 -15.23
CA ARG C 222 17.65 -27.88 -14.53
C ARG C 222 18.82 -28.75 -14.10
N GLN C 223 19.89 -28.75 -14.88
CA GLN C 223 21.06 -29.56 -14.57
C GLN C 223 21.98 -28.87 -13.57
N HIS C 224 22.08 -27.54 -13.66
CA HIS C 224 22.94 -26.79 -12.76
C HIS C 224 22.50 -26.90 -11.31
N ARG C 225 21.20 -27.10 -11.07
CA ARG C 225 20.68 -27.16 -9.70
C ARG C 225 20.24 -28.56 -9.28
N GLY C 226 20.54 -29.58 -10.07
CA GLY C 226 20.15 -30.94 -9.69
C GLY C 226 18.66 -31.17 -9.68
N HIS C 227 17.94 -30.55 -10.60
CA HIS C 227 16.50 -30.75 -10.74
C HIS C 227 16.21 -31.75 -11.85
N LYS C 228 15.06 -32.41 -11.75
CA LYS C 228 14.54 -33.20 -12.85
C LYS C 228 13.79 -32.29 -13.82
N CYS C 229 13.74 -32.70 -15.08
CA CYS C 229 12.99 -31.99 -16.10
C CYS C 229 11.55 -32.48 -16.11
N GLY C 230 10.62 -31.57 -16.44
CA GLY C 230 9.23 -31.93 -16.65
C GLY C 230 8.98 -32.33 -18.10
N VAL C 231 7.72 -32.70 -18.37
CA VAL C 231 7.42 -33.27 -19.69
C VAL C 231 7.80 -32.31 -20.81
N PHE C 232 7.79 -31.00 -20.56
CA PHE C 232 8.04 -30.04 -21.63
C PHE C 232 9.48 -30.15 -22.16
N LEU C 233 10.42 -30.55 -21.32
CA LEU C 233 11.83 -30.64 -21.71
C LEU C 233 12.34 -32.08 -21.72
N LEU C 234 11.45 -33.06 -21.85
CA LEU C 234 11.83 -34.46 -21.79
C LEU C 234 11.53 -35.15 -23.12
N ASN C 235 12.37 -36.12 -23.46
CA ASN C 235 12.21 -36.93 -24.65
C ASN C 235 12.30 -38.40 -24.26
N GLY C 236 11.67 -39.24 -25.08
CA GLY C 236 11.84 -40.67 -24.98
C GLY C 236 11.06 -41.29 -23.84
N PRO C 237 11.59 -42.37 -23.27
CA PRO C 237 10.80 -43.10 -22.26
C PRO C 237 10.48 -42.28 -21.03
N GLU C 238 11.41 -41.45 -20.57
CA GLU C 238 11.11 -40.59 -19.41
C GLU C 238 9.95 -39.66 -19.72
N TRP C 239 9.81 -39.22 -20.98
CA TRP C 239 8.66 -38.40 -21.33
C TRP C 239 7.37 -39.23 -21.28
N ARG C 240 7.37 -40.40 -21.94
CA ARG C 240 6.16 -41.23 -21.98
C ARG C 240 5.67 -41.56 -20.59
N PHE C 241 6.59 -41.84 -19.71
CA PHE C 241 6.32 -42.21 -18.35
C PHE C 241 5.70 -41.11 -17.58
N ASN C 242 6.31 -39.95 -17.61
CA ASN C 242 5.80 -38.76 -16.93
C ASN C 242 4.42 -38.39 -17.45
N ARG C 243 4.26 -38.37 -18.78
CA ARG C 243 3.01 -37.89 -19.37
C ARG C 243 1.84 -38.80 -19.02
N LEU C 244 2.02 -40.11 -19.12
CA LEU C 244 0.92 -41.03 -18.84
C LEU C 244 0.41 -40.90 -17.42
N ARG C 245 1.20 -40.34 -16.53
CA ARG C 245 0.79 -40.12 -15.18
C ARG C 245 0.38 -38.69 -14.90
N LEU C 246 0.18 -37.90 -15.92
CA LEU C 246 -0.29 -36.54 -15.80
C LEU C 246 -1.61 -36.31 -16.49
N ASN C 247 -1.82 -36.92 -17.65
CA ASN C 247 -3.09 -36.76 -18.36
C ASN C 247 -4.30 -37.07 -17.50
N PRO C 248 -4.28 -38.07 -16.62
CA PRO C 248 -5.48 -38.36 -15.82
C PRO C 248 -5.96 -37.18 -14.99
N ASP C 249 -5.05 -36.45 -14.34
CA ASP C 249 -5.43 -35.41 -13.40
C ASP C 249 -5.31 -34.00 -13.95
N VAL C 250 -4.71 -33.84 -15.13
CA VAL C 250 -4.50 -32.51 -15.70
C VAL C 250 -5.31 -32.29 -16.97
N LEU C 251 -5.58 -33.32 -17.74
CA LEU C 251 -6.19 -33.19 -19.05
C LEU C 251 -7.47 -34.00 -19.20
N SER C 252 -7.57 -35.14 -18.54
CA SER C 252 -8.76 -35.97 -18.66
C SER C 252 -10.01 -35.14 -18.42
N PRO C 253 -11.08 -35.34 -19.18
CA PRO C 253 -12.32 -34.60 -18.92
C PRO C 253 -12.91 -34.88 -17.55
N LYS C 254 -12.60 -36.02 -16.94
CA LYS C 254 -13.00 -36.23 -15.55
C LYS C 254 -12.34 -35.20 -14.64
N ALA C 255 -11.04 -34.96 -14.85
CA ALA C 255 -10.34 -33.96 -14.06
C ALA C 255 -10.85 -32.55 -14.36
N VAL C 256 -11.17 -32.28 -15.62
CA VAL C 256 -11.71 -30.95 -15.96
C VAL C 256 -13.02 -30.71 -15.22
N GLN C 257 -13.78 -31.77 -14.94
CA GLN C 257 -15.01 -31.61 -14.18
C GLN C 257 -14.73 -31.25 -12.73
N ARG C 258 -13.56 -31.62 -12.22
CA ARG C 258 -13.25 -31.43 -10.80
C ARG C 258 -12.83 -30.01 -10.51
N PHE C 259 -11.98 -29.40 -11.36
CA PHE C 259 -11.49 -28.06 -11.11
C PHE C 259 -12.30 -26.97 -11.81
N LEU C 260 -13.20 -27.31 -12.72
CA LEU C 260 -13.94 -26.26 -13.42
C LEU C 260 -14.79 -25.44 -12.46
N PRO C 261 -15.49 -26.02 -11.46
CA PRO C 261 -16.18 -25.15 -10.48
C PRO C 261 -15.24 -24.23 -9.73
N MET C 262 -14.00 -24.65 -9.45
CA MET C 262 -13.06 -23.76 -8.77
C MET C 262 -12.71 -22.57 -9.66
N VAL C 263 -12.46 -22.81 -10.96
CA VAL C 263 -12.19 -21.72 -11.87
C VAL C 263 -13.38 -20.77 -11.95
N ASP C 264 -14.59 -21.32 -12.02
CA ASP C 264 -15.80 -20.50 -12.02
C ASP C 264 -15.77 -19.47 -10.90
N ALA C 265 -15.37 -19.89 -9.69
CA ALA C 265 -15.38 -18.99 -8.55
C ALA C 265 -14.50 -17.77 -8.80
N VAL C 266 -13.28 -17.99 -9.29
CA VAL C 266 -12.39 -16.86 -9.55
C VAL C 266 -12.94 -16.01 -10.69
N ALA C 267 -13.46 -16.65 -11.73
CA ALA C 267 -14.09 -15.88 -12.82
C ALA C 267 -15.23 -15.02 -12.27
N ARG C 268 -16.09 -15.62 -11.45
CA ARG C 268 -17.19 -14.86 -10.86
C ARG C 268 -16.66 -13.70 -10.02
N ASP C 269 -15.71 -13.98 -9.14
CA ASP C 269 -15.13 -12.93 -8.31
C ASP C 269 -14.45 -11.86 -9.16
N PHE C 270 -13.94 -12.23 -10.34
CA PHE C 270 -13.31 -11.24 -11.20
C PHE C 270 -14.30 -10.19 -11.67
N SER C 271 -15.47 -10.62 -12.14
CA SER C 271 -16.42 -9.68 -12.72
C SER C 271 -17.16 -8.87 -11.65
N GLN C 272 -17.40 -9.46 -10.48
CA GLN C 272 -17.98 -8.68 -9.39
C GLN C 272 -17.00 -7.60 -8.93
N ALA C 273 -15.72 -7.95 -8.78
CA ALA C 273 -14.71 -6.95 -8.49
C ALA C 273 -14.78 -5.80 -9.50
N LEU C 274 -14.94 -6.13 -10.78
CA LEU C 274 -15.00 -5.08 -11.79
C LEU C 274 -16.28 -4.27 -11.68
N LYS C 275 -17.39 -4.92 -11.32
CA LYS C 275 -18.67 -4.21 -11.29
C LYS C 275 -18.67 -3.12 -10.21
N LYS C 276 -18.18 -3.44 -9.01
CA LYS C 276 -18.16 -2.43 -7.96
C LYS C 276 -17.29 -1.24 -8.37
N LYS C 277 -16.17 -1.50 -9.04
CA LYS C 277 -15.37 -0.40 -9.57
C LYS C 277 -16.14 0.37 -10.63
N VAL C 278 -16.97 -0.32 -11.41
CA VAL C 278 -17.66 0.31 -12.53
C VAL C 278 -18.83 1.15 -12.05
N LEU C 279 -19.72 0.55 -11.26
CA LEU C 279 -20.88 1.27 -10.74
C LEU C 279 -20.49 2.39 -9.79
N GLN C 280 -19.21 2.53 -9.45
CA GLN C 280 -18.77 3.67 -8.67
C GLN C 280 -18.58 4.92 -9.51
N ASN C 281 -18.61 4.81 -10.83
CA ASN C 281 -18.44 5.97 -11.71
C ASN C 281 -19.78 6.37 -12.32
N ALA C 282 -19.92 7.68 -12.57
CA ALA C 282 -21.22 8.24 -12.95
C ALA C 282 -21.73 7.66 -14.26
N ARG C 283 -20.88 7.00 -15.04
CA ARG C 283 -21.30 6.45 -16.33
C ARG C 283 -21.45 4.93 -16.30
N GLY C 284 -21.45 4.33 -15.11
CA GLY C 284 -21.57 2.87 -15.05
C GLY C 284 -20.62 2.17 -15.99
N SER C 285 -19.41 2.72 -16.14
CA SER C 285 -18.45 2.24 -17.10
C SER C 285 -17.06 2.52 -16.57
N LEU C 286 -16.12 1.64 -16.89
CA LEU C 286 -14.72 1.86 -16.54
C LEU C 286 -13.86 1.45 -17.72
N THR C 287 -13.05 2.37 -18.22
CA THR C 287 -12.07 2.05 -19.24
C THR C 287 -10.70 1.95 -18.62
N LEU C 288 -9.86 1.10 -19.20
CA LEU C 288 -8.57 0.81 -18.59
C LEU C 288 -7.78 -0.14 -19.48
N ASP C 289 -6.51 -0.31 -19.10
CA ASP C 289 -5.66 -1.39 -19.59
C ASP C 289 -5.84 -2.57 -18.65
N VAL C 290 -6.45 -3.66 -19.13
CA VAL C 290 -6.76 -4.76 -18.23
C VAL C 290 -5.74 -5.87 -18.29
N GLN C 291 -4.75 -5.81 -19.18
CA GLN C 291 -3.70 -6.82 -19.20
C GLN C 291 -3.19 -7.15 -17.81
N PRO C 292 -2.87 -6.18 -16.93
CA PRO C 292 -2.44 -6.56 -15.57
C PRO C 292 -3.50 -7.33 -14.81
N SER C 293 -4.74 -6.85 -14.81
CA SER C 293 -5.77 -7.56 -14.06
C SER C 293 -6.04 -8.94 -14.65
N ILE C 294 -5.81 -9.09 -15.96
CA ILE C 294 -6.03 -10.38 -16.60
C ILE C 294 -4.91 -11.35 -16.26
N PHE C 295 -3.68 -10.84 -16.14
CA PHE C 295 -2.58 -11.71 -15.74
C PHE C 295 -2.76 -12.20 -14.31
N HIS C 296 -3.32 -11.36 -13.45
CA HIS C 296 -3.57 -11.74 -12.07
C HIS C 296 -4.78 -12.65 -11.95
N TYR C 297 -5.66 -12.65 -12.94
CA TYR C 297 -6.71 -13.66 -12.97
C TYR C 297 -6.12 -15.04 -13.23
N THR C 298 -5.29 -15.17 -14.26
CA THR C 298 -4.76 -16.48 -14.62
C THR C 298 -3.88 -17.04 -13.53
N ILE C 299 -3.21 -16.17 -12.76
CA ILE C 299 -2.42 -16.66 -11.63
C ILE C 299 -3.34 -17.26 -10.58
N GLU C 300 -4.38 -16.52 -10.20
CA GLU C 300 -5.29 -16.97 -9.15
C GLU C 300 -5.96 -18.28 -9.55
N ALA C 301 -6.63 -18.29 -10.70
CA ALA C 301 -7.29 -19.51 -11.15
C ALA C 301 -6.31 -20.67 -11.24
N SER C 302 -5.13 -20.43 -11.79
CA SER C 302 -4.15 -21.51 -11.95
C SER C 302 -3.64 -22.01 -10.60
N ASN C 303 -3.36 -21.08 -9.68
CA ASN C 303 -2.94 -21.50 -8.34
C ASN C 303 -4.04 -22.29 -7.66
N LEU C 304 -5.30 -21.92 -7.90
CA LEU C 304 -6.42 -22.61 -7.26
C LEU C 304 -6.63 -24.00 -7.88
N ALA C 305 -6.65 -24.08 -9.20
CA ALA C 305 -6.75 -25.37 -9.86
C ALA C 305 -5.59 -26.27 -9.47
N LEU C 306 -4.38 -25.71 -9.46
CA LEU C 306 -3.19 -26.53 -9.27
C LEU C 306 -3.01 -26.91 -7.80
N PHE C 307 -2.97 -25.94 -6.90
CA PHE C 307 -2.65 -26.21 -5.50
C PHE C 307 -3.82 -25.99 -4.55
N GLY C 308 -5.00 -25.66 -5.05
CA GLY C 308 -6.14 -25.43 -4.19
C GLY C 308 -6.04 -24.20 -3.30
N GLU C 309 -4.92 -23.49 -3.31
CA GLU C 309 -4.79 -22.27 -2.53
C GLU C 309 -5.44 -21.12 -3.27
N ARG C 310 -6.14 -20.27 -2.53
CA ARG C 310 -6.65 -19.00 -3.03
C ARG C 310 -5.73 -17.90 -2.50
N LEU C 311 -5.13 -17.11 -3.39
CA LEU C 311 -4.18 -16.06 -3.04
C LEU C 311 -4.59 -14.63 -3.00
N GLY C 312 -5.82 -14.29 -3.27
CA GLY C 312 -6.20 -12.91 -3.17
C GLY C 312 -5.62 -11.90 -4.11
N LEU C 313 -5.56 -12.17 -5.39
CA LEU C 313 -5.08 -11.24 -6.37
C LEU C 313 -6.10 -10.69 -7.32
N VAL C 314 -7.34 -11.09 -7.24
CA VAL C 314 -8.47 -10.54 -8.01
C VAL C 314 -9.33 -9.75 -7.04
N GLY C 315 -9.65 -8.51 -7.42
CA GLY C 315 -10.35 -7.58 -6.56
C GLY C 315 -9.45 -6.76 -5.67
N HIS C 316 -8.26 -7.26 -5.36
CA HIS C 316 -7.26 -6.53 -4.60
C HIS C 316 -6.06 -6.24 -5.50
N SER C 317 -5.14 -5.48 -4.95
CA SER C 317 -3.99 -5.02 -5.70
C SER C 317 -2.94 -6.13 -5.81
N PRO C 318 -2.11 -6.08 -6.86
CA PRO C 318 -1.03 -7.07 -6.99
C PRO C 318 -0.21 -7.21 -5.71
N SER C 319 0.55 -8.28 -5.60
CA SER C 319 1.46 -8.48 -4.48
C SER C 319 2.90 -8.33 -4.95
N SER C 320 3.81 -8.30 -3.98
CA SER C 320 5.24 -8.29 -4.31
C SER C 320 5.61 -9.54 -5.09
N ALA C 321 5.30 -10.72 -4.53
CA ALA C 321 5.62 -11.97 -5.20
C ALA C 321 5.06 -11.99 -6.62
N SER C 322 3.85 -11.47 -6.79
CA SER C 322 3.14 -11.62 -8.07
C SER C 322 3.89 -10.92 -9.19
N LEU C 323 4.41 -9.71 -8.95
CA LEU C 323 5.03 -8.97 -10.04
C LEU C 323 6.47 -9.41 -10.28
N ASN C 324 7.21 -9.72 -9.21
CA ASN C 324 8.53 -10.30 -9.39
C ASN C 324 8.47 -11.66 -10.07
N PHE C 325 7.32 -12.33 -9.99
CA PHE C 325 7.13 -13.56 -10.75
C PHE C 325 6.90 -13.26 -12.22
N LEU C 326 5.98 -12.34 -12.53
CA LEU C 326 5.70 -12.01 -13.91
C LEU C 326 6.93 -11.41 -14.59
N HIS C 327 7.70 -10.62 -13.86
CA HIS C 327 8.90 -10.05 -14.45
C HIS C 327 9.91 -11.15 -14.79
N ALA C 328 10.09 -12.11 -13.87
CA ALA C 328 10.97 -13.23 -14.14
C ALA C 328 10.59 -13.93 -15.44
N LEU C 329 9.29 -14.03 -15.70
CA LEU C 329 8.83 -14.68 -16.94
C LEU C 329 9.18 -13.84 -18.16
N GLU C 330 8.85 -12.55 -18.13
CA GLU C 330 9.25 -11.66 -19.22
C GLU C 330 10.72 -11.83 -19.53
N VAL C 331 11.57 -11.69 -18.52
CA VAL C 331 13.01 -11.75 -18.74
C VAL C 331 13.43 -13.15 -19.17
N MET C 332 12.87 -14.17 -18.76
CA MET C 332 13.23 -15.51 -19.18
C MET C 332 12.93 -15.77 -20.61
N PHE C 333 11.81 -15.33 -21.04
CA PHE C 333 11.56 -15.46 -22.47
C PHE C 333 12.56 -14.64 -23.28
N LYS C 334 12.70 -13.38 -22.94
CA LYS C 334 13.62 -12.51 -23.62
C LYS C 334 15.01 -13.06 -23.65
N SER C 335 15.53 -13.45 -22.54
CA SER C 335 16.87 -14.04 -22.47
C SER C 335 16.93 -15.39 -23.18
N THR C 336 15.80 -16.06 -23.36
CA THR C 336 15.79 -17.30 -24.11
C THR C 336 16.08 -17.03 -25.58
N VAL C 337 15.38 -16.08 -26.18
CA VAL C 337 15.59 -15.74 -27.58
C VAL C 337 17.06 -15.49 -27.86
N GLN C 338 17.79 -14.92 -26.90
CA GLN C 338 19.18 -14.56 -27.11
C GLN C 338 20.13 -15.73 -26.89
N LEU C 339 19.62 -16.93 -26.63
CA LEU C 339 20.47 -18.10 -26.45
C LEU C 339 20.00 -19.32 -27.24
N MET C 340 18.80 -19.29 -27.83
CA MET C 340 18.32 -20.47 -28.53
C MET C 340 19.14 -20.74 -29.78
N PHE C 341 19.43 -19.69 -30.55
CA PHE C 341 19.95 -19.86 -31.90
C PHE C 341 21.44 -20.15 -31.92
N MET C 342 22.13 -20.05 -30.79
CA MET C 342 23.53 -20.41 -30.75
C MET C 342 23.75 -21.63 -29.87
N PRO C 343 24.80 -22.39 -30.11
CA PRO C 343 25.16 -23.48 -29.19
C PRO C 343 25.74 -22.93 -27.90
N ARG C 344 25.75 -23.79 -26.88
CA ARG C 344 26.43 -23.41 -25.63
C ARG C 344 27.87 -23.00 -25.89
N SER C 345 28.50 -23.58 -26.93
CA SER C 345 29.91 -23.30 -27.19
C SER C 345 30.16 -21.86 -27.59
N LEU C 346 29.15 -21.14 -28.09
CA LEU C 346 29.33 -19.74 -28.48
C LEU C 346 28.66 -18.77 -27.52
N SER C 347 27.37 -18.99 -27.20
CA SER C 347 26.70 -18.14 -26.23
C SER C 347 27.47 -18.09 -24.92
N ARG C 348 28.24 -19.14 -24.61
CA ARG C 348 28.99 -19.19 -23.37
C ARG C 348 29.89 -17.98 -23.20
N TRP C 349 30.41 -17.43 -24.31
CA TRP C 349 31.43 -16.39 -24.21
C TRP C 349 31.17 -15.15 -25.06
N ILE C 350 29.99 -15.02 -25.69
CA ILE C 350 29.59 -13.74 -26.25
C ILE C 350 28.40 -13.14 -25.54
N SER C 351 27.71 -13.86 -24.66
CA SER C 351 26.64 -13.41 -23.86
C SER C 351 26.67 -14.14 -22.51
N PRO C 352 27.80 -14.10 -21.74
CA PRO C 352 27.78 -14.70 -20.40
C PRO C 352 26.89 -13.95 -19.44
N LYS C 353 26.77 -12.62 -19.64
CA LYS C 353 25.84 -11.81 -18.87
C LYS C 353 24.39 -12.18 -19.11
N VAL C 354 24.09 -12.81 -20.25
CA VAL C 354 22.73 -13.25 -20.54
C VAL C 354 22.46 -14.65 -20.00
N TRP C 355 23.50 -15.43 -19.71
CA TRP C 355 23.28 -16.66 -18.96
C TRP C 355 22.95 -16.33 -17.50
N LYS C 356 23.71 -15.42 -16.88
CA LYS C 356 23.38 -15.04 -15.51
C LYS C 356 22.00 -14.40 -15.45
N GLU C 357 21.59 -13.72 -16.48
CA GLU C 357 20.30 -13.11 -16.49
C GLU C 357 19.24 -14.13 -16.72
N HIS C 358 19.53 -15.18 -17.45
CA HIS C 358 18.59 -16.28 -17.65
C HIS C 358 18.42 -17.10 -16.38
N PHE C 359 19.51 -17.41 -15.70
CA PHE C 359 19.43 -18.23 -14.49
C PHE C 359 18.83 -17.46 -13.33
N GLU C 360 19.14 -16.16 -13.22
CA GLU C 360 18.51 -15.35 -12.18
C GLU C 360 16.99 -15.35 -12.33
N ALA C 361 16.50 -15.33 -13.57
CA ALA C 361 15.06 -15.36 -13.80
C ALA C 361 14.47 -16.70 -13.40
N TRP C 362 15.17 -17.80 -13.73
CA TRP C 362 14.71 -19.11 -13.27
C TRP C 362 14.77 -19.21 -11.75
N ASP C 363 15.86 -18.72 -11.15
CA ASP C 363 15.96 -18.74 -9.69
C ASP C 363 14.73 -18.09 -9.06
N CYS C 364 14.21 -17.02 -9.68
CA CYS C 364 13.01 -16.36 -9.14
C CYS C 364 11.77 -17.18 -9.44
N ILE C 365 11.68 -17.77 -10.63
CA ILE C 365 10.53 -18.60 -10.98
C ILE C 365 10.45 -19.81 -10.07
N PHE C 366 11.59 -20.48 -9.83
CA PHE C 366 11.59 -21.68 -9.02
C PHE C 366 11.32 -21.36 -7.54
N GLN C 367 11.80 -20.21 -7.06
CA GLN C 367 11.44 -19.76 -5.72
C GLN C 367 9.93 -19.73 -5.55
N TYR C 368 9.24 -19.12 -6.52
CA TYR C 368 7.79 -19.02 -6.46
C TYR C 368 7.14 -20.40 -6.50
N GLY C 369 7.60 -21.25 -7.42
CA GLY C 369 7.00 -22.57 -7.55
C GLY C 369 7.31 -23.48 -6.38
N ASP C 370 8.56 -23.46 -5.90
CA ASP C 370 8.89 -24.33 -4.79
C ASP C 370 8.14 -23.90 -3.53
N ASN C 371 7.98 -22.59 -3.33
CA ASN C 371 7.17 -22.12 -2.22
C ASN C 371 5.76 -22.68 -2.30
N CYS C 372 5.17 -22.64 -3.49
CA CYS C 372 3.83 -23.21 -3.67
C CYS C 372 3.77 -24.64 -3.17
N ILE C 373 4.72 -25.40 -3.65
CA ILE C 373 4.79 -26.84 -3.45
C ILE C 373 5.29 -27.33 -2.17
N GLN C 374 6.01 -26.54 -1.41
CA GLN C 374 6.39 -26.96 -0.09
C GLN C 374 5.27 -26.69 0.87
N LYS C 375 4.25 -25.93 0.47
CA LYS C 375 3.15 -25.67 1.36
C LYS C 375 2.14 -26.80 1.28
N ILE C 376 1.99 -27.39 0.10
CA ILE C 376 1.03 -28.48 -0.09
C ILE C 376 1.59 -29.80 0.39
N TYR C 377 2.90 -30.00 0.25
CA TYR C 377 3.48 -31.19 0.71
C TYR C 377 3.33 -31.29 2.17
N GLN C 378 3.33 -30.16 2.86
CA GLN C 378 3.21 -30.14 4.32
C GLN C 378 1.78 -30.27 4.79
N GLU C 379 0.84 -29.65 4.06
CA GLU C 379 -0.56 -29.69 4.44
C GLU C 379 -1.07 -31.11 4.26
N LEU C 380 -0.58 -31.80 3.24
CA LEU C 380 -1.01 -33.18 2.98
C LEU C 380 -0.27 -34.19 3.84
N ALA C 381 0.92 -33.87 4.34
CA ALA C 381 1.59 -34.77 5.27
C ALA C 381 0.71 -35.02 6.49
N PHE C 382 -0.02 -34.00 6.93
CA PHE C 382 -0.75 -34.03 8.20
C PHE C 382 -2.21 -34.36 8.06
N ASN C 383 -2.82 -34.08 6.92
CA ASN C 383 -4.20 -34.49 6.68
C ASN C 383 -4.43 -34.59 5.18
N ARG C 384 -4.70 -35.81 4.72
CA ARG C 384 -5.10 -36.13 3.36
C ARG C 384 -6.61 -35.89 3.29
N PRO C 385 -7.06 -34.90 2.52
CA PRO C 385 -8.47 -34.53 2.54
C PRO C 385 -9.33 -35.51 1.74
N GLN C 386 -10.61 -35.51 2.08
CA GLN C 386 -11.59 -36.40 1.45
C GLN C 386 -12.34 -35.74 0.29
N HIS C 387 -12.19 -34.43 0.11
CA HIS C 387 -12.75 -33.72 -1.03
C HIS C 387 -11.62 -33.28 -1.96
N TYR C 388 -12.00 -32.81 -3.15
CA TYR C 388 -11.03 -32.42 -4.16
C TYR C 388 -10.39 -31.09 -3.78
N THR C 389 -9.05 -31.07 -3.74
CA THR C 389 -8.31 -29.87 -3.36
C THR C 389 -7.38 -29.36 -4.44
N GLY C 390 -7.36 -29.99 -5.62
CA GLY C 390 -6.53 -29.50 -6.71
C GLY C 390 -5.78 -30.57 -7.48
N ILE C 391 -5.11 -30.15 -8.56
CA ILE C 391 -4.46 -31.09 -9.45
C ILE C 391 -3.23 -31.69 -8.77
N VAL C 392 -2.39 -30.86 -8.18
CA VAL C 392 -1.15 -31.37 -7.60
C VAL C 392 -1.46 -32.25 -6.39
N ALA C 393 -2.51 -31.92 -5.64
CA ALA C 393 -2.89 -32.75 -4.50
C ALA C 393 -3.07 -34.20 -4.93
N GLU C 394 -3.81 -34.43 -6.03
CA GLU C 394 -4.01 -35.79 -6.51
C GLU C 394 -2.68 -36.45 -6.86
N LEU C 395 -1.82 -35.74 -7.57
CA LEU C 395 -0.55 -36.34 -7.99
C LEU C 395 0.32 -36.70 -6.81
N LEU C 396 0.18 -36.01 -5.68
CA LEU C 396 0.93 -36.38 -4.48
C LEU C 396 0.27 -37.49 -3.70
N LEU C 397 -1.06 -37.62 -3.77
CA LEU C 397 -1.73 -38.73 -3.10
C LEU C 397 -1.55 -40.03 -3.86
N LYS C 398 -1.42 -39.97 -5.19
CA LYS C 398 -1.22 -41.19 -5.95
C LYS C 398 0.22 -41.70 -5.86
N ALA C 399 1.18 -40.78 -5.77
CA ALA C 399 2.59 -41.15 -5.63
C ALA C 399 3.05 -42.05 -6.76
N GLU C 400 2.42 -41.93 -7.93
CA GLU C 400 2.86 -42.69 -9.10
C GLU C 400 4.19 -42.17 -9.63
N LEU C 401 4.46 -40.89 -9.45
CA LEU C 401 5.73 -40.30 -9.83
C LEU C 401 6.52 -39.90 -8.59
N SER C 402 7.85 -39.91 -8.73
CA SER C 402 8.71 -39.46 -7.64
C SER C 402 8.34 -38.04 -7.25
N LEU C 403 8.76 -37.65 -6.05
CA LEU C 403 8.56 -36.27 -5.61
C LEU C 403 9.18 -35.30 -6.61
N GLU C 404 10.49 -35.41 -6.82
CA GLU C 404 11.19 -34.47 -7.68
C GLU C 404 10.54 -34.40 -9.06
N ALA C 405 10.03 -35.54 -9.55
CA ALA C 405 9.32 -35.53 -10.83
C ALA C 405 8.04 -34.72 -10.74
N ILE C 406 7.37 -34.73 -9.59
CA ILE C 406 6.16 -33.93 -9.43
C ILE C 406 6.53 -32.47 -9.27
N LYS C 407 7.59 -32.16 -8.52
CA LYS C 407 8.05 -30.79 -8.41
C LYS C 407 8.42 -30.24 -9.78
N ALA C 408 9.09 -31.04 -10.61
CA ALA C 408 9.48 -30.58 -11.94
C ALA C 408 8.26 -30.25 -12.78
N ASN C 409 7.32 -31.18 -12.89
CA ASN C 409 6.10 -30.92 -13.64
C ASN C 409 5.29 -29.81 -12.99
N SER C 410 5.26 -29.77 -11.66
CA SER C 410 4.56 -28.69 -10.98
C SER C 410 5.15 -27.34 -11.35
N MET C 411 6.47 -27.29 -11.52
CA MET C 411 7.12 -26.05 -11.90
C MET C 411 6.69 -25.60 -13.29
N GLU C 412 6.51 -26.55 -14.21
CA GLU C 412 6.14 -26.22 -15.58
C GLU C 412 4.71 -25.70 -15.65
N LEU C 413 3.77 -26.38 -14.97
CA LEU C 413 2.39 -25.92 -14.99
C LEU C 413 2.25 -24.57 -14.31
N THR C 414 2.94 -24.37 -13.18
CA THR C 414 2.84 -23.11 -12.47
C THR C 414 3.41 -21.97 -13.30
N ALA C 415 4.46 -22.23 -14.06
CA ALA C 415 5.10 -21.21 -14.88
C ALA C 415 4.47 -21.09 -16.26
N GLY C 416 3.93 -22.18 -16.79
CA GLY C 416 3.33 -22.17 -18.11
C GLY C 416 1.85 -21.89 -18.14
N SER C 417 1.25 -21.51 -17.01
CA SER C 417 -0.18 -21.27 -16.93
C SER C 417 -0.53 -19.80 -16.94
N VAL C 418 0.43 -18.91 -17.22
CA VAL C 418 0.23 -17.48 -17.06
C VAL C 418 0.19 -16.70 -18.36
N ASP C 419 1.31 -16.64 -19.08
CA ASP C 419 1.37 -15.80 -20.27
C ASP C 419 0.61 -16.49 -21.40
N THR C 420 0.62 -17.83 -21.42
CA THR C 420 -0.04 -18.54 -22.52
C THR C 420 -1.56 -18.50 -22.43
N THR C 421 -2.12 -18.23 -21.24
CA THR C 421 -3.55 -18.13 -21.07
C THR C 421 -4.06 -16.70 -21.07
N ALA C 422 -3.20 -15.72 -20.73
CA ALA C 422 -3.66 -14.36 -20.57
C ALA C 422 -3.69 -13.61 -21.89
N PHE C 423 -2.71 -13.83 -22.75
CA PHE C 423 -2.66 -13.11 -24.02
C PHE C 423 -3.84 -13.48 -24.92
N PRO C 424 -4.16 -14.75 -25.16
CA PRO C 424 -5.40 -15.05 -25.92
C PRO C 424 -6.63 -14.42 -25.31
N LEU C 425 -6.71 -14.42 -23.97
CA LEU C 425 -7.82 -13.77 -23.28
C LEU C 425 -7.96 -12.32 -23.70
N LEU C 426 -6.84 -11.59 -23.78
CA LEU C 426 -6.86 -10.19 -24.16
C LEU C 426 -7.24 -10.00 -25.62
N MET C 427 -6.59 -10.76 -26.51
CA MET C 427 -6.87 -10.65 -27.93
C MET C 427 -8.33 -10.97 -28.22
N THR C 428 -8.95 -11.75 -27.34
CA THR C 428 -10.35 -12.12 -27.52
C THR C 428 -11.23 -10.97 -27.05
N LEU C 429 -10.93 -10.37 -25.89
CA LEU C 429 -11.66 -9.17 -25.49
C LEU C 429 -11.47 -8.06 -26.51
N PHE C 430 -10.30 -7.98 -27.15
CA PHE C 430 -10.06 -6.93 -28.15
C PHE C 430 -10.92 -7.16 -29.39
N GLU C 431 -10.86 -8.37 -29.95
CA GLU C 431 -11.64 -8.64 -31.14
C GLU C 431 -13.15 -8.58 -30.87
N LEU C 432 -13.58 -8.99 -29.67
CA LEU C 432 -15.00 -8.86 -29.35
C LEU C 432 -15.42 -7.40 -29.29
N ALA C 433 -14.55 -6.52 -28.80
CA ALA C 433 -14.86 -5.10 -28.81
C ALA C 433 -14.78 -4.51 -30.21
N ARG C 434 -13.95 -5.10 -31.07
CA ARG C 434 -13.83 -4.67 -32.45
C ARG C 434 -14.94 -5.22 -33.34
N ASN C 435 -15.66 -6.25 -32.88
CA ASN C 435 -16.73 -6.89 -33.64
C ASN C 435 -17.96 -6.95 -32.76
N PRO C 436 -18.64 -5.83 -32.55
CA PRO C 436 -19.81 -5.83 -31.65
C PRO C 436 -20.89 -6.83 -32.04
N ASP C 437 -21.05 -7.10 -33.33
CA ASP C 437 -22.11 -8.04 -33.72
C ASP C 437 -21.80 -9.44 -33.21
N VAL C 438 -20.54 -9.88 -33.30
CA VAL C 438 -20.18 -11.18 -32.75
C VAL C 438 -20.34 -11.16 -31.23
N GLN C 439 -20.05 -10.03 -30.59
CA GLN C 439 -20.20 -9.97 -29.13
C GLN C 439 -21.63 -10.27 -28.70
N GLN C 440 -22.61 -9.57 -29.30
CA GLN C 440 -23.99 -9.72 -28.86
C GLN C 440 -24.50 -11.13 -29.08
N ILE C 441 -24.02 -11.83 -30.11
CA ILE C 441 -24.39 -13.23 -30.28
C ILE C 441 -23.90 -14.04 -29.08
N LEU C 442 -22.62 -13.88 -28.74
CA LEU C 442 -22.06 -14.67 -27.65
C LEU C 442 -22.68 -14.30 -26.31
N ARG C 443 -23.12 -13.05 -26.15
CA ARG C 443 -23.82 -12.69 -24.92
C ARG C 443 -25.11 -13.47 -24.77
N GLN C 444 -25.97 -13.43 -25.79
CA GLN C 444 -27.20 -14.21 -25.74
C GLN C 444 -26.91 -15.69 -25.51
N GLU C 445 -25.90 -16.23 -26.20
CA GLU C 445 -25.50 -17.61 -25.95
C GLU C 445 -25.19 -17.83 -24.49
N SER C 446 -24.55 -16.85 -23.84
CA SER C 446 -24.15 -17.01 -22.45
C SER C 446 -25.31 -16.72 -21.51
N LEU C 447 -26.00 -15.59 -21.70
CA LEU C 447 -27.17 -15.27 -20.88
C LEU C 447 -28.18 -16.41 -20.90
N ALA C 448 -28.30 -17.11 -21.99
CA ALA C 448 -29.22 -18.20 -22.02
C ALA C 448 -28.80 -19.28 -21.06
N ALA C 449 -27.65 -19.88 -21.25
CA ALA C 449 -27.21 -20.90 -20.31
C ALA C 449 -26.59 -20.34 -19.04
N ALA C 450 -26.86 -19.08 -18.70
CA ALA C 450 -26.24 -18.46 -17.54
C ALA C 450 -26.69 -19.15 -16.25
N ALA C 451 -28.00 -19.24 -16.03
CA ALA C 451 -28.51 -19.95 -14.85
C ALA C 451 -28.28 -21.44 -14.96
N SER C 452 -28.26 -21.98 -16.18
CA SER C 452 -27.89 -23.39 -16.36
C SER C 452 -26.50 -23.65 -15.79
N ILE C 453 -25.59 -22.70 -15.96
CA ILE C 453 -24.20 -22.85 -15.53
C ILE C 453 -24.01 -22.44 -14.07
N SER C 454 -24.87 -21.55 -13.55
CA SER C 454 -24.70 -21.08 -12.19
C SER C 454 -25.00 -22.17 -11.17
N GLU C 455 -25.90 -23.11 -11.50
CA GLU C 455 -26.18 -24.22 -10.61
C GLU C 455 -25.25 -25.40 -10.83
N HIS C 456 -24.71 -25.55 -12.04
CA HIS C 456 -23.80 -26.64 -12.38
C HIS C 456 -22.74 -26.08 -13.31
N PRO C 457 -21.67 -25.49 -12.74
CA PRO C 457 -20.68 -24.81 -13.59
C PRO C 457 -19.94 -25.73 -14.53
N GLN C 458 -20.13 -27.04 -14.44
CA GLN C 458 -19.47 -27.95 -15.36
C GLN C 458 -20.12 -27.95 -16.76
N LYS C 459 -21.25 -27.27 -16.92
CA LYS C 459 -21.97 -27.24 -18.18
C LYS C 459 -21.40 -26.20 -19.15
N ALA C 460 -20.35 -25.47 -18.79
CA ALA C 460 -19.76 -24.54 -19.73
C ALA C 460 -19.13 -25.27 -20.91
N THR C 461 -18.58 -26.46 -20.65
CA THR C 461 -18.07 -27.31 -21.73
C THR C 461 -19.09 -27.50 -22.83
N THR C 462 -20.35 -27.69 -22.44
CA THR C 462 -21.41 -28.15 -23.34
C THR C 462 -22.31 -27.02 -23.81
N GLU C 463 -22.60 -26.05 -22.95
CA GLU C 463 -23.65 -25.08 -23.22
C GLU C 463 -23.16 -23.86 -23.98
N LEU C 464 -21.88 -23.63 -24.05
CA LEU C 464 -21.38 -22.48 -24.72
C LEU C 464 -20.54 -22.92 -25.85
N PRO C 465 -21.14 -23.38 -26.97
CA PRO C 465 -20.22 -23.83 -28.00
C PRO C 465 -19.74 -22.75 -28.88
N LEU C 466 -20.48 -21.70 -29.00
CA LEU C 466 -20.10 -20.60 -29.87
C LEU C 466 -18.94 -19.81 -29.29
N LEU C 467 -18.91 -19.66 -27.95
CA LEU C 467 -17.78 -18.97 -27.34
C LEU C 467 -16.51 -19.79 -27.43
N ARG C 468 -16.62 -21.12 -27.26
CA ARG C 468 -15.47 -21.98 -27.49
C ARG C 468 -14.95 -21.84 -28.92
N ALA C 469 -15.85 -21.55 -29.87
CA ALA C 469 -15.42 -21.27 -31.23
C ALA C 469 -14.69 -19.92 -31.31
N ALA C 470 -15.08 -18.96 -30.49
CA ALA C 470 -14.39 -17.67 -30.49
C ALA C 470 -12.95 -17.81 -30.03
N LEU C 471 -12.66 -18.77 -29.15
CA LEU C 471 -11.29 -18.95 -28.67
C LEU C 471 -10.43 -19.64 -29.71
N LYS C 472 -11.03 -20.32 -30.64
CA LYS C 472 -10.27 -20.91 -31.68
C LYS C 472 -9.98 -19.86 -32.68
N GLU C 473 -10.91 -18.98 -32.92
CA GLU C 473 -10.70 -17.91 -33.90
C GLU C 473 -9.57 -16.99 -33.48
N THR C 474 -9.47 -16.67 -32.20
CA THR C 474 -8.40 -15.77 -31.76
C THR C 474 -7.05 -16.48 -31.75
N LEU C 475 -7.02 -17.76 -31.38
CA LEU C 475 -5.76 -18.50 -31.43
C LEU C 475 -5.29 -18.69 -32.87
N ARG C 476 -6.23 -18.78 -33.82
CA ARG C 476 -5.88 -18.80 -35.23
C ARG C 476 -5.19 -17.51 -35.64
N LEU C 477 -5.81 -16.38 -35.31
CA LEU C 477 -5.22 -15.09 -35.65
C LEU C 477 -4.02 -14.77 -34.78
N TYR C 478 -4.04 -15.20 -33.52
CA TYR C 478 -3.03 -14.81 -32.53
C TYR C 478 -2.55 -16.05 -31.79
N PRO C 479 -1.70 -16.87 -32.41
CA PRO C 479 -1.26 -18.11 -31.78
C PRO C 479 -0.04 -17.94 -30.89
N VAL C 480 -0.25 -17.83 -29.57
CA VAL C 480 0.86 -17.56 -28.66
C VAL C 480 1.97 -18.60 -28.82
N GLY C 481 1.60 -19.88 -28.90
CA GLY C 481 2.56 -20.90 -29.28
C GLY C 481 2.75 -20.84 -30.78
N LEU C 482 3.89 -20.32 -31.23
CA LEU C 482 4.02 -19.96 -32.64
C LEU C 482 4.32 -21.16 -33.53
N PHE C 483 4.97 -22.19 -33.00
CA PHE C 483 5.43 -23.30 -33.81
C PHE C 483 4.98 -24.62 -33.19
N LEU C 484 5.15 -25.68 -33.98
CA LEU C 484 5.11 -27.06 -33.53
C LEU C 484 6.35 -27.71 -34.10
N GLU C 485 7.15 -28.34 -33.26
CA GLU C 485 8.41 -28.91 -33.68
C GLU C 485 8.38 -30.43 -33.61
N ARG C 486 9.11 -31.07 -34.52
CA ARG C 486 9.25 -32.52 -34.51
C ARG C 486 10.55 -32.90 -35.19
N VAL C 487 11.44 -33.56 -34.44
CA VAL C 487 12.53 -34.33 -35.03
C VAL C 487 11.95 -35.69 -35.39
N VAL C 488 11.93 -36.03 -36.68
CA VAL C 488 11.07 -37.10 -37.16
C VAL C 488 11.81 -38.43 -37.16
N SER C 489 11.06 -39.48 -36.82
CA SER C 489 11.62 -40.81 -36.64
C SER C 489 12.04 -41.43 -37.96
N SER C 490 11.27 -41.19 -39.02
CA SER C 490 11.38 -41.93 -40.26
C SER C 490 11.28 -40.98 -41.45
N ASP C 491 11.91 -41.37 -42.56
CA ASP C 491 11.75 -40.64 -43.82
C ASP C 491 10.27 -40.46 -44.13
N LEU C 492 9.92 -39.29 -44.66
CA LEU C 492 8.55 -39.00 -45.07
C LEU C 492 8.60 -38.04 -46.25
N VAL C 493 7.42 -37.63 -46.72
CA VAL C 493 7.35 -36.70 -47.85
C VAL C 493 6.25 -35.67 -47.58
N LEU C 494 6.59 -34.40 -47.82
CA LEU C 494 5.67 -33.28 -47.59
C LEU C 494 5.67 -32.42 -48.85
N GLN C 495 4.47 -32.08 -49.32
CA GLN C 495 4.35 -31.32 -50.56
C GLN C 495 5.16 -31.95 -51.68
N ASN C 496 5.29 -33.28 -51.63
CA ASN C 496 6.02 -34.05 -52.64
C ASN C 496 7.51 -33.69 -52.68
N TYR C 497 8.08 -33.31 -51.54
CA TYR C 497 9.53 -33.23 -51.37
C TYR C 497 9.95 -34.30 -50.38
N HIS C 498 10.95 -35.11 -50.74
CA HIS C 498 11.43 -36.13 -49.82
C HIS C 498 12.05 -35.49 -48.58
N ILE C 499 11.71 -36.00 -47.41
CA ILE C 499 12.18 -35.44 -46.15
C ILE C 499 12.96 -36.52 -45.40
N PRO C 500 14.28 -36.36 -45.21
CA PRO C 500 15.04 -37.41 -44.54
C PRO C 500 14.73 -37.49 -43.05
N ALA C 501 14.93 -38.67 -42.50
CA ALA C 501 14.78 -38.88 -41.07
C ALA C 501 15.75 -37.97 -40.31
N GLY C 502 15.38 -37.67 -39.06
CA GLY C 502 16.20 -36.81 -38.23
C GLY C 502 16.18 -35.36 -38.65
N THR C 503 15.14 -34.94 -39.36
CA THR C 503 14.99 -33.57 -39.81
C THR C 503 14.01 -32.85 -38.90
N LEU C 504 14.34 -31.60 -38.53
CA LEU C 504 13.41 -30.79 -37.77
C LEU C 504 12.36 -30.19 -38.70
N VAL C 505 11.11 -30.23 -38.25
CA VAL C 505 9.98 -29.76 -39.04
C VAL C 505 9.19 -28.78 -38.20
N GLN C 506 9.28 -27.50 -38.55
CA GLN C 506 8.53 -26.45 -37.87
C GLN C 506 7.22 -26.20 -38.60
N VAL C 507 6.13 -26.08 -37.83
CA VAL C 507 4.83 -25.74 -38.38
C VAL C 507 4.51 -24.31 -37.94
N PHE C 508 4.56 -23.37 -38.88
CA PHE C 508 4.36 -21.96 -38.57
C PHE C 508 2.86 -21.66 -38.57
N LEU C 509 2.30 -21.45 -37.38
CA LEU C 509 0.85 -21.32 -37.29
C LEU C 509 0.35 -19.92 -37.59
N TYR C 510 1.21 -18.89 -37.52
CA TYR C 510 0.78 -17.55 -37.88
C TYR C 510 0.29 -17.52 -39.32
N SER C 511 1.10 -18.01 -40.25
CA SER C 511 0.67 -18.05 -41.64
C SER C 511 -0.38 -19.13 -41.87
N LEU C 512 -0.31 -20.23 -41.11
CA LEU C 512 -1.30 -21.30 -41.24
C LEU C 512 -2.70 -20.77 -41.00
N GLY C 513 -2.86 -19.83 -40.07
CA GLY C 513 -4.16 -19.27 -39.79
C GLY C 513 -4.59 -18.18 -40.75
N ARG C 514 -3.66 -17.62 -41.50
CA ARG C 514 -3.94 -16.50 -42.40
C ARG C 514 -4.00 -16.92 -43.86
N ASN C 515 -4.15 -18.22 -44.12
CA ASN C 515 -4.24 -18.75 -45.47
C ASN C 515 -5.68 -18.62 -45.96
N ALA C 516 -5.92 -17.66 -46.86
CA ALA C 516 -7.27 -17.41 -47.35
C ALA C 516 -7.88 -18.63 -48.02
N ALA C 517 -7.06 -19.58 -48.48
CA ALA C 517 -7.60 -20.75 -49.14
C ALA C 517 -8.40 -21.63 -48.18
N LEU C 518 -7.89 -21.84 -46.97
CA LEU C 518 -8.59 -22.68 -46.00
C LEU C 518 -9.50 -21.88 -45.08
N PHE C 519 -9.18 -20.62 -44.81
CA PHE C 519 -9.98 -19.72 -43.98
C PHE C 519 -10.40 -18.54 -44.84
N PRO C 520 -11.50 -18.65 -45.58
CA PRO C 520 -11.94 -17.51 -46.42
C PRO C 520 -12.13 -16.24 -45.61
N ARG C 521 -11.65 -15.11 -46.18
CA ARG C 521 -11.55 -13.82 -45.47
C ARG C 521 -10.82 -14.09 -44.17
N PRO C 522 -9.50 -14.35 -44.24
CA PRO C 522 -8.78 -14.81 -43.04
C PRO C 522 -8.62 -13.73 -41.97
N GLU C 523 -8.46 -12.46 -42.34
CA GLU C 523 -8.36 -11.40 -41.35
C GLU C 523 -9.74 -10.90 -40.87
N ARG C 524 -10.78 -11.71 -41.01
CA ARG C 524 -12.11 -11.42 -40.48
C ARG C 524 -12.36 -12.31 -39.27
N TYR C 525 -12.76 -11.70 -38.16
CA TYR C 525 -12.97 -12.43 -36.91
C TYR C 525 -14.40 -12.98 -36.90
N ASN C 526 -14.54 -14.27 -37.21
CA ASN C 526 -15.85 -14.90 -37.15
C ASN C 526 -15.77 -16.31 -36.57
N PRO C 527 -16.38 -16.55 -35.40
CA PRO C 527 -16.31 -17.91 -34.81
C PRO C 527 -17.22 -18.92 -35.48
N GLN C 528 -18.23 -18.50 -36.25
CA GLN C 528 -19.08 -19.48 -36.93
C GLN C 528 -18.26 -20.38 -37.84
N ARG C 529 -17.07 -19.92 -38.24
CA ARG C 529 -16.20 -20.71 -39.10
C ARG C 529 -16.00 -22.14 -38.58
N TRP C 530 -16.08 -22.35 -37.27
CA TRP C 530 -15.69 -23.62 -36.68
C TRP C 530 -16.84 -24.59 -36.47
N LEU C 531 -18.07 -24.15 -36.65
CA LEU C 531 -19.21 -25.06 -36.70
C LEU C 531 -19.56 -25.46 -38.12
N ASP C 532 -19.06 -24.69 -39.09
CA ASP C 532 -19.24 -24.97 -40.45
C ASP C 532 -18.31 -26.13 -40.57
N ILE C 533 -16.97 -25.88 -40.39
CA ILE C 533 -15.85 -26.76 -40.68
C ILE C 533 -16.00 -28.07 -40.01
N ARG C 534 -16.83 -27.91 -38.87
CA ARG C 534 -17.03 -29.19 -38.21
C ARG C 534 -17.93 -30.16 -38.87
N GLY C 535 -18.68 -29.78 -39.87
CA GLY C 535 -19.51 -30.77 -40.55
C GLY C 535 -18.76 -31.62 -41.56
N SER C 536 -17.85 -30.99 -42.29
CA SER C 536 -17.04 -31.62 -43.29
C SER C 536 -15.89 -32.34 -42.67
N GLY C 537 -15.12 -33.08 -43.44
CA GLY C 537 -13.99 -33.76 -42.84
C GLY C 537 -12.77 -32.95 -43.07
N ARG C 538 -12.74 -31.73 -42.59
CA ARG C 538 -11.65 -30.83 -42.80
C ARG C 538 -10.83 -31.01 -41.56
N ASN C 539 -9.76 -31.78 -41.71
CA ASN C 539 -8.89 -32.16 -40.64
C ASN C 539 -7.75 -31.16 -40.37
N PHE C 540 -7.28 -31.11 -39.12
CA PHE C 540 -6.20 -30.32 -38.63
C PHE C 540 -6.29 -28.86 -38.89
N HIS C 541 -7.45 -28.36 -38.61
CA HIS C 541 -7.59 -26.94 -38.78
C HIS C 541 -7.39 -26.18 -37.47
N HIS C 542 -7.39 -26.87 -36.36
CA HIS C 542 -7.18 -26.24 -35.13
C HIS C 542 -6.03 -26.96 -34.53
N VAL C 543 -4.84 -26.44 -34.66
CA VAL C 543 -3.65 -26.99 -34.09
C VAL C 543 -2.80 -26.07 -33.18
N PRO C 544 -3.39 -25.03 -32.53
CA PRO C 544 -2.49 -24.22 -31.70
C PRO C 544 -1.94 -24.96 -30.49
N PHE C 545 -2.56 -26.08 -30.10
CA PHE C 545 -2.11 -26.89 -28.98
C PHE C 545 -1.27 -28.09 -29.40
N GLY C 546 -0.93 -28.20 -30.69
CA GLY C 546 -0.20 -29.36 -31.14
C GLY C 546 -1.13 -30.53 -31.47
N PHE C 547 -0.58 -31.73 -31.35
CA PHE C 547 -1.28 -32.92 -31.81
C PHE C 547 -0.61 -34.15 -31.23
N GLY C 548 -1.28 -35.29 -31.36
CA GLY C 548 -0.73 -36.50 -30.82
C GLY C 548 -0.77 -36.43 -29.31
N MET C 549 0.16 -37.17 -28.69
CA MET C 549 0.20 -37.25 -27.24
C MET C 549 1.07 -36.19 -26.58
N ARG C 550 1.86 -35.53 -27.42
CA ARG C 550 2.69 -34.44 -27.01
C ARG C 550 1.95 -33.11 -27.09
N GLN C 551 0.65 -33.15 -27.49
CA GLN C 551 -0.27 -32.03 -27.58
C GLN C 551 -0.40 -31.43 -26.20
N CYS C 552 -0.52 -30.11 -26.11
CA CYS C 552 -0.57 -29.39 -24.82
C CYS C 552 -1.27 -30.05 -23.62
N LEU C 553 -0.57 -30.12 -22.49
CA LEU C 553 -1.11 -30.75 -21.29
C LEU C 553 -2.11 -29.86 -20.56
N GLY C 554 -1.95 -28.54 -20.65
CA GLY C 554 -2.88 -27.62 -20.04
C GLY C 554 -3.91 -27.15 -21.03
N ARG C 555 -4.09 -27.93 -22.11
CA ARG C 555 -5.07 -27.58 -23.13
C ARG C 555 -6.43 -27.29 -22.50
N ARG C 556 -6.96 -28.22 -21.71
CA ARG C 556 -8.31 -28.06 -21.17
C ARG C 556 -8.35 -27.12 -19.97
N LEU C 557 -7.24 -26.93 -19.26
CA LEU C 557 -7.25 -25.97 -18.16
C LEU C 557 -7.24 -24.53 -18.69
N ALA C 558 -6.40 -24.25 -19.69
CA ALA C 558 -6.38 -22.91 -20.27
C ALA C 558 -7.74 -22.55 -20.86
N GLU C 559 -8.36 -23.49 -21.58
CA GLU C 559 -9.70 -23.25 -22.11
C GLU C 559 -10.70 -22.99 -20.99
N ALA C 560 -10.57 -23.71 -19.88
CA ALA C 560 -11.50 -23.50 -18.76
C ALA C 560 -11.39 -22.07 -18.24
N GLU C 561 -10.17 -21.59 -18.03
CA GLU C 561 -9.98 -20.26 -17.47
C GLU C 561 -10.54 -19.19 -18.40
N MET C 562 -10.33 -19.35 -19.71
CA MET C 562 -10.75 -18.31 -20.64
C MET C 562 -12.26 -18.29 -20.82
N LEU C 563 -12.88 -19.47 -20.91
CA LEU C 563 -14.32 -19.54 -21.12
C LEU C 563 -15.07 -18.83 -20.01
N LEU C 564 -14.91 -19.30 -18.77
CA LEU C 564 -15.73 -18.78 -17.69
C LEU C 564 -15.46 -17.30 -17.43
N LEU C 565 -14.23 -16.84 -17.63
CA LEU C 565 -13.98 -15.41 -17.50
C LEU C 565 -14.82 -14.62 -18.50
N LEU C 566 -14.75 -15.01 -19.79
CA LEU C 566 -15.54 -14.31 -20.78
C LEU C 566 -17.03 -14.50 -20.53
N HIS C 567 -17.44 -15.72 -20.17
CA HIS C 567 -18.83 -15.95 -19.82
C HIS C 567 -19.31 -14.93 -18.79
N HIS C 568 -18.67 -14.91 -17.62
CA HIS C 568 -19.11 -14.03 -16.55
C HIS C 568 -18.91 -12.55 -16.86
N VAL C 569 -18.16 -12.22 -17.91
CA VAL C 569 -18.04 -10.82 -18.32
C VAL C 569 -19.13 -10.43 -19.30
N LEU C 570 -19.44 -11.33 -20.23
CA LEU C 570 -20.43 -11.04 -21.25
C LEU C 570 -21.81 -10.80 -20.64
N LYS C 571 -22.15 -11.54 -19.59
CA LYS C 571 -23.49 -11.43 -19.01
C LYS C 571 -23.63 -10.27 -18.04
N HIS C 572 -22.58 -9.49 -17.84
CA HIS C 572 -22.66 -8.30 -17.00
C HIS C 572 -22.18 -7.03 -17.67
N PHE C 573 -21.34 -7.12 -18.70
CA PHE C 573 -20.67 -5.96 -19.26
C PHE C 573 -20.76 -5.95 -20.77
N LEU C 574 -20.69 -4.74 -21.32
CA LEU C 574 -20.39 -4.51 -22.72
C LEU C 574 -18.95 -4.05 -22.85
N VAL C 575 -18.27 -4.54 -23.89
CA VAL C 575 -16.86 -4.24 -24.13
C VAL C 575 -16.78 -3.38 -25.40
N GLU C 576 -16.10 -2.25 -25.30
CA GLU C 576 -16.08 -1.25 -26.35
C GLU C 576 -14.66 -0.70 -26.52
N THR C 577 -14.34 -0.28 -27.74
CA THR C 577 -13.05 0.35 -27.98
C THR C 577 -13.13 1.26 -29.19
N LEU C 578 -12.43 2.40 -29.12
CA LEU C 578 -12.20 3.19 -30.33
C LEU C 578 -11.07 2.59 -31.15
N THR C 579 -9.91 2.37 -30.55
CA THR C 579 -8.78 1.71 -31.22
C THR C 579 -9.46 0.49 -31.91
N GLN C 580 -9.41 0.42 -33.24
CA GLN C 580 -9.81 -0.71 -34.07
C GLN C 580 -8.76 -1.08 -35.10
N GLU C 581 -7.60 -0.40 -35.09
CA GLU C 581 -6.49 -0.81 -35.93
C GLU C 581 -5.78 -2.02 -35.33
N ASP C 582 -5.24 -2.87 -36.20
CA ASP C 582 -4.67 -4.14 -35.76
C ASP C 582 -3.57 -3.90 -34.74
N ILE C 583 -3.38 -4.89 -33.88
CA ILE C 583 -2.36 -4.83 -32.84
C ILE C 583 -1.07 -5.41 -33.40
N LYS C 584 -0.02 -4.59 -33.46
CA LYS C 584 1.30 -5.11 -33.80
C LYS C 584 1.73 -6.04 -32.68
N MET C 585 2.24 -7.21 -33.06
CA MET C 585 2.61 -8.22 -32.08
C MET C 585 4.09 -8.53 -32.15
N VAL C 586 4.58 -9.11 -31.06
CA VAL C 586 5.99 -9.24 -30.77
C VAL C 586 6.32 -10.73 -30.67
N TYR C 587 7.50 -11.10 -31.14
CA TYR C 587 8.03 -12.43 -30.88
C TYR C 587 9.04 -12.34 -29.75
N SER C 588 8.86 -13.11 -28.68
CA SER C 588 9.86 -13.13 -27.63
C SER C 588 9.71 -14.54 -27.05
N PHE C 589 9.89 -15.62 -27.90
CA PHE C 589 9.69 -17.06 -27.75
C PHE C 589 8.23 -17.45 -27.94
N ILE C 590 7.31 -16.73 -27.23
CA ILE C 590 5.90 -16.78 -27.53
C ILE C 590 5.58 -15.58 -28.41
N LEU C 591 4.37 -15.56 -28.98
CA LEU C 591 3.87 -14.41 -29.69
C LEU C 591 2.89 -13.67 -28.79
N ARG C 592 3.09 -12.36 -28.64
CA ARG C 592 2.37 -11.57 -27.65
C ARG C 592 2.05 -10.20 -28.23
N PRO C 593 0.97 -9.57 -27.76
CA PRO C 593 0.70 -8.18 -28.17
C PRO C 593 1.73 -7.22 -27.59
N GLY C 594 2.27 -6.35 -28.45
CA GLY C 594 3.21 -5.34 -28.00
C GLY C 594 2.57 -4.09 -27.44
N THR C 595 1.28 -3.89 -27.72
CA THR C 595 0.51 -2.78 -27.19
C THR C 595 -0.79 -3.35 -26.62
N SER C 596 -1.14 -2.94 -25.41
CA SER C 596 -2.45 -3.39 -24.94
C SER C 596 -3.48 -2.30 -25.17
N PRO C 597 -4.65 -2.63 -25.71
CA PRO C 597 -5.64 -1.59 -26.02
C PRO C 597 -6.37 -1.11 -24.77
N LEU C 598 -6.85 0.12 -24.84
CA LEU C 598 -7.66 0.68 -23.76
C LEU C 598 -9.11 0.29 -24.00
N LEU C 599 -9.60 -0.67 -23.21
CA LEU C 599 -10.93 -1.22 -23.38
C LEU C 599 -11.88 -0.65 -22.34
N THR C 600 -13.11 -0.38 -22.76
CA THR C 600 -14.15 0.15 -21.89
C THR C 600 -15.10 -0.96 -21.48
N PHE C 601 -15.48 -0.98 -20.21
CA PHE C 601 -16.43 -1.95 -19.67
C PHE C 601 -17.65 -1.22 -19.14
N ARG C 602 -18.76 -1.37 -19.83
CA ARG C 602 -20.02 -0.71 -19.49
C ARG C 602 -20.99 -1.73 -18.93
N ALA C 603 -21.53 -1.45 -17.75
CA ALA C 603 -22.43 -2.38 -17.09
C ALA C 603 -23.86 -2.20 -17.59
N ILE C 604 -24.65 -3.26 -17.47
CA ILE C 604 -25.99 -3.30 -18.03
C ILE C 604 -27.04 -3.33 -16.93
FE1 FES D . 7.95 -5.55 46.20
FE2 FES D . 6.22 -6.57 48.43
S1 FES D . 6.88 -7.44 46.54
S2 FES D . 7.46 -4.77 48.20
CHA HEM E . 15.20 -5.12 31.47
CHB HEM E . 14.46 -9.45 29.46
CHC HEM E . 10.51 -7.74 27.30
CHD HEM E . 11.75 -3.29 28.66
C1A HEM E . 15.31 -6.45 31.13
C2A HEM E . 16.31 -7.36 31.65
C3A HEM E . 16.10 -8.54 31.09
C4A HEM E . 14.97 -8.43 30.20
CMA HEM E . 16.93 -9.81 31.36
CAA HEM E . 17.41 -7.00 32.66
CBA HEM E . 17.07 -7.61 34.01
CGA HEM E . 18.08 -7.14 35.03
O1A HEM E . 19.03 -6.42 34.64
O2A HEM E . 17.91 -7.47 36.22
C1B HEM E . 13.29 -9.37 28.75
C2B HEM E . 12.59 -10.49 28.12
C3B HEM E . 11.50 -10.00 27.52
C4B HEM E . 11.48 -8.58 27.76
CMB HEM E . 13.09 -11.95 28.16
CAB HEM E . 10.41 -10.72 26.72
CBB HEM E . 10.33 -12.05 26.69
C1C HEM E . 10.52 -6.39 27.51
C2C HEM E . 9.47 -5.50 27.07
C3C HEM E . 9.82 -4.26 27.44
C4C HEM E . 11.08 -4.35 28.13
CMC HEM E . 8.22 -5.95 26.30
CAC HEM E . 9.05 -2.93 27.23
CBC HEM E . 7.76 -2.93 26.95
C1D HEM E . 12.75 -3.42 29.59
C2D HEM E . 13.29 -2.34 30.37
C3D HEM E . 14.24 -2.85 31.16
C4D HEM E . 14.34 -4.26 30.88
CMD HEM E . 12.84 -0.87 30.31
CAD HEM E . 15.11 -2.06 32.16
CBD HEM E . 14.76 -2.46 33.59
CGD HEM E . 15.65 -1.77 34.59
O1D HEM E . 15.18 -1.53 35.73
O2D HEM E . 16.81 -1.44 34.25
NA HEM E . 14.51 -7.13 30.25
NB HEM E . 12.58 -8.22 28.50
NC HEM E . 11.49 -5.66 28.15
ND HEM E . 13.40 -4.58 29.91
FE HEM E . 13.03 -6.37 29.15
HHB HEM E . 15.04 -10.21 29.27
HHC HEM E . 9.68 -8.14 26.98
HHD HEM E . 11.67 -2.44 28.20
HMA HEM E . 17.87 -9.61 31.23
HMAA HEM E . 16.65 -10.52 30.74
HMAB HEM E . 16.78 -10.11 32.28
HAA HEM E . 17.48 -6.03 32.75
HAAA HEM E . 18.26 -7.35 32.35
HBA HEM E . 17.10 -8.57 33.96
HBAA HEM E . 16.19 -7.32 34.29
HMB HEM E . 14.04 -11.95 28.32
HMBA HEM E . 12.90 -12.38 27.33
HMBB HEM E . 12.64 -12.41 28.89
HAB HEM E . 9.77 -10.21 26.22
HBB HEM E . 9.78 -12.49 26.03
HBBA HEM E . 10.68 -12.57 27.44
HMC HEM E . 8.47 -6.66 25.68
HMCA HEM E . 7.84 -5.22 25.80
HMCB HEM E . 7.56 -6.30 26.92
HAC HEM E . 9.54 -2.10 27.31
HBC HEM E . 7.36 -2.13 26.57
HBCA HEM E . 7.20 -3.67 27.21
HMD HEM E . 13.27 -0.36 31.01
HMDA HEM E . 11.86 -0.84 30.42
HMDB HEM E . 13.07 -0.50 29.43
HAD HEM E . 14.97 -1.10 32.04
HADA HEM E . 16.04 -2.26 32.00
HBD HEM E . 14.86 -3.42 33.68
HBDA HEM E . 13.83 -2.22 33.76
HHA HEM E . 15.64 -4.83 32.30
C01 0T3 F . 17.78 -5.19 24.32
C02 0T3 F . 16.48 -5.36 23.49
C03 0T3 F . 15.30 -4.84 24.35
N04 0T3 F . 15.34 -5.55 25.64
C05 0T3 F . 14.32 -5.71 26.61
N06 0T3 F . 14.78 -6.43 27.65
C07 0T3 F . 16.12 -6.76 27.39
C08 0T3 F . 16.49 -6.25 26.12
C09 0T3 F . 17.83 -6.22 25.32
C10 0T3 F . 15.47 -3.31 24.35
C11 0T3 F . 15.90 -2.60 25.49
C12 0T3 F . 16.06 -1.19 25.50
C13 0T3 F . 15.79 -0.45 24.35
C14 0T3 F . 15.38 -1.15 23.21
C15 0T3 F . 15.23 -2.53 23.22
C16 0T3 F . 15.93 0.93 24.30
N17 0T3 F . 16.05 2.12 24.24
H1 0T3 F . 17.83 -4.34 24.76
H2 0T3 F . 18.56 -5.19 23.75
H3 0T3 F . 16.37 -6.28 23.20
H4 0T3 F . 16.56 -4.89 22.64
H5 0T3 F . 14.53 -5.13 23.88
H6 0T3 F . 13.46 -5.40 26.57
H7 0T3 F . 16.57 -7.26 28.02
H8 0T3 F . 18.10 -7.03 24.87
H9 0T3 F . 18.53 -6.02 25.97
H10 0T3 F . 16.07 -3.08 26.26
H11 0T3 F . 16.33 -0.76 26.27
H12 0T3 F . 15.19 -0.65 22.44
H13 0T3 F . 14.94 -2.92 22.42
FE1 FES G . -21.82 38.15 -16.45
FE2 FES G . -24.35 39.22 -15.59
S1 FES G . -22.47 38.93 -14.51
S2 FES G . -23.27 39.46 -17.47
CHA HEM H . -6.94 31.99 -12.90
CHB HEM H . -6.49 32.06 -8.11
CHC HEM H . -8.33 27.63 -7.89
CHD HEM H . -7.99 27.30 -12.67
C1A HEM H . -6.69 32.40 -11.63
C2A HEM H . -6.23 33.71 -11.25
C3A HEM H . -6.10 33.72 -9.93
C4A HEM H . -6.48 32.43 -9.42
CMA HEM H . -5.64 34.93 -9.08
CAA HEM H . -5.92 34.86 -12.20
CBA HEM H . -7.02 35.92 -12.09
CGA HEM H . -6.79 36.97 -13.13
O1A HEM H . -5.76 36.90 -13.85
O2A HEM H . -7.64 37.89 -13.25
C1B HEM H . -7.01 30.90 -7.62
C2B HEM H . -7.23 30.57 -6.23
C3B HEM H . -7.74 29.33 -6.18
C4B HEM H . -7.85 28.86 -7.53
CMB HEM H . -6.92 31.52 -5.05
CAB HEM H . -8.19 28.48 -4.97
CBB HEM H . -8.27 29.02 -3.74
C1C HEM H . -8.41 27.18 -9.17
C2C HEM H . -8.96 25.91 -9.55
C3C HEM H . -8.85 25.80 -10.88
C4C HEM H . -8.25 27.02 -11.36
CMC HEM H . -9.53 24.88 -8.56
CAC HEM H . -9.30 24.66 -11.81
CBC HEM H . -10.18 23.75 -11.40
C1D HEM H . -7.73 28.56 -13.14
C2D HEM H . -7.72 28.93 -14.53
C3D HEM H . -7.44 30.23 -14.60
C4D HEM H . -7.25 30.71 -13.26
CMD HEM H . -8.00 27.99 -15.72
CAD HEM H . -7.30 31.07 -15.89
CBD HEM H . -8.45 32.07 -15.98
CGD HEM H . -8.30 32.96 -17.19
O1D HEM H . -9.34 33.41 -17.72
O2D HEM H . -7.15 33.20 -17.65
NA HEM H . -6.83 31.63 -10.48
NB HEM H . -7.40 29.83 -8.39
NC HEM H . -7.98 27.83 -10.29
ND HEM H . -7.44 29.66 -12.38
FE HEM H . -7.35 29.71 -10.39
HHB HEM H . -5.94 32.58 -7.49
HHC HEM H . -8.82 27.13 -7.20
HHD HEM H . -7.76 26.55 -13.24
HMA HEM H . -4.77 35.24 -9.41
HMAA HEM H . -5.56 34.66 -8.14
HMAB HEM H . -6.29 35.65 -9.16
HAA HEM H . -5.89 34.54 -13.11
HAAA HEM H . -5.07 35.26 -11.97
HBA HEM H . -6.99 36.32 -11.21
HBAA HEM H . -7.88 35.50 -12.24
HMB HEM H . -6.24 32.15 -5.33
HMBA HEM H . -6.59 31.00 -4.29
HMBB HEM H . -7.72 32.00 -4.80
HAB HEM H . -8.38 27.55 -5.09
HBB HEM H . -8.33 28.43 -2.97
HBBA HEM H . -8.44 29.97 -3.64
HMC HEM H . -8.99 24.89 -7.75
HMCA HEM H . -9.51 23.99 -8.94
HMCB HEM H . -10.44 25.12 -8.32
HAC HEM H . -8.92 24.60 -12.70
HBC HEM H . -10.24 22.90 -11.87
HBCA HEM H . -10.81 23.96 -10.69
HMD HEM H . -8.05 28.49 -16.55
HMDA HEM H . -8.86 27.53 -15.56
HMDB HEM H . -7.29 27.32 -15.77
HAD HEM H . -7.32 30.49 -16.67
HADA HEM H . -6.47 31.54 -15.87
HBD HEM H . -8.46 32.62 -15.18
HBDA HEM H . -9.29 31.58 -16.04
HHA HEM H . -7.06 32.68 -13.58
C01 0T3 I . -0.67 27.93 -11.23
C02 0T3 I . -1.16 26.68 -10.46
C03 0T3 I . -2.63 26.43 -10.91
N04 0T3 I . -3.40 27.66 -10.71
C05 0T3 I . -4.79 27.86 -10.62
N06 0T3 I . -5.08 29.15 -10.43
C07 0T3 I . -3.87 29.85 -10.39
C08 0T3 I . -2.79 28.95 -10.53
C09 0T3 I . -1.24 29.11 -10.64
C10 0T3 I . -2.50 25.87 -12.35
C11 0T3 I . -2.86 26.62 -13.48
C12 0T3 I . -2.75 26.13 -14.80
C13 0T3 I . -2.25 24.84 -15.02
C14 0T3 I . -1.87 24.09 -13.90
C15 0T3 I . -1.99 24.59 -12.62
C16 0T3 I . -2.10 24.30 -16.29
N17 0T3 I . -1.97 23.83 -17.38
H1 0T3 I . -0.90 27.91 -12.17
H2 0T3 I . 0.30 27.96 -11.24
H3 0T3 I . -0.59 25.93 -10.60
H4 0T3 I . -1.10 26.82 -9.50
H5 0T3 I . -2.96 25.77 -10.27
H6 0T3 I . -5.46 27.20 -10.67
H7 0T3 I . -3.90 30.77 -10.27
H8 0T3 I . -0.75 29.29 -9.82
H9 0T3 I . -1.09 29.88 -11.22
H10 0T3 I . -3.21 27.47 -13.35
H11 0T3 I . -3.00 26.65 -15.53
H12 0T3 I . -1.53 23.23 -14.05
H13 0T3 I . -1.73 24.03 -11.92
FE1 FES J . -6.50 -42.37 -26.39
FE2 FES J . -9.24 -42.72 -27.29
S1 FES J . -8.06 -40.93 -26.84
S2 FES J . -7.80 -44.14 -26.45
CHA HEM K . 3.02 -28.11 -24.94
CHB HEM K . 0.53 -24.46 -26.88
CHC HEM K . -1.39 -23.45 -22.57
CHD HEM K . 1.63 -26.65 -20.53
C1A HEM K . 2.48 -27.24 -25.86
C2A HEM K . 2.67 -27.29 -27.29
C3A HEM K . 1.98 -26.28 -27.82
C4A HEM K . 1.33 -25.57 -26.74
CMA HEM K . 1.87 -25.91 -29.32
CAA HEM K . 3.52 -28.31 -28.07
CBA HEM K . 2.67 -29.48 -28.56
CGA HEM K . 3.47 -30.31 -29.53
O1A HEM K . 4.63 -29.93 -29.84
O2A HEM K . 2.96 -31.36 -29.99
C1B HEM K . -0.25 -23.89 -25.90
C2B HEM K . -1.25 -22.86 -26.09
C3B HEM K . -1.78 -22.58 -24.89
C4B HEM K . -1.13 -23.44 -23.91
CMB HEM K . -1.59 -22.23 -27.45
CAB HEM K . -2.88 -21.57 -24.51
CBB HEM K . -3.39 -20.71 -25.40
C1C HEM K . -0.73 -24.22 -21.64
C2C HEM K . -0.96 -24.18 -20.22
C3C HEM K . -0.12 -25.06 -19.65
C4C HEM K . 0.65 -25.68 -20.70
CMC HEM K . -2.00 -23.25 -19.56
CAC HEM K . 0.05 -25.43 -18.15
CBC HEM K . -0.80 -24.98 -17.22
C1D HEM K . 2.23 -27.36 -21.55
C2D HEM K . 3.07 -28.53 -21.39
C3D HEM K . 3.45 -28.94 -22.61
C4D HEM K . 2.87 -28.04 -23.58
CMD HEM K . 3.44 -29.16 -20.03
CAD HEM K . 4.37 -30.14 -22.95
CBD HEM K . 3.53 -31.32 -23.42
CGD HEM K . 4.42 -32.53 -23.68
O1D HEM K . 3.98 -33.66 -23.38
O2D HEM K . 5.57 -32.34 -24.15
NA HEM K . 1.66 -26.18 -25.55
NB HEM K . -0.20 -24.22 -24.56
NC HEM K . 0.25 -25.14 -21.90
ND HEM K . 2.12 -27.10 -22.90
FE HEM K . 0.91 -25.66 -23.66
HHB HEM K . 0.62 -23.95 -27.72
HHC HEM K . -2.20 -22.99 -22.28
HHD HEM K . 2.00 -26.75 -19.63
HMA HEM K . 2.77 -25.80 -29.69
HMAA HEM K . 1.37 -25.07 -29.41
HMAB HEM K . 1.40 -26.62 -29.80
HAA HEM K . 4.21 -28.65 -27.49
HAAA HEM K . 3.93 -27.87 -28.83
HBA HEM K . 1.88 -29.13 -29.01
HBAA HEM K . 2.40 -30.03 -27.82
HMB HEM K . -0.96 -22.54 -28.12
HMBA HEM K . -1.54 -21.27 -27.38
HMBB HEM K . -2.48 -22.50 -27.72
HAB HEM K . -3.19 -21.54 -23.60
HBB HEM K . -3.97 -20.01 -25.08
HBBA HEM K . -3.44 -20.97 -26.32
HMC HEM K . -2.04 -22.42 -20.05
HMCA HEM K . -1.77 -23.06 -18.65
HMCB HEM K . -2.88 -23.68 -19.59
HAC HEM K . 0.78 -26.00 -17.88
HBC HEM K . -0.54 -25.01 -16.29
HBCA HEM K . -1.73 -24.83 -17.45
HMD HEM K . 3.99 -29.96 -20.18
HMDA HEM K . 2.62 -29.42 -19.57
HMDB HEM K . 3.94 -28.52 -19.50
HAD HEM K . 4.87 -30.39 -22.16
HADA HEM K . 4.98 -29.88 -23.65
HBD HEM K . 3.08 -31.08 -24.25
HBDA HEM K . 2.87 -31.55 -22.75
HHA HEM K . 3.70 -28.75 -25.27
C01 0T3 L . 6.51 -21.45 -23.63
C02 0T3 L . 5.45 -20.67 -22.85
C03 0T3 L . 4.64 -21.63 -21.93
N04 0T3 L . 4.04 -22.62 -22.83
C05 0T3 L . 2.92 -23.45 -22.64
N06 0T3 L . 2.74 -24.23 -23.72
C07 0T3 L . 3.73 -23.93 -24.64
C08 0T3 L . 4.55 -22.91 -24.13
C09 0T3 L . 5.86 -22.23 -24.63
C10 0T3 L . 5.58 -22.25 -20.90
C11 0T3 L . 6.01 -23.57 -20.99
C12 0T3 L . 6.89 -24.17 -20.07
C13 0T3 L . 7.36 -23.42 -18.98
C14 0T3 L . 6.92 -22.09 -18.86
C15 0T3 L . 6.06 -21.54 -19.81
C16 0T3 L . 8.23 -23.98 -18.04
N17 0T3 L . 8.97 -24.44 -17.22
H1 0T3 L . 7.15 -20.86 -24.05
H2 0T3 L . 7.06 -21.98 -23.03
H3 0T3 L . 5.86 -19.93 -22.36
H4 0T3 L . 4.87 -20.20 -23.47
H5 0T3 L . 3.94 -21.07 -21.55
H6 0T3 L . 2.35 -23.46 -21.91
H7 0T3 L . 3.74 -24.40 -25.45
H8 0T3 L . 5.78 -21.65 -25.41
H9 0T3 L . 6.44 -22.95 -24.91
H10 0T3 L . 5.72 -24.07 -21.72
H11 0T3 L . 7.16 -25.06 -20.18
H12 0T3 L . 7.23 -21.59 -18.15
H13 0T3 L . 5.81 -20.65 -19.68
#